data_4D7Z
# 
_entry.id   4D7Z 
# 
_audit_conform.dict_name       mmcif_pdbx.dic 
_audit_conform.dict_version    5.398 
_audit_conform.dict_location   http://mmcif.pdb.org/dictionaries/ascii/mmcif_pdbx.dic 
# 
loop_
_database_2.database_id 
_database_2.database_code 
_database_2.pdbx_database_accession 
_database_2.pdbx_DOI 
PDB   4D7Z         pdb_00004d7z 10.2210/pdb4d7z/pdb 
PDBE  EBI-62385    ?            ?                   
WWPDB D_1290062385 ?            ?                   
# 
loop_
_pdbx_audit_revision_history.ordinal 
_pdbx_audit_revision_history.data_content_type 
_pdbx_audit_revision_history.major_revision 
_pdbx_audit_revision_history.minor_revision 
_pdbx_audit_revision_history.revision_date 
1 'Structure model' 1 0 2016-01-13 
2 'Structure model' 1 1 2019-05-08 
3 'Structure model' 2 0 2023-11-15 
4 'Structure model' 2 1 2023-12-20 
5 'Structure model' 2 2 2024-11-13 
# 
_pdbx_audit_revision_details.ordinal             1 
_pdbx_audit_revision_details.revision_ordinal    1 
_pdbx_audit_revision_details.data_content_type   'Structure model' 
_pdbx_audit_revision_details.provider            repository 
_pdbx_audit_revision_details.type                'Initial release' 
_pdbx_audit_revision_details.description         ? 
_pdbx_audit_revision_details.details             ? 
# 
loop_
_pdbx_audit_revision_group.ordinal 
_pdbx_audit_revision_group.revision_ordinal 
_pdbx_audit_revision_group.data_content_type 
_pdbx_audit_revision_group.group 
1  2 'Structure model' 'Data collection'          
2  2 'Structure model' 'Derived calculations'     
3  2 'Structure model' 'Experimental preparation' 
4  2 'Structure model' Other                      
5  3 'Structure model' 'Atomic model'             
6  3 'Structure model' 'Data collection'          
7  3 'Structure model' 'Database references'      
8  3 'Structure model' 'Derived calculations'     
9  3 'Structure model' Other                      
10 4 'Structure model' 'Refinement description'   
11 5 'Structure model' 'Structure summary'        
# 
loop_
_pdbx_audit_revision_category.ordinal 
_pdbx_audit_revision_category.revision_ordinal 
_pdbx_audit_revision_category.data_content_type 
_pdbx_audit_revision_category.category 
1  2 'Structure model' database_PDB_rev              
2  2 'Structure model' database_PDB_rev_record       
3  2 'Structure model' exptl_crystal_grow            
4  2 'Structure model' pdbx_database_proc            
5  2 'Structure model' pdbx_database_status          
6  2 'Structure model' struct_conn                   
7  3 'Structure model' atom_site                     
8  3 'Structure model' chem_comp_atom                
9  3 'Structure model' chem_comp_bond                
10 3 'Structure model' database_2                    
11 3 'Structure model' pdbx_database_status          
12 3 'Structure model' struct_conn                   
13 3 'Structure model' struct_site                   
14 4 'Structure model' pdbx_initial_refinement_model 
15 5 'Structure model' pdbx_entry_details            
16 5 'Structure model' pdbx_modification_feature     
# 
loop_
_pdbx_audit_revision_item.ordinal 
_pdbx_audit_revision_item.revision_ordinal 
_pdbx_audit_revision_item.data_content_type 
_pdbx_audit_revision_item.item 
1  2 'Structure model' '_exptl_crystal_grow.method'                   
2  2 'Structure model' '_pdbx_database_status.recvd_author_approval'  
3  2 'Structure model' '_struct_conn.pdbx_leaving_atom_flag'          
4  3 'Structure model' '_atom_site.auth_atom_id'                      
5  3 'Structure model' '_atom_site.label_atom_id'                     
6  3 'Structure model' '_database_2.pdbx_DOI'                         
7  3 'Structure model' '_database_2.pdbx_database_accession'          
8  3 'Structure model' '_pdbx_database_status.status_code_sf'         
9  3 'Structure model' '_struct_conn.ptnr1_label_atom_id'             
10 3 'Structure model' '_struct_site.pdbx_auth_asym_id'               
11 3 'Structure model' '_struct_site.pdbx_auth_comp_id'               
12 3 'Structure model' '_struct_site.pdbx_auth_seq_id'                
13 5 'Structure model' '_pdbx_entry_details.has_protein_modification' 
# 
_pdbx_database_status.status_code                     REL 
_pdbx_database_status.entry_id                        4D7Z 
_pdbx_database_status.deposit_site                    PDBE 
_pdbx_database_status.process_site                    PDBE 
_pdbx_database_status.SG_entry                        . 
_pdbx_database_status.recvd_initial_deposition_date   2014-12-02 
_pdbx_database_status.pdb_format_compatible           Y 
_pdbx_database_status.status_code_sf                  REL 
_pdbx_database_status.status_code_mr                  ? 
_pdbx_database_status.status_code_cs                  ? 
_pdbx_database_status.methods_development_category    ? 
_pdbx_database_status.status_code_nmr_data            ? 
# 
loop_
_audit_author.name 
_audit_author.pdbx_ordinal 
'Bravo, J.P.K.'    1 
'Monteiro, D.C.F.' 2 
'Webb, M.E.'       3 
'Pearson, A.R.'    4 
# 
_citation.id                        primary 
_citation.title                     
'The Structure of the E. Coli L-Aspartate-Alpha-Decarboxylase Mutant N72Q to a Resolution of 1.9 Angstroms' 
_citation.journal_abbrev            'To be Published' 
_citation.journal_volume            ? 
_citation.page_first                ? 
_citation.page_last                 ? 
_citation.year                      ? 
_citation.journal_id_ASTM           ? 
_citation.country                   ? 
_citation.journal_id_ISSN           ? 
_citation.journal_id_CSD            0353 
_citation.book_publisher            ? 
_citation.pdbx_database_id_PubMed   ? 
_citation.pdbx_database_id_DOI      ? 
# 
loop_
_citation_author.citation_id 
_citation_author.name 
_citation_author.ordinal 
_citation_author.identifier_ORCID 
primary 'Bravo, J.P.K.'    1 ? 
primary 'Monteiro, D.C.F.' 2 ? 
primary 'Webb, M.E.'       3 ? 
primary 'Pearson, A.R.'    4 ? 
# 
loop_
_entity.id 
_entity.type 
_entity.src_method 
_entity.pdbx_description 
_entity.formula_weight 
_entity.pdbx_number_of_molecules 
_entity.pdbx_ec 
_entity.pdbx_mutation 
_entity.pdbx_fragment 
_entity.details 
1 polymer     man 'ASPARTATE 1-DECARBOXYLASE BETA CHAIN'  4770.559  1   4.1.1.11 ?   ?                 ? 
2 polymer     man 'ASPARTATE 1-DECARBOXYLASE ALPHA CHAIN' 10345.524 1   4.1.1.11 YES 'RESIDUES 25-119' 
'RESIDUE 25 IS A COVALENTLY LINKED PYRUVOYL COFACTOR, DERIVED FROM POSTTRANSLATIONAL MODIFICATION OF THE ZYMOGEN.' 
3 non-polymer syn 'DI(HYDROXYETHYL)ETHER'                 106.120   1   ?        ?   ?                 ? 
4 non-polymer syn 'THIOCYANATE ION'                       58.082    2   ?        ?   ?                 ? 
5 water       nat water                                   18.015    122 ?        ?   ?                 ? 
# 
loop_
_entity_poly.entity_id 
_entity_poly.type 
_entity_poly.nstd_linkage 
_entity_poly.nstd_monomer 
_entity_poly.pdbx_seq_one_letter_code 
_entity_poly.pdbx_seq_one_letter_code_can 
_entity_poly.pdbx_strand_id 
_entity_poly.pdbx_target_identifier 
1 'polypeptide(L)' no no  MRGSHHHHHHGLVPRGSMIRTMLQGKLHRVKVTHADLHYEG                                                              
MRGSHHHHHHGLVPRGSMIRTMLQGKLHRVKVTHADLHYEG                                                          A ? 
2 'polypeptide(L)' no yes 
;(PYR)CAIDQDFLDAAGILENEAIDIWNVTNGKRFSTYAIAAERGSRIISVQGAAAHCASVGDIVIIASFVTMPDEEART
WRPNVAYFEGDNEMKRTAK
;
;XCAIDQDFLDAAGILENEAIDIWNVTNGKRFSTYAIAAERGSRIISVQGAAAHCASVGDIVIIASFVTMPDEEARTWRPN
VAYFEGDNEMKRTAK
;
B ? 
# 
loop_
_pdbx_entity_nonpoly.entity_id 
_pdbx_entity_nonpoly.name 
_pdbx_entity_nonpoly.comp_id 
3 'DI(HYDROXYETHYL)ETHER' PEG 
4 'THIOCYANATE ION'       SCN 
5 water                   HOH 
# 
loop_
_entity_poly_seq.entity_id 
_entity_poly_seq.num 
_entity_poly_seq.mon_id 
_entity_poly_seq.hetero 
1 1  MET n 
1 2  ARG n 
1 3  GLY n 
1 4  SER n 
1 5  HIS n 
1 6  HIS n 
1 7  HIS n 
1 8  HIS n 
1 9  HIS n 
1 10 HIS n 
1 11 GLY n 
1 12 LEU n 
1 13 VAL n 
1 14 PRO n 
1 15 ARG n 
1 16 GLY n 
1 17 SER n 
1 18 MET n 
1 19 ILE n 
1 20 ARG n 
1 21 THR n 
1 22 MET n 
1 23 LEU n 
1 24 GLN n 
1 25 GLY n 
1 26 LYS n 
1 27 LEU n 
1 28 HIS n 
1 29 ARG n 
1 30 VAL n 
1 31 LYS n 
1 32 VAL n 
1 33 THR n 
1 34 HIS n 
1 35 ALA n 
1 36 ASP n 
1 37 LEU n 
1 38 HIS n 
1 39 TYR n 
1 40 GLU n 
1 41 GLY n 
2 1  PYR n 
2 2  CYS n 
2 3  ALA n 
2 4  ILE n 
2 5  ASP n 
2 6  GLN n 
2 7  ASP n 
2 8  PHE n 
2 9  LEU n 
2 10 ASP n 
2 11 ALA n 
2 12 ALA n 
2 13 GLY n 
2 14 ILE n 
2 15 LEU n 
2 16 GLU n 
2 17 ASN n 
2 18 GLU n 
2 19 ALA n 
2 20 ILE n 
2 21 ASP n 
2 22 ILE n 
2 23 TRP n 
2 24 ASN n 
2 25 VAL n 
2 26 THR n 
2 27 ASN n 
2 28 GLY n 
2 29 LYS n 
2 30 ARG n 
2 31 PHE n 
2 32 SER n 
2 33 THR n 
2 34 TYR n 
2 35 ALA n 
2 36 ILE n 
2 37 ALA n 
2 38 ALA n 
2 39 GLU n 
2 40 ARG n 
2 41 GLY n 
2 42 SER n 
2 43 ARG n 
2 44 ILE n 
2 45 ILE n 
2 46 SER n 
2 47 VAL n 
2 48 GLN n 
2 49 GLY n 
2 50 ALA n 
2 51 ALA n 
2 52 ALA n 
2 53 HIS n 
2 54 CYS n 
2 55 ALA n 
2 56 SER n 
2 57 VAL n 
2 58 GLY n 
2 59 ASP n 
2 60 ILE n 
2 61 VAL n 
2 62 ILE n 
2 63 ILE n 
2 64 ALA n 
2 65 SER n 
2 66 PHE n 
2 67 VAL n 
2 68 THR n 
2 69 MET n 
2 70 PRO n 
2 71 ASP n 
2 72 GLU n 
2 73 GLU n 
2 74 ALA n 
2 75 ARG n 
2 76 THR n 
2 77 TRP n 
2 78 ARG n 
2 79 PRO n 
2 80 ASN n 
2 81 VAL n 
2 82 ALA n 
2 83 TYR n 
2 84 PHE n 
2 85 GLU n 
2 86 GLY n 
2 87 ASP n 
2 88 ASN n 
2 89 GLU n 
2 90 MET n 
2 91 LYS n 
2 92 ARG n 
2 93 THR n 
2 94 ALA n 
2 95 LYS n 
# 
loop_
_entity_src_gen.entity_id 
_entity_src_gen.pdbx_src_id 
_entity_src_gen.pdbx_alt_source_flag 
_entity_src_gen.pdbx_seq_type 
_entity_src_gen.pdbx_beg_seq_num 
_entity_src_gen.pdbx_end_seq_num 
_entity_src_gen.gene_src_common_name 
_entity_src_gen.gene_src_genus 
_entity_src_gen.pdbx_gene_src_gene 
_entity_src_gen.gene_src_species 
_entity_src_gen.gene_src_strain 
_entity_src_gen.gene_src_tissue 
_entity_src_gen.gene_src_tissue_fraction 
_entity_src_gen.gene_src_details 
_entity_src_gen.pdbx_gene_src_fragment 
_entity_src_gen.pdbx_gene_src_scientific_name 
_entity_src_gen.pdbx_gene_src_ncbi_taxonomy_id 
_entity_src_gen.pdbx_gene_src_variant 
_entity_src_gen.pdbx_gene_src_cell_line 
_entity_src_gen.pdbx_gene_src_atcc 
_entity_src_gen.pdbx_gene_src_organ 
_entity_src_gen.pdbx_gene_src_organelle 
_entity_src_gen.pdbx_gene_src_cell 
_entity_src_gen.pdbx_gene_src_cellular_location 
_entity_src_gen.host_org_common_name 
_entity_src_gen.pdbx_host_org_scientific_name 
_entity_src_gen.pdbx_host_org_ncbi_taxonomy_id 
_entity_src_gen.host_org_genus 
_entity_src_gen.pdbx_host_org_gene 
_entity_src_gen.pdbx_host_org_organ 
_entity_src_gen.host_org_species 
_entity_src_gen.pdbx_host_org_tissue 
_entity_src_gen.pdbx_host_org_tissue_fraction 
_entity_src_gen.pdbx_host_org_strain 
_entity_src_gen.pdbx_host_org_variant 
_entity_src_gen.pdbx_host_org_cell_line 
_entity_src_gen.pdbx_host_org_atcc 
_entity_src_gen.pdbx_host_org_culture_collection 
_entity_src_gen.pdbx_host_org_cell 
_entity_src_gen.pdbx_host_org_organelle 
_entity_src_gen.pdbx_host_org_cellular_location 
_entity_src_gen.pdbx_host_org_vector_type 
_entity_src_gen.pdbx_host_org_vector 
_entity_src_gen.host_org_details 
_entity_src_gen.expression_system_id 
_entity_src_gen.plasmid_name 
_entity_src_gen.plasmid_details 
_entity_src_gen.pdbx_description 
1 1 sample ? ? ? ? ? ? ? ? ? ? ? ? 'ESCHERICHIA COLI' 562 ? ? ? ? ? ? ? ? 'ESCHERICHIA COLI' 562 ? ? ? ? ? ? 
'DELTA PAND, DELTA PANZ, DE3' ? ? ? ? ? ? ? ? ? ? ? 'PRCETA-ADC(N72Q)' ? ? 
2 1 sample ? ? ? ? ? ? ? ? ? ? ? ? 'ESCHERICHIA COLI' 562 ? ? ? ? ? ? ? ? 'ESCHERICHIA COLI' 562 ? ? ? ? ? ? 
'DELTA PAND, DELTA PANZ, DE3' ? ? ? ? ? ? ? ? ? ? ? 'PRCETA-ADC(N72Q)' ? ? 
# 
loop_
_chem_comp.id 
_chem_comp.type 
_chem_comp.mon_nstd_flag 
_chem_comp.name 
_chem_comp.pdbx_synonyms 
_chem_comp.formula 
_chem_comp.formula_weight 
ALA 'L-peptide linking' y ALANINE                 ? 'C3 H7 N O2'     89.093  
ARG 'L-peptide linking' y ARGININE                ? 'C6 H15 N4 O2 1' 175.209 
ASN 'L-peptide linking' y ASPARAGINE              ? 'C4 H8 N2 O3'    132.118 
ASP 'L-peptide linking' y 'ASPARTIC ACID'         ? 'C4 H7 N O4'     133.103 
CYS 'L-peptide linking' y CYSTEINE                ? 'C3 H7 N O2 S'   121.158 
GLN 'L-peptide linking' y GLUTAMINE               ? 'C5 H10 N2 O3'   146.144 
GLU 'L-peptide linking' y 'GLUTAMIC ACID'         ? 'C5 H9 N O4'     147.129 
GLY 'peptide linking'   y GLYCINE                 ? 'C2 H5 N O2'     75.067  
HIS 'L-peptide linking' y HISTIDINE               ? 'C6 H10 N3 O2 1' 156.162 
HOH non-polymer         . WATER                   ? 'H2 O'           18.015  
ILE 'L-peptide linking' y ISOLEUCINE              ? 'C6 H13 N O2'    131.173 
LEU 'L-peptide linking' y LEUCINE                 ? 'C6 H13 N O2'    131.173 
LYS 'L-peptide linking' y LYSINE                  ? 'C6 H15 N2 O2 1' 147.195 
MET 'L-peptide linking' y METHIONINE              ? 'C5 H11 N O2 S'  149.211 
PEG non-polymer         . 'DI(HYDROXYETHYL)ETHER' ? 'C4 H10 O3'      106.120 
PHE 'L-peptide linking' y PHENYLALANINE           ? 'C9 H11 N O2'    165.189 
PRO 'L-peptide linking' y PROLINE                 ? 'C5 H9 N O2'     115.130 
PYR non-polymer         . 'PYRUVIC ACID'          ? 'C3 H4 O3'       88.062  
SCN non-polymer         . 'THIOCYANATE ION'       ? 'C N S -1'       58.082  
SER 'L-peptide linking' y SERINE                  ? 'C3 H7 N O3'     105.093 
THR 'L-peptide linking' y THREONINE               ? 'C4 H9 N O3'     119.119 
TRP 'L-peptide linking' y TRYPTOPHAN              ? 'C11 H12 N2 O2'  204.225 
TYR 'L-peptide linking' y TYROSINE                ? 'C9 H11 N O3'    181.189 
VAL 'L-peptide linking' y VALINE                  ? 'C5 H11 N O2'    117.146 
# 
loop_
_pdbx_poly_seq_scheme.asym_id 
_pdbx_poly_seq_scheme.entity_id 
_pdbx_poly_seq_scheme.seq_id 
_pdbx_poly_seq_scheme.mon_id 
_pdbx_poly_seq_scheme.ndb_seq_num 
_pdbx_poly_seq_scheme.pdb_seq_num 
_pdbx_poly_seq_scheme.auth_seq_num 
_pdbx_poly_seq_scheme.pdb_mon_id 
_pdbx_poly_seq_scheme.auth_mon_id 
_pdbx_poly_seq_scheme.pdb_strand_id 
_pdbx_poly_seq_scheme.pdb_ins_code 
_pdbx_poly_seq_scheme.hetero 
A 1 1  MET 1  -16 ?   ?   ?   A . n 
A 1 2  ARG 2  -15 ?   ?   ?   A . n 
A 1 3  GLY 3  -14 ?   ?   ?   A . n 
A 1 4  SER 4  -13 ?   ?   ?   A . n 
A 1 5  HIS 5  -12 ?   ?   ?   A . n 
A 1 6  HIS 6  -11 ?   ?   ?   A . n 
A 1 7  HIS 7  -10 ?   ?   ?   A . n 
A 1 8  HIS 8  -9  ?   ?   ?   A . n 
A 1 9  HIS 9  -8  ?   ?   ?   A . n 
A 1 10 HIS 10 -7  ?   ?   ?   A . n 
A 1 11 GLY 11 -6  ?   ?   ?   A . n 
A 1 12 LEU 12 -5  -5  LEU LEU A . n 
A 1 13 VAL 13 -4  -4  VAL VAL A . n 
A 1 14 PRO 14 -3  -3  PRO PRO A . n 
A 1 15 ARG 15 -2  -2  ARG ARG A . n 
A 1 16 GLY 16 -1  -1  GLY GLY A . n 
A 1 17 SER 17 0   0   SER SER A . n 
A 1 18 MET 18 1   1   MET MET A . n 
A 1 19 ILE 19 2   2   ILE ILE A . n 
A 1 20 ARG 20 3   3   ARG ARG A . n 
A 1 21 THR 21 4   4   THR THR A . n 
A 1 22 MET 22 5   5   MET MET A . n 
A 1 23 LEU 23 6   6   LEU LEU A . n 
A 1 24 GLN 24 7   7   GLN GLN A . n 
A 1 25 GLY 25 8   8   GLY GLY A . n 
A 1 26 LYS 26 9   9   LYS LYS A . n 
A 1 27 LEU 27 10  10  LEU LEU A . n 
A 1 28 HIS 28 11  11  HIS HIS A . n 
A 1 29 ARG 29 12  12  ARG ARG A . n 
A 1 30 VAL 30 13  13  VAL VAL A . n 
A 1 31 LYS 31 14  14  LYS LYS A . n 
A 1 32 VAL 32 15  15  VAL VAL A . n 
A 1 33 THR 33 16  16  THR THR A . n 
A 1 34 HIS 34 17  17  HIS HIS A . n 
A 1 35 ALA 35 18  18  ALA ALA A . n 
A 1 36 ASP 36 19  19  ASP ASP A . n 
A 1 37 LEU 37 20  20  LEU LEU A . n 
A 1 38 HIS 38 21  21  HIS HIS A . n 
A 1 39 TYR 39 22  22  TYR TYR A . n 
A 1 40 GLU 40 23  ?   ?   ?   A . n 
A 1 41 GLY 41 24  ?   ?   ?   A . n 
B 2 1  PYR 1  25  25  PYR PYR B . n 
B 2 2  CYS 2  26  26  CYS CYS B . n 
B 2 3  ALA 3  27  27  ALA ALA B . n 
B 2 4  ILE 4  28  28  ILE ILE B . n 
B 2 5  ASP 5  29  29  ASP ASP B . n 
B 2 6  GLN 6  30  30  GLN GLN B . n 
B 2 7  ASP 7  31  31  ASP ASP B . n 
B 2 8  PHE 8  32  32  PHE PHE B . n 
B 2 9  LEU 9  33  33  LEU LEU B . n 
B 2 10 ASP 10 34  34  ASP ASP B . n 
B 2 11 ALA 11 35  35  ALA ALA B . n 
B 2 12 ALA 12 36  36  ALA ALA B . n 
B 2 13 GLY 13 37  37  GLY GLY B . n 
B 2 14 ILE 14 38  38  ILE ILE B . n 
B 2 15 LEU 15 39  39  LEU LEU B . n 
B 2 16 GLU 16 40  40  GLU GLU B . n 
B 2 17 ASN 17 41  41  ASN ASN B . n 
B 2 18 GLU 18 42  42  GLU GLU B . n 
B 2 19 ALA 19 43  43  ALA ALA B . n 
B 2 20 ILE 20 44  44  ILE ILE B . n 
B 2 21 ASP 21 45  45  ASP ASP B . n 
B 2 22 ILE 22 46  46  ILE ILE B . n 
B 2 23 TRP 23 47  47  TRP TRP B . n 
B 2 24 ASN 24 48  48  ASN ASN B . n 
B 2 25 VAL 25 49  49  VAL VAL B . n 
B 2 26 THR 26 50  50  THR THR B . n 
B 2 27 ASN 27 51  51  ASN ASN B . n 
B 2 28 GLY 28 52  52  GLY GLY B . n 
B 2 29 LYS 29 53  53  LYS LYS B . n 
B 2 30 ARG 30 54  54  ARG ARG B . n 
B 2 31 PHE 31 55  55  PHE PHE B . n 
B 2 32 SER 32 56  56  SER SER B . n 
B 2 33 THR 33 57  57  THR THR B . n 
B 2 34 TYR 34 58  58  TYR TYR B . n 
B 2 35 ALA 35 59  59  ALA ALA B . n 
B 2 36 ILE 36 60  60  ILE ILE B . n 
B 2 37 ALA 37 61  61  ALA ALA B . n 
B 2 38 ALA 38 62  62  ALA ALA B . n 
B 2 39 GLU 39 63  63  GLU GLU B . n 
B 2 40 ARG 40 64  64  ARG ARG B . n 
B 2 41 GLY 41 65  65  GLY GLY B . n 
B 2 42 SER 42 66  66  SER SER B . n 
B 2 43 ARG 43 67  67  ARG ARG B . n 
B 2 44 ILE 44 68  68  ILE ILE B . n 
B 2 45 ILE 45 69  69  ILE ILE B . n 
B 2 46 SER 46 70  70  SER SER B . n 
B 2 47 VAL 47 71  71  VAL VAL B . n 
B 2 48 GLN 48 72  72  GLN GLN B . n 
B 2 49 GLY 49 73  73  GLY GLY B . n 
B 2 50 ALA 50 74  74  ALA ALA B . n 
B 2 51 ALA 51 75  75  ALA ALA B . n 
B 2 52 ALA 52 76  76  ALA ALA B . n 
B 2 53 HIS 53 77  77  HIS HIS B . n 
B 2 54 CYS 54 78  78  CYS CYS B . n 
B 2 55 ALA 55 79  79  ALA ALA B . n 
B 2 56 SER 56 80  80  SER SER B . n 
B 2 57 VAL 57 81  81  VAL VAL B . n 
B 2 58 GLY 58 82  82  GLY GLY B . n 
B 2 59 ASP 59 83  83  ASP ASP B . n 
B 2 60 ILE 60 84  84  ILE ILE B . n 
B 2 61 VAL 61 85  85  VAL VAL B . n 
B 2 62 ILE 62 86  86  ILE ILE B . n 
B 2 63 ILE 63 87  87  ILE ILE B . n 
B 2 64 ALA 64 88  88  ALA ALA B . n 
B 2 65 SER 65 89  89  SER SER B . n 
B 2 66 PHE 66 90  90  PHE PHE B . n 
B 2 67 VAL 67 91  91  VAL VAL B . n 
B 2 68 THR 68 92  92  THR THR B . n 
B 2 69 MET 69 93  93  MET MET B . n 
B 2 70 PRO 70 94  94  PRO PRO B . n 
B 2 71 ASP 71 95  95  ASP ASP B . n 
B 2 72 GLU 72 96  96  GLU GLU B . n 
B 2 73 GLU 73 97  97  GLU GLU B . n 
B 2 74 ALA 74 98  98  ALA ALA B . n 
B 2 75 ARG 75 99  99  ARG ARG B . n 
B 2 76 THR 76 100 100 THR THR B . n 
B 2 77 TRP 77 101 101 TRP TRP B . n 
B 2 78 ARG 78 102 102 ARG ARG B . n 
B 2 79 PRO 79 103 103 PRO PRO B . n 
B 2 80 ASN 80 104 104 ASN ASN B . n 
B 2 81 VAL 81 105 105 VAL VAL B . n 
B 2 82 ALA 82 106 106 ALA ALA B . n 
B 2 83 TYR 83 107 107 TYR TYR B . n 
B 2 84 PHE 84 108 108 PHE PHE B . n 
B 2 85 GLU 85 109 109 GLU GLU B . n 
B 2 86 GLY 86 110 110 GLY GLY B . n 
B 2 87 ASP 87 111 111 ASP ASP B . n 
B 2 88 ASN 88 112 112 ASN ASN B . n 
B 2 89 GLU 89 113 113 GLU GLU B . n 
B 2 90 MET 90 114 114 MET MET B . n 
B 2 91 LYS 91 115 115 LYS LYS B . n 
B 2 92 ARG 92 116 116 ARG ARG B . n 
B 2 93 THR 93 117 117 THR THR B . n 
B 2 94 ALA 94 118 118 ALA ALA B . n 
B 2 95 LYS 95 119 119 LYS LYS B . n 
# 
loop_
_pdbx_nonpoly_scheme.asym_id 
_pdbx_nonpoly_scheme.entity_id 
_pdbx_nonpoly_scheme.mon_id 
_pdbx_nonpoly_scheme.ndb_seq_num 
_pdbx_nonpoly_scheme.pdb_seq_num 
_pdbx_nonpoly_scheme.auth_seq_num 
_pdbx_nonpoly_scheme.pdb_mon_id 
_pdbx_nonpoly_scheme.auth_mon_id 
_pdbx_nonpoly_scheme.pdb_strand_id 
_pdbx_nonpoly_scheme.pdb_ins_code 
C 3 PEG 1  1121 1121 PEG PEG B . 
D 4 SCN 1  1122 1122 SCN SCN B . 
E 4 SCN 1  1123 1123 SCN SCN B . 
F 5 HOH 1  2001 2001 HOH HOH A . 
F 5 HOH 2  2002 2002 HOH HOH A . 
F 5 HOH 3  2003 2003 HOH HOH A . 
F 5 HOH 4  2004 2004 HOH HOH A . 
F 5 HOH 5  2005 2005 HOH HOH A . 
F 5 HOH 6  2006 2006 HOH HOH A . 
F 5 HOH 7  2007 2007 HOH HOH A . 
F 5 HOH 8  2008 2008 HOH HOH A . 
F 5 HOH 9  2009 2009 HOH HOH A . 
F 5 HOH 10 2010 2010 HOH HOH A . 
F 5 HOH 11 2011 2011 HOH HOH A . 
F 5 HOH 12 2012 2012 HOH HOH A . 
F 5 HOH 13 2013 2013 HOH HOH A . 
F 5 HOH 14 2014 2014 HOH HOH A . 
F 5 HOH 15 2015 2015 HOH HOH A . 
F 5 HOH 16 2016 2016 HOH HOH A . 
F 5 HOH 17 2017 2017 HOH HOH A . 
F 5 HOH 18 2018 2018 HOH HOH A . 
F 5 HOH 19 2019 2019 HOH HOH A . 
F 5 HOH 20 2020 2020 HOH HOH A . 
F 5 HOH 21 2021 2021 HOH HOH A . 
F 5 HOH 22 2022 2022 HOH HOH A . 
F 5 HOH 23 2023 2023 HOH HOH A . 
F 5 HOH 24 2024 2024 HOH HOH A . 
F 5 HOH 25 2025 2025 HOH HOH A . 
F 5 HOH 26 2026 2026 HOH HOH A . 
F 5 HOH 27 2027 2027 HOH HOH A . 
F 5 HOH 28 2028 2028 HOH HOH A . 
F 5 HOH 29 2029 2029 HOH HOH A . 
F 5 HOH 30 2030 2030 HOH HOH A . 
F 5 HOH 31 2031 2031 HOH HOH A . 
F 5 HOH 32 2032 2032 HOH HOH A . 
F 5 HOH 33 2033 2033 HOH HOH A . 
F 5 HOH 34 2034 2034 HOH HOH A . 
G 5 HOH 1  2001 2001 HOH HOH B . 
G 5 HOH 2  2002 2002 HOH HOH B . 
G 5 HOH 3  2003 2003 HOH HOH B . 
G 5 HOH 4  2004 2004 HOH HOH B . 
G 5 HOH 5  2005 2005 HOH HOH B . 
G 5 HOH 6  2006 2006 HOH HOH B . 
G 5 HOH 7  2007 2007 HOH HOH B . 
G 5 HOH 8  2008 2008 HOH HOH B . 
G 5 HOH 9  2009 2009 HOH HOH B . 
G 5 HOH 10 2010 2010 HOH HOH B . 
G 5 HOH 11 2011 2011 HOH HOH B . 
G 5 HOH 12 2012 2012 HOH HOH B . 
G 5 HOH 13 2013 2013 HOH HOH B . 
G 5 HOH 14 2014 2014 HOH HOH B . 
G 5 HOH 15 2015 2015 HOH HOH B . 
G 5 HOH 16 2016 2016 HOH HOH B . 
G 5 HOH 17 2017 2017 HOH HOH B . 
G 5 HOH 18 2018 2018 HOH HOH B . 
G 5 HOH 19 2019 2019 HOH HOH B . 
G 5 HOH 20 2020 2020 HOH HOH B . 
G 5 HOH 21 2021 2021 HOH HOH B . 
G 5 HOH 22 2022 2022 HOH HOH B . 
G 5 HOH 23 2023 2023 HOH HOH B . 
G 5 HOH 24 2024 2024 HOH HOH B . 
G 5 HOH 25 2025 2025 HOH HOH B . 
G 5 HOH 26 2026 2026 HOH HOH B . 
G 5 HOH 27 2027 2027 HOH HOH B . 
G 5 HOH 28 2028 2028 HOH HOH B . 
G 5 HOH 29 2029 2029 HOH HOH B . 
G 5 HOH 30 2030 2030 HOH HOH B . 
G 5 HOH 31 2031 2031 HOH HOH B . 
G 5 HOH 32 2032 2032 HOH HOH B . 
G 5 HOH 33 2033 2033 HOH HOH B . 
G 5 HOH 34 2034 2034 HOH HOH B . 
G 5 HOH 35 2035 2035 HOH HOH B . 
G 5 HOH 36 2036 2036 HOH HOH B . 
G 5 HOH 37 2037 2037 HOH HOH B . 
G 5 HOH 38 2038 2038 HOH HOH B . 
G 5 HOH 39 2039 2039 HOH HOH B . 
G 5 HOH 40 2040 2040 HOH HOH B . 
G 5 HOH 41 2041 2041 HOH HOH B . 
G 5 HOH 42 2042 2042 HOH HOH B . 
G 5 HOH 43 2043 2043 HOH HOH B . 
G 5 HOH 44 2044 2044 HOH HOH B . 
G 5 HOH 45 2045 2045 HOH HOH B . 
G 5 HOH 46 2046 2046 HOH HOH B . 
G 5 HOH 47 2047 2047 HOH HOH B . 
G 5 HOH 48 2048 2048 HOH HOH B . 
G 5 HOH 49 2049 2049 HOH HOH B . 
G 5 HOH 50 2050 2050 HOH HOH B . 
G 5 HOH 51 2051 2051 HOH HOH B . 
G 5 HOH 52 2052 2052 HOH HOH B . 
G 5 HOH 53 2053 2053 HOH HOH B . 
G 5 HOH 54 2054 2054 HOH HOH B . 
G 5 HOH 55 2055 2055 HOH HOH B . 
G 5 HOH 56 2056 2056 HOH HOH B . 
G 5 HOH 57 2057 2057 HOH HOH B . 
G 5 HOH 58 2058 2058 HOH HOH B . 
G 5 HOH 59 2059 2059 HOH HOH B . 
G 5 HOH 60 2060 2060 HOH HOH B . 
G 5 HOH 61 2061 2061 HOH HOH B . 
G 5 HOH 62 2062 2062 HOH HOH B . 
G 5 HOH 63 2063 2063 HOH HOH B . 
G 5 HOH 64 2064 2064 HOH HOH B . 
G 5 HOH 65 2065 2065 HOH HOH B . 
G 5 HOH 66 2066 2066 HOH HOH B . 
G 5 HOH 67 2067 2067 HOH HOH B . 
G 5 HOH 68 2068 2068 HOH HOH B . 
G 5 HOH 69 2069 2069 HOH HOH B . 
G 5 HOH 70 2070 2070 HOH HOH B . 
G 5 HOH 71 2071 2071 HOH HOH B . 
G 5 HOH 72 2072 2072 HOH HOH B . 
G 5 HOH 73 2073 2073 HOH HOH B . 
G 5 HOH 74 2074 2074 HOH HOH B . 
G 5 HOH 75 2075 2075 HOH HOH B . 
G 5 HOH 76 2076 2076 HOH HOH B . 
G 5 HOH 77 2077 2077 HOH HOH B . 
G 5 HOH 78 2078 2078 HOH HOH B . 
G 5 HOH 79 2079 2079 HOH HOH B . 
G 5 HOH 80 2080 2080 HOH HOH B . 
G 5 HOH 81 2081 2081 HOH HOH B . 
G 5 HOH 82 2082 2082 HOH HOH B . 
G 5 HOH 83 2083 2083 HOH HOH B . 
G 5 HOH 84 2084 2084 HOH HOH B . 
G 5 HOH 85 2085 2085 HOH HOH B . 
G 5 HOH 86 2086 2086 HOH HOH B . 
G 5 HOH 87 2087 2087 HOH HOH B . 
G 5 HOH 88 2088 2088 HOH HOH B . 
# 
loop_
_pdbx_unobs_or_zero_occ_atoms.id 
_pdbx_unobs_or_zero_occ_atoms.PDB_model_num 
_pdbx_unobs_or_zero_occ_atoms.polymer_flag 
_pdbx_unobs_or_zero_occ_atoms.occupancy_flag 
_pdbx_unobs_or_zero_occ_atoms.auth_asym_id 
_pdbx_unobs_or_zero_occ_atoms.auth_comp_id 
_pdbx_unobs_or_zero_occ_atoms.auth_seq_id 
_pdbx_unobs_or_zero_occ_atoms.PDB_ins_code 
_pdbx_unobs_or_zero_occ_atoms.auth_atom_id 
_pdbx_unobs_or_zero_occ_atoms.label_alt_id 
_pdbx_unobs_or_zero_occ_atoms.label_asym_id 
_pdbx_unobs_or_zero_occ_atoms.label_comp_id 
_pdbx_unobs_or_zero_occ_atoms.label_seq_id 
_pdbx_unobs_or_zero_occ_atoms.label_atom_id 
1  1 Y 1 A LEU -5 ? CG  ? A LEU 12 CG  
2  1 Y 1 A LEU -5 ? CD1 ? A LEU 12 CD1 
3  1 Y 1 A LEU -5 ? CD2 ? A LEU 12 CD2 
4  1 Y 1 A TYR 22 ? CG  ? A TYR 39 CG  
5  1 Y 1 A TYR 22 ? CD1 ? A TYR 39 CD1 
6  1 Y 1 A TYR 22 ? CD2 ? A TYR 39 CD2 
7  1 Y 1 A TYR 22 ? CE1 ? A TYR 39 CE1 
8  1 Y 1 A TYR 22 ? CE2 ? A TYR 39 CE2 
9  1 Y 1 A TYR 22 ? CZ  ? A TYR 39 CZ  
10 1 Y 1 A TYR 22 ? OH  ? A TYR 39 OH  
# 
loop_
_software.name 
_software.classification 
_software.version 
_software.citation_id 
_software.pdbx_ordinal 
REFMAC refinement       5.8.0049 ? 1 
XDS    'data reduction' .        ? 2 
XDS    'data scaling'   .        ? 3 
MOLREP phasing          .        ? 4 
# 
_cell.entry_id           4D7Z 
_cell.length_a           71.350 
_cell.length_b           71.350 
_cell.length_c           112.310 
_cell.angle_alpha        90.00 
_cell.angle_beta         90.00 
_cell.angle_gamma        90.00 
_cell.Z_PDB              16 
_cell.pdbx_unique_axis   ? 
# 
_symmetry.entry_id                         4D7Z 
_symmetry.space_group_name_H-M             'I 4 2 2' 
_symmetry.pdbx_full_space_group_name_H-M   ? 
_symmetry.cell_setting                     ? 
_symmetry.Int_Tables_number                97 
# 
_exptl.entry_id          4D7Z 
_exptl.method            'X-RAY DIFFRACTION' 
_exptl.crystals_number   1 
# 
_exptl_crystal.id                    1 
_exptl_crystal.density_meas          ? 
_exptl_crystal.density_Matthews      2.38 
_exptl_crystal.density_percent_sol   48.4 
_exptl_crystal.description           NONE 
# 
_exptl_crystal_grow.crystal_id      1 
_exptl_crystal_grow.method          'VAPOR DIFFUSION, HANGING DROP' 
_exptl_crystal_grow.temp            ? 
_exptl_crystal_grow.temp_details    ? 
_exptl_crystal_grow.pH              6.8 
_exptl_crystal_grow.pdbx_pH_range   ? 
_exptl_crystal_grow.pdbx_details    
;ADC.PANZ COMPLEX WAS PREPARED IN A 10: 11 RATIO AT A FINAL CONCENTRATION OF 5.7 MG/ML WITH A 2-FOLD MOLAR EXCESS (RELATIVE TO PANZ) OF ACETYLCOA IN 0.05 M TRIS-HCL PH 7.69, 0.1 M NACL, 0.1 MM DTT. THIS WAS MIXED IN A 1:1 RATIO WITH RESERVOIR SOLUTION (0.2 M POTASSIUM THIOCYANATE, 0.1 M BIS- TRIS PROPANE PH 6.8, 20 % W/V PEG 3350) AND CRYSTALLIZED BY HANGING DROP VAOUR DIFFUSION (4 UL DROPLET OVER A 1 ML RESERVOIR).
;
# 
_diffrn.id                     1 
_diffrn.ambient_temp           100 
_diffrn.ambient_temp_details   ? 
_diffrn.crystal_id             1 
# 
_diffrn_detector.diffrn_id              1 
_diffrn_detector.detector               'IMAGE PLATE' 
_diffrn_detector.type                   'RIGAKU IMAGE PLATE' 
_diffrn_detector.pdbx_collection_date   2014-09-02 
_diffrn_detector.details                VARIMAX 
# 
_diffrn_radiation.diffrn_id                        1 
_diffrn_radiation.wavelength_id                    1 
_diffrn_radiation.pdbx_monochromatic_or_laue_m_l   M 
_diffrn_radiation.monochromator                    ? 
_diffrn_radiation.pdbx_diffrn_protocol             'SINGLE WAVELENGTH' 
_diffrn_radiation.pdbx_scattering_type             x-ray 
# 
_diffrn_radiation_wavelength.id           1 
_diffrn_radiation_wavelength.wavelength   1.5418 
_diffrn_radiation_wavelength.wt           1.0 
# 
_diffrn_source.diffrn_id                   1 
_diffrn_source.source                      'ROTATING ANODE' 
_diffrn_source.type                        'RIGAKU MICROMAX-007 HF' 
_diffrn_source.pdbx_synchrotron_site       ? 
_diffrn_source.pdbx_synchrotron_beamline   ? 
_diffrn_source.pdbx_wavelength             1.5418 
_diffrn_source.pdbx_wavelength_list        ? 
# 
_reflns.pdbx_diffrn_id               1 
_reflns.pdbx_ordinal                 1 
_reflns.entry_id                     4D7Z 
_reflns.observed_criterion_sigma_I   0.0 
_reflns.observed_criterion_sigma_F   ? 
_reflns.d_resolution_low             23.26 
_reflns.d_resolution_high            1.90 
_reflns.number_obs                   11805 
_reflns.number_all                   ? 
_reflns.percent_possible_obs         99.9 
_reflns.pdbx_Rmerge_I_obs            0.14 
_reflns.pdbx_Rsym_value              ? 
_reflns.pdbx_netI_over_sigmaI        9.90 
_reflns.B_iso_Wilson_estimate        10.3 
_reflns.pdbx_redundancy              6.4 
# 
_reflns_shell.pdbx_diffrn_id         1 
_reflns_shell.pdbx_ordinal           1 
_reflns_shell.d_res_high             1.90 
_reflns_shell.d_res_low              1.94 
_reflns_shell.percent_possible_all   100.0 
_reflns_shell.Rmerge_I_obs           0.64 
_reflns_shell.pdbx_Rsym_value        ? 
_reflns_shell.meanI_over_sigI_obs    2.60 
_reflns_shell.pdbx_redundancy        5.8 
# 
_refine.pdbx_refine_id                           'X-RAY DIFFRACTION' 
_refine.entry_id                                 4D7Z 
_refine.pdbx_diffrn_id                           1 
_refine.pdbx_TLS_residual_ADP_flag               ? 
_refine.ls_number_reflns_obs                     11235 
_refine.ls_number_reflns_all                     ? 
_refine.pdbx_ls_sigma_I                          ? 
_refine.pdbx_ls_sigma_F                          ? 
_refine.pdbx_data_cutoff_high_absF               ? 
_refine.pdbx_data_cutoff_low_absF                ? 
_refine.pdbx_data_cutoff_high_rms_absF           ? 
_refine.ls_d_res_low                             60.22 
_refine.ls_d_res_high                            1.90 
_refine.ls_percent_reflns_obs                    99.75 
_refine.ls_R_factor_obs                          0.18894 
_refine.ls_R_factor_all                          ? 
_refine.ls_R_factor_R_work                       0.18622 
_refine.ls_R_factor_R_free                       0.24418 
_refine.ls_R_factor_R_free_error                 ? 
_refine.ls_R_factor_R_free_error_details         ? 
_refine.ls_percent_reflns_R_free                 4.7 
_refine.ls_number_reflns_R_free                  552 
_refine.ls_number_parameters                     ? 
_refine.ls_number_restraints                     ? 
_refine.occupancy_min                            ? 
_refine.occupancy_max                            ? 
_refine.correlation_coeff_Fo_to_Fc               0.953 
_refine.correlation_coeff_Fo_to_Fc_free          0.920 
_refine.B_iso_mean                               24.788 
_refine.aniso_B[1][1]                            0.60 
_refine.aniso_B[2][2]                            0.60 
_refine.aniso_B[3][3]                            -1.20 
_refine.aniso_B[1][2]                            0.00 
_refine.aniso_B[1][3]                            0.00 
_refine.aniso_B[2][3]                            0.00 
_refine.solvent_model_details                    MASK 
_refine.solvent_model_param_ksol                 ? 
_refine.solvent_model_param_bsol                 ? 
_refine.pdbx_solvent_vdw_probe_radii             1.20 
_refine.pdbx_solvent_ion_probe_radii             0.80 
_refine.pdbx_solvent_shrinkage_radii             0.80 
_refine.pdbx_ls_cross_valid_method               THROUGHOUT 
_refine.details                                  
;HYDROGENS HAVE BEEN ADDED IN THE RIDING POSITIONS. HYDROGENS HAVE BEEN ADDED IN THE RIDING POSITIONS U VALUES REFINED INDIVIDUALLY SIDE CHAIN OF RESIDUE Y22 IS NOT MODELLED BEYOND C-BETA DUE TO LACK OF CLEAR DENSITY.
;
_refine.pdbx_starting_model                      'PDB ENTRY 1AW8' 
_refine.pdbx_method_to_determine_struct          'MOLECULAR REPLACEMENT' 
_refine.pdbx_isotropic_thermal_model             ? 
_refine.pdbx_stereochemistry_target_values       'MAXIMUM LIKELIHOOD' 
_refine.pdbx_stereochem_target_val_spec_case     ? 
_refine.pdbx_R_Free_selection_details            RANDOM 
_refine.pdbx_overall_ESU_R                       0.143 
_refine.pdbx_overall_ESU_R_Free                  0.147 
_refine.overall_SU_ML                            0.116 
_refine.pdbx_overall_phase_error                 ? 
_refine.overall_SU_B                             4.122 
_refine.overall_SU_R_Cruickshank_DPI             ? 
_refine.pdbx_overall_SU_R_free_Cruickshank_DPI   ? 
_refine.pdbx_overall_SU_R_Blow_DPI               ? 
_refine.pdbx_overall_SU_R_free_Blow_DPI          ? 
# 
_refine_hist.pdbx_refine_id                   'X-RAY DIFFRACTION' 
_refine_hist.cycle_id                         LAST 
_refine_hist.pdbx_number_atoms_protein        942 
_refine_hist.pdbx_number_atoms_nucleic_acid   0 
_refine_hist.pdbx_number_atoms_ligand         13 
_refine_hist.number_atoms_solvent             122 
_refine_hist.number_atoms_total               1077 
_refine_hist.d_res_high                       1.90 
_refine_hist.d_res_low                        60.22 
# 
loop_
_refine_ls_restr.type 
_refine_ls_restr.dev_ideal 
_refine_ls_restr.dev_ideal_target 
_refine_ls_restr.weight 
_refine_ls_restr.number 
_refine_ls_restr.pdbx_refine_id 
_refine_ls_restr.pdbx_restraint_function 
r_bond_refined_d             0.016  0.019  ? 981  'X-RAY DIFFRACTION' ? 
r_bond_other_d               0.001  0.020  ? 960  'X-RAY DIFFRACTION' ? 
r_angle_refined_deg          1.737  1.935  ? 1319 'X-RAY DIFFRACTION' ? 
r_angle_other_deg            0.826  3.002  ? 2169 'X-RAY DIFFRACTION' ? 
r_dihedral_angle_1_deg       6.636  5.000  ? 124  'X-RAY DIFFRACTION' ? 
r_dihedral_angle_2_deg       29.232 23.333 ? 45   'X-RAY DIFFRACTION' ? 
r_dihedral_angle_3_deg       14.510 15.000 ? 163  'X-RAY DIFFRACTION' ? 
r_dihedral_angle_4_deg       10.197 15.000 ? 9    'X-RAY DIFFRACTION' ? 
r_chiral_restr               0.096  0.200  ? 148  'X-RAY DIFFRACTION' ? 
r_gen_planes_refined         0.008  0.020  ? 1113 'X-RAY DIFFRACTION' ? 
r_gen_planes_other           0.001  0.020  ? 228  'X-RAY DIFFRACTION' ? 
r_nbd_refined                ?      ?      ? ?    'X-RAY DIFFRACTION' ? 
r_nbd_other                  ?      ?      ? ?    'X-RAY DIFFRACTION' ? 
r_nbtor_refined              ?      ?      ? ?    'X-RAY DIFFRACTION' ? 
r_nbtor_other                ?      ?      ? ?    'X-RAY DIFFRACTION' ? 
r_xyhbond_nbd_refined        ?      ?      ? ?    'X-RAY DIFFRACTION' ? 
r_xyhbond_nbd_other          ?      ?      ? ?    'X-RAY DIFFRACTION' ? 
r_metal_ion_refined          ?      ?      ? ?    'X-RAY DIFFRACTION' ? 
r_metal_ion_other            ?      ?      ? ?    'X-RAY DIFFRACTION' ? 
r_symmetry_vdw_refined       ?      ?      ? ?    'X-RAY DIFFRACTION' ? 
r_symmetry_vdw_other         ?      ?      ? ?    'X-RAY DIFFRACTION' ? 
r_symmetry_hbond_refined     ?      ?      ? ?    'X-RAY DIFFRACTION' ? 
r_symmetry_hbond_other       ?      ?      ? ?    'X-RAY DIFFRACTION' ? 
r_symmetry_metal_ion_refined ?      ?      ? ?    'X-RAY DIFFRACTION' ? 
r_symmetry_metal_ion_other   ?      ?      ? ?    'X-RAY DIFFRACTION' ? 
r_mcbond_it                  2.039  2.194  ? 495  'X-RAY DIFFRACTION' ? 
r_mcbond_other               2.029  2.181  ? 492  'X-RAY DIFFRACTION' ? 
r_mcangle_it                 2.968  3.250  ? 615  'X-RAY DIFFRACTION' ? 
r_mcangle_other              ?      ?      ? ?    'X-RAY DIFFRACTION' ? 
r_scbond_it                  3.244  2.574  ? 486  'X-RAY DIFFRACTION' ? 
r_scbond_other               ?      ?      ? ?    'X-RAY DIFFRACTION' ? 
r_scangle_it                 ?      ?      ? ?    'X-RAY DIFFRACTION' ? 
r_scangle_other              ?      ?      ? ?    'X-RAY DIFFRACTION' ? 
r_long_range_B_refined       ?      ?      ? ?    'X-RAY DIFFRACTION' ? 
r_long_range_B_other         ?      ?      ? ?    'X-RAY DIFFRACTION' ? 
r_rigid_bond_restr           ?      ?      ? ?    'X-RAY DIFFRACTION' ? 
r_sphericity_free            ?      ?      ? ?    'X-RAY DIFFRACTION' ? 
r_sphericity_bonded          ?      ?      ? ?    'X-RAY DIFFRACTION' ? 
# 
_refine_ls_shell.pdbx_refine_id                   'X-RAY DIFFRACTION' 
_refine_ls_shell.pdbx_total_number_of_bins_used   20 
_refine_ls_shell.d_res_high                       1.900 
_refine_ls_shell.d_res_low                        1.949 
_refine_ls_shell.number_reflns_R_work             798 
_refine_ls_shell.R_factor_R_work                  0.285 
_refine_ls_shell.percent_reflns_obs               100.00 
_refine_ls_shell.R_factor_R_free                  0.324 
_refine_ls_shell.R_factor_R_free_error            ? 
_refine_ls_shell.percent_reflns_R_free            ? 
_refine_ls_shell.number_reflns_R_free             50 
_refine_ls_shell.number_reflns_all                ? 
_refine_ls_shell.R_factor_all                     ? 
# 
_struct.entry_id                  4D7Z 
_struct.title                     'E. coli L-aspartate-alpha-decarboxylase mutant N72Q to a resolution of 1.9 Angstroms' 
_struct.pdbx_model_details        ? 
_struct.pdbx_CASP_flag            ? 
_struct.pdbx_model_type_details   ? 
# 
_struct_keywords.entry_id        4D7Z 
_struct_keywords.pdbx_keywords   LYASE 
_struct_keywords.text            'LYASE, PROTEIN DERIVED COFACTOR, PANTOTHENATE SYNTHESIS, PYRUVOYL COFACTOR, BETA-ALANINE' 
# 
loop_
_struct_asym.id 
_struct_asym.pdbx_blank_PDB_chainid_flag 
_struct_asym.pdbx_modified 
_struct_asym.entity_id 
_struct_asym.details 
A N N 1 ? 
B N N 2 ? 
C N N 3 ? 
D N N 4 ? 
E N N 4 ? 
F N N 5 ? 
G N N 5 ? 
# 
loop_
_struct_ref.id 
_struct_ref.db_name 
_struct_ref.db_code 
_struct_ref.entity_id 
_struct_ref.pdbx_seq_one_letter_code 
_struct_ref.pdbx_align_begin 
_struct_ref.pdbx_db_accession 
_struct_ref.pdbx_db_isoform 
1 UNP PAND_ECOLI 1 ? ? P0A790 ? 
2 UNP PAND_ECOLI 2 ? ? P0A790 ? 
# 
loop_
_struct_ref_seq.align_id 
_struct_ref_seq.ref_id 
_struct_ref_seq.pdbx_PDB_id_code 
_struct_ref_seq.pdbx_strand_id 
_struct_ref_seq.seq_align_beg 
_struct_ref_seq.pdbx_seq_align_beg_ins_code 
_struct_ref_seq.seq_align_end 
_struct_ref_seq.pdbx_seq_align_end_ins_code 
_struct_ref_seq.pdbx_db_accession 
_struct_ref_seq.db_align_beg 
_struct_ref_seq.pdbx_db_align_beg_ins_code 
_struct_ref_seq.db_align_end 
_struct_ref_seq.pdbx_db_align_end_ins_code 
_struct_ref_seq.pdbx_auth_seq_align_beg 
_struct_ref_seq.pdbx_auth_seq_align_end 
1 1 4D7Z A 18 ? 41 ? P0A790 1  ? 24  ? 1  24  
2 2 4D7Z B 1  ? 95 ? P0A790 25 ? 119 ? 25 119 
# 
loop_
_struct_ref_seq_dif.align_id 
_struct_ref_seq_dif.pdbx_pdb_id_code 
_struct_ref_seq_dif.mon_id 
_struct_ref_seq_dif.pdbx_pdb_strand_id 
_struct_ref_seq_dif.seq_num 
_struct_ref_seq_dif.pdbx_pdb_ins_code 
_struct_ref_seq_dif.pdbx_seq_db_name 
_struct_ref_seq_dif.pdbx_seq_db_accession_code 
_struct_ref_seq_dif.db_mon_id 
_struct_ref_seq_dif.pdbx_seq_db_seq_num 
_struct_ref_seq_dif.details 
_struct_ref_seq_dif.pdbx_auth_seq_num 
_struct_ref_seq_dif.pdbx_ordinal 
1 4D7Z MET A 1  ? UNP P0A790 ?   ?  'expression tag'      -16 1  
1 4D7Z ARG A 2  ? UNP P0A790 ?   ?  'expression tag'      -15 2  
1 4D7Z GLY A 3  ? UNP P0A790 ?   ?  'expression tag'      -14 3  
1 4D7Z SER A 4  ? UNP P0A790 ?   ?  'expression tag'      -13 4  
1 4D7Z HIS A 5  ? UNP P0A790 ?   ?  'expression tag'      -12 5  
1 4D7Z HIS A 6  ? UNP P0A790 ?   ?  'expression tag'      -11 6  
1 4D7Z HIS A 7  ? UNP P0A790 ?   ?  'expression tag'      -10 7  
1 4D7Z HIS A 8  ? UNP P0A790 ?   ?  'expression tag'      -9  8  
1 4D7Z HIS A 9  ? UNP P0A790 ?   ?  'expression tag'      -8  9  
1 4D7Z HIS A 10 ? UNP P0A790 ?   ?  'expression tag'      -7  10 
1 4D7Z GLY A 11 ? UNP P0A790 ?   ?  'expression tag'      -6  11 
1 4D7Z LEU A 12 ? UNP P0A790 ?   ?  'expression tag'      -5  12 
1 4D7Z VAL A 13 ? UNP P0A790 ?   ?  'expression tag'      -4  13 
1 4D7Z PRO A 14 ? UNP P0A790 ?   ?  'expression tag'      -3  14 
1 4D7Z ARG A 15 ? UNP P0A790 ?   ?  'expression tag'      -2  15 
1 4D7Z GLY A 16 ? UNP P0A790 ?   ?  'expression tag'      -1  16 
1 4D7Z SER A 17 ? UNP P0A790 ?   ?  'expression tag'      0   17 
2 4D7Z GLN B 48 ? UNP P0A790 ASN 72 'engineered mutation' 72  18 
# 
_pdbx_struct_assembly.id                   1 
_pdbx_struct_assembly.details              author_and_software_defined_assembly 
_pdbx_struct_assembly.method_details       PISA 
_pdbx_struct_assembly.oligomeric_details   dimeric 
_pdbx_struct_assembly.oligomeric_count     2 
# 
loop_
_pdbx_struct_assembly_prop.biol_id 
_pdbx_struct_assembly_prop.type 
_pdbx_struct_assembly_prop.value 
_pdbx_struct_assembly_prop.details 
1 'ABSA (A^2)' 3970  ? 
1 MORE         -16.1 ? 
1 'SSA (A^2)'  7400  ? 
# 
_pdbx_struct_assembly_gen.assembly_id       1 
_pdbx_struct_assembly_gen.oper_expression   1 
_pdbx_struct_assembly_gen.asym_id_list      A,B,C,D,E,F,G 
# 
_pdbx_struct_oper_list.id                   1 
_pdbx_struct_oper_list.type                 'identity operation' 
_pdbx_struct_oper_list.name                 1_555 
_pdbx_struct_oper_list.symmetry_operation   x,y,z 
_pdbx_struct_oper_list.matrix[1][1]         1.0000000000 
_pdbx_struct_oper_list.matrix[1][2]         0.0000000000 
_pdbx_struct_oper_list.matrix[1][3]         0.0000000000 
_pdbx_struct_oper_list.vector[1]            0.0000000000 
_pdbx_struct_oper_list.matrix[2][1]         0.0000000000 
_pdbx_struct_oper_list.matrix[2][2]         1.0000000000 
_pdbx_struct_oper_list.matrix[2][3]         0.0000000000 
_pdbx_struct_oper_list.vector[2]            0.0000000000 
_pdbx_struct_oper_list.matrix[3][1]         0.0000000000 
_pdbx_struct_oper_list.matrix[3][2]         0.0000000000 
_pdbx_struct_oper_list.matrix[3][3]         1.0000000000 
_pdbx_struct_oper_list.vector[3]            0.0000000000 
# 
_struct_biol.id   1 
# 
loop_
_struct_conf.conf_type_id 
_struct_conf.id 
_struct_conf.pdbx_PDB_helix_id 
_struct_conf.beg_label_comp_id 
_struct_conf.beg_label_asym_id 
_struct_conf.beg_label_seq_id 
_struct_conf.pdbx_beg_PDB_ins_code 
_struct_conf.end_label_comp_id 
_struct_conf.end_label_asym_id 
_struct_conf.end_label_seq_id 
_struct_conf.pdbx_end_PDB_ins_code 
_struct_conf.beg_auth_comp_id 
_struct_conf.beg_auth_asym_id 
_struct_conf.beg_auth_seq_id 
_struct_conf.end_auth_comp_id 
_struct_conf.end_auth_asym_id 
_struct_conf.end_auth_seq_id 
_struct_conf.pdbx_PDB_helix_class 
_struct_conf.details 
_struct_conf.pdbx_PDB_helix_length 
HELX_P HELX_P1 1 GLN B 6  ? GLY B 13 ? GLN B 30 GLY B 37  1 ? 8 
HELX_P HELX_P2 2 ALA B 50 ? CYS B 54 ? ALA B 74 CYS B 78  5 ? 5 
HELX_P HELX_P3 3 ASP B 71 ? THR B 76 ? ASP B 95 THR B 100 1 ? 6 
# 
_struct_conf_type.id          HELX_P 
_struct_conf_type.criteria    ? 
_struct_conf_type.reference   ? 
# 
_struct_conn.id                            covale1 
_struct_conn.conn_type_id                  covale 
_struct_conn.pdbx_leaving_atom_flag        both 
_struct_conn.pdbx_PDB_id                   ? 
_struct_conn.ptnr1_label_asym_id           B 
_struct_conn.ptnr1_label_comp_id           PYR 
_struct_conn.ptnr1_label_seq_id            1 
_struct_conn.ptnr1_label_atom_id           C 
_struct_conn.pdbx_ptnr1_label_alt_id       ? 
_struct_conn.pdbx_ptnr1_PDB_ins_code       ? 
_struct_conn.pdbx_ptnr1_standard_comp_id   ? 
_struct_conn.ptnr1_symmetry                1_555 
_struct_conn.ptnr2_label_asym_id           B 
_struct_conn.ptnr2_label_comp_id           CYS 
_struct_conn.ptnr2_label_seq_id            2 
_struct_conn.ptnr2_label_atom_id           N 
_struct_conn.pdbx_ptnr2_label_alt_id       ? 
_struct_conn.pdbx_ptnr2_PDB_ins_code       ? 
_struct_conn.ptnr1_auth_asym_id            B 
_struct_conn.ptnr1_auth_comp_id            PYR 
_struct_conn.ptnr1_auth_seq_id             25 
_struct_conn.ptnr2_auth_asym_id            B 
_struct_conn.ptnr2_auth_comp_id            CYS 
_struct_conn.ptnr2_auth_seq_id             26 
_struct_conn.ptnr2_symmetry                1_555 
_struct_conn.pdbx_ptnr3_label_atom_id      ? 
_struct_conn.pdbx_ptnr3_label_seq_id       ? 
_struct_conn.pdbx_ptnr3_label_comp_id      ? 
_struct_conn.pdbx_ptnr3_label_asym_id      ? 
_struct_conn.pdbx_ptnr3_label_alt_id       ? 
_struct_conn.pdbx_ptnr3_PDB_ins_code       ? 
_struct_conn.details                       ? 
_struct_conn.pdbx_dist_value               1.298 
_struct_conn.pdbx_value_order              ? 
_struct_conn.pdbx_role                     ? 
# 
_struct_conn_type.id          covale 
_struct_conn_type.criteria    ? 
_struct_conn_type.reference   ? 
# 
_pdbx_modification_feature.ordinal                            1 
_pdbx_modification_feature.label_comp_id                      PYR 
_pdbx_modification_feature.label_asym_id                      B 
_pdbx_modification_feature.label_seq_id                       1 
_pdbx_modification_feature.label_alt_id                       ? 
_pdbx_modification_feature.modified_residue_label_comp_id     . 
_pdbx_modification_feature.modified_residue_label_asym_id     . 
_pdbx_modification_feature.modified_residue_label_seq_id      . 
_pdbx_modification_feature.modified_residue_label_alt_id      . 
_pdbx_modification_feature.auth_comp_id                       PYR 
_pdbx_modification_feature.auth_asym_id                       B 
_pdbx_modification_feature.auth_seq_id                        25 
_pdbx_modification_feature.PDB_ins_code                       ? 
_pdbx_modification_feature.symmetry                           1_555 
_pdbx_modification_feature.modified_residue_auth_comp_id      . 
_pdbx_modification_feature.modified_residue_auth_asym_id      . 
_pdbx_modification_feature.modified_residue_auth_seq_id       . 
_pdbx_modification_feature.modified_residue_PDB_ins_code      . 
_pdbx_modification_feature.modified_residue_symmetry          . 
_pdbx_modification_feature.comp_id_linking_atom               . 
_pdbx_modification_feature.modified_residue_id_linking_atom   . 
_pdbx_modification_feature.modified_residue_id                ? 
_pdbx_modification_feature.ref_pcm_id                         1 
_pdbx_modification_feature.ref_comp_id                        PYR 
_pdbx_modification_feature.type                               None 
_pdbx_modification_feature.category                           'Non-standard residue' 
# 
loop_
_struct_sheet.id 
_struct_sheet.type 
_struct_sheet.number_strands 
_struct_sheet.details 
BA ? 6 ? 
AA ? 4 ? 
# 
loop_
_struct_sheet_order.sheet_id 
_struct_sheet_order.range_id_1 
_struct_sheet_order.range_id_2 
_struct_sheet_order.offset 
_struct_sheet_order.sense 
BA 1 2 ? anti-parallel 
BA 2 3 ? anti-parallel 
BA 3 4 ? anti-parallel 
BA 4 5 ? parallel      
BA 5 6 ? anti-parallel 
AA 1 2 ? parallel      
AA 2 3 ? anti-parallel 
AA 3 4 ? parallel      
# 
loop_
_struct_sheet_range.sheet_id 
_struct_sheet_range.id 
_struct_sheet_range.beg_label_comp_id 
_struct_sheet_range.beg_label_asym_id 
_struct_sheet_range.beg_label_seq_id 
_struct_sheet_range.pdbx_beg_PDB_ins_code 
_struct_sheet_range.end_label_comp_id 
_struct_sheet_range.end_label_asym_id 
_struct_sheet_range.end_label_seq_id 
_struct_sheet_range.pdbx_end_PDB_ins_code 
_struct_sheet_range.beg_auth_comp_id 
_struct_sheet_range.beg_auth_asym_id 
_struct_sheet_range.beg_auth_seq_id 
_struct_sheet_range.end_auth_comp_id 
_struct_sheet_range.end_auth_asym_id 
_struct_sheet_range.end_auth_seq_id 
BA 1 ARG B 30 ? TYR B 34 ? ARG B 54  TYR B 58  
BA 2 ALA B 19 ? ASN B 24 ? ALA B 43  ASN B 48  
BA 3 ILE B 60 ? PRO B 70 ? ILE B 84  PRO B 94  
BA 4 ILE A 19 ? LYS A 31 ? ILE A 2   LYS A 14  
BA 5 ASN B 80 ? GLU B 85 ? ASN B 104 GLU B 109 
BA 6 GLU B 89 ? LYS B 91 ? GLU B 113 LYS B 115 
AA 1 HIS A 34 ? ASP A 36 ? HIS A 17  ASP A 19  
AA 2 ILE B 45 ? GLN B 48 ? ILE B 69  GLN B 72  
AA 3 ALA B 3  ? ASP B 5  ? ALA B 27  ASP B 29  
AA 4 ILE B 36 ? ALA B 38 ? ILE B 60  ALA B 62  
# 
loop_
_pdbx_struct_sheet_hbond.sheet_id 
_pdbx_struct_sheet_hbond.range_id_1 
_pdbx_struct_sheet_hbond.range_id_2 
_pdbx_struct_sheet_hbond.range_1_label_atom_id 
_pdbx_struct_sheet_hbond.range_1_label_comp_id 
_pdbx_struct_sheet_hbond.range_1_label_asym_id 
_pdbx_struct_sheet_hbond.range_1_label_seq_id 
_pdbx_struct_sheet_hbond.range_1_PDB_ins_code 
_pdbx_struct_sheet_hbond.range_1_auth_atom_id 
_pdbx_struct_sheet_hbond.range_1_auth_comp_id 
_pdbx_struct_sheet_hbond.range_1_auth_asym_id 
_pdbx_struct_sheet_hbond.range_1_auth_seq_id 
_pdbx_struct_sheet_hbond.range_2_label_atom_id 
_pdbx_struct_sheet_hbond.range_2_label_comp_id 
_pdbx_struct_sheet_hbond.range_2_label_asym_id 
_pdbx_struct_sheet_hbond.range_2_label_seq_id 
_pdbx_struct_sheet_hbond.range_2_PDB_ins_code 
_pdbx_struct_sheet_hbond.range_2_auth_atom_id 
_pdbx_struct_sheet_hbond.range_2_auth_comp_id 
_pdbx_struct_sheet_hbond.range_2_auth_asym_id 
_pdbx_struct_sheet_hbond.range_2_auth_seq_id 
BA 1 2 N THR B 33 ? N THR B 57  O ILE B 20 ? O ILE B 44  
BA 2 3 N TRP B 23 ? N TRP B 47  O ILE B 62 ? O ILE B 86  
BA 3 4 N MET B 69 ? N MET B 93  O ARG A 20 ? O ARG A 3   
BA 4 5 N LYS A 26 ? N LYS A 9   O ASN B 80 ? O ASN B 104 
BA 5 6 N GLU B 85 ? N GLU B 109 O GLU B 89 ? O GLU B 113 
AA 1 2 N ASP A 36 ? N ASP A 19  O VAL B 47 ? O VAL B 71  
AA 2 3 N SER B 46 ? N SER B 70  O ALA B 3  ? O ALA B 27  
AA 3 4 N ILE B 4  ? N ILE B 28  O ILE B 36 ? O ILE B 60  
# 
loop_
_struct_site.id 
_struct_site.pdbx_evidence_code 
_struct_site.pdbx_auth_asym_id 
_struct_site.pdbx_auth_comp_id 
_struct_site.pdbx_auth_seq_id 
_struct_site.pdbx_auth_ins_code 
_struct_site.pdbx_num_residues 
_struct_site.details 
AC1 Software B PEG 1121 ? 13 'BINDING SITE FOR RESIDUE PEG B 1121' 
AC2 Software B SCN 1122 ? 6  'BINDING SITE FOR RESIDUE SCN B 1122' 
AC3 Software B SCN 1123 ? 7  'BINDING SITE FOR RESIDUE SCN B 1123' 
# 
loop_
_struct_site_gen.id 
_struct_site_gen.site_id 
_struct_site_gen.pdbx_num_res 
_struct_site_gen.label_comp_id 
_struct_site_gen.label_asym_id 
_struct_site_gen.label_seq_id 
_struct_site_gen.pdbx_auth_ins_code 
_struct_site_gen.auth_comp_id 
_struct_site_gen.auth_asym_id 
_struct_site_gen.auth_seq_id 
_struct_site_gen.label_atom_id 
_struct_site_gen.label_alt_id 
_struct_site_gen.symmetry 
_struct_site_gen.details 
1  AC1 13 ALA A 35 ? ALA A 18   . ? 5_455 ? 
2  AC1 13 HOH F .  ? HOH A 2030 . ? 5_455 ? 
3  AC1 13 ALA B 52 ? ALA B 76   . ? 5_455 ? 
4  AC1 13 HIS B 53 ? HIS B 77   . ? 5_455 ? 
5  AC1 13 ALA B 55 ? ALA B 79   . ? 5_455 ? 
6  AC1 13 SER B 56 ? SER B 80   . ? 1_555 ? 
7  AC1 13 SER B 56 ? SER B 80   . ? 5_455 ? 
8  AC1 13 SCN E .  ? SCN B 1123 . ? 1_555 ? 
9  AC1 13 HOH G .  ? HOH B 2037 . ? 5_455 ? 
10 AC1 13 HOH G .  ? HOH B 2037 . ? 1_555 ? 
11 AC1 13 HOH G .  ? HOH B 2038 . ? 1_555 ? 
12 AC1 13 HOH G .  ? HOH B 2039 . ? 1_555 ? 
13 AC1 13 HOH G .  ? HOH B 2060 . ? 1_555 ? 
14 AC2 6  PYR B 1  ? PYR B 25   . ? 4_545 ? 
15 AC2 6  TRP B 23 ? TRP B 47   . ? 1_555 ? 
16 AC2 6  ARG B 30 ? ARG B 54   . ? 1_555 ? 
17 AC2 6  ALA B 50 ? ALA B 74   . ? 4_545 ? 
18 AC2 6  ALA B 51 ? ALA B 75   . ? 4_545 ? 
19 AC2 6  ILE B 62 ? ILE B 86   . ? 1_555 ? 
20 AC3 7  LEU A 37 ? LEU A 20   . ? 5_455 ? 
21 AC3 7  HIS B 53 ? HIS B 77   . ? 5_455 ? 
22 AC3 7  ASP B 59 ? ASP B 83   . ? 1_555 ? 
23 AC3 7  PEG C .  ? PEG B 1121 . ? 1_555 ? 
24 AC3 7  HOH G .  ? HOH B 2038 . ? 1_555 ? 
25 AC3 7  HOH G .  ? HOH B 2039 . ? 1_555 ? 
26 AC3 7  HOH G .  ? HOH B 2061 . ? 1_555 ? 
# 
_pdbx_entry_details.entry_id                   4D7Z 
_pdbx_entry_details.compound_details           ? 
_pdbx_entry_details.source_details             ? 
_pdbx_entry_details.nonpolymer_details         ? 
_pdbx_entry_details.sequence_details           
;CHAIN A CORRESPONDS TO RESIDUES 1-24 OF THE PAND (ZYMOGEN)
SEQUENCE. FORMED AFTER BACKBONE CLEAVAGE AS PART OF ENZYME
MATURATION. THIS SEQUENCE INCLUDES THE N-TERMINAL
PURIFICATION TAG (17 RESIDUES)
CHAIN B CORRESPONDS TO RESIDUES 25-119 OF THE PAND (
ZYMOGEN) SEQUENCE. FORMED AFTER BACKBONE CLEAVAGE AS PART
OF ENZYME MATURATION. RESIDUE 25 IS A POSTTRANSLATIONALLY
FORMED PYRUVOYL COFACTOR. ALSO CONTAINS MUTATION N72Q.
;
_pdbx_entry_details.has_ligand_of_interest     ? 
_pdbx_entry_details.has_protein_modification   Y 
# 
_pdbx_validate_close_contact.id               1 
_pdbx_validate_close_contact.PDB_model_num    1 
_pdbx_validate_close_contact.auth_atom_id_1   O 
_pdbx_validate_close_contact.auth_asym_id_1   A 
_pdbx_validate_close_contact.auth_comp_id_1   SER 
_pdbx_validate_close_contact.auth_seq_id_1    0 
_pdbx_validate_close_contact.PDB_ins_code_1   ? 
_pdbx_validate_close_contact.label_alt_id_1   A 
_pdbx_validate_close_contact.auth_atom_id_2   O 
_pdbx_validate_close_contact.auth_asym_id_2   A 
_pdbx_validate_close_contact.auth_comp_id_2   HOH 
_pdbx_validate_close_contact.auth_seq_id_2    2008 
_pdbx_validate_close_contact.PDB_ins_code_2   ? 
_pdbx_validate_close_contact.label_alt_id_2   ? 
_pdbx_validate_close_contact.dist             2.16 
# 
loop_
_pdbx_validate_torsion.id 
_pdbx_validate_torsion.PDB_model_num 
_pdbx_validate_torsion.auth_comp_id 
_pdbx_validate_torsion.auth_asym_id 
_pdbx_validate_torsion.auth_seq_id 
_pdbx_validate_torsion.PDB_ins_code 
_pdbx_validate_torsion.label_alt_id 
_pdbx_validate_torsion.phi 
_pdbx_validate_torsion.psi 
1 1 ASP B 29 ? ? -35.86  121.84  
2 1 THR B 57 ? ? -148.14 -154.57 
# 
loop_
_pdbx_struct_special_symmetry.id 
_pdbx_struct_special_symmetry.PDB_model_num 
_pdbx_struct_special_symmetry.auth_asym_id 
_pdbx_struct_special_symmetry.auth_comp_id 
_pdbx_struct_special_symmetry.auth_seq_id 
_pdbx_struct_special_symmetry.PDB_ins_code 
_pdbx_struct_special_symmetry.label_asym_id 
_pdbx_struct_special_symmetry.label_comp_id 
_pdbx_struct_special_symmetry.label_seq_id 
1 1 B HOH 2008 ? G HOH . 
2 1 B HOH 2010 ? G HOH . 
3 1 B HOH 2052 ? G HOH . 
# 
_pdbx_distant_solvent_atoms.id                                1 
_pdbx_distant_solvent_atoms.PDB_model_num                     1 
_pdbx_distant_solvent_atoms.auth_atom_id                      O 
_pdbx_distant_solvent_atoms.label_alt_id                      ? 
_pdbx_distant_solvent_atoms.auth_asym_id                      B 
_pdbx_distant_solvent_atoms.auth_comp_id                      HOH 
_pdbx_distant_solvent_atoms.auth_seq_id                       2008 
_pdbx_distant_solvent_atoms.PDB_ins_code                      ? 
_pdbx_distant_solvent_atoms.neighbor_macromolecule_distance   6.03 
_pdbx_distant_solvent_atoms.neighbor_ligand_distance          . 
# 
loop_
_pdbx_unobs_or_zero_occ_residues.id 
_pdbx_unobs_or_zero_occ_residues.PDB_model_num 
_pdbx_unobs_or_zero_occ_residues.polymer_flag 
_pdbx_unobs_or_zero_occ_residues.occupancy_flag 
_pdbx_unobs_or_zero_occ_residues.auth_asym_id 
_pdbx_unobs_or_zero_occ_residues.auth_comp_id 
_pdbx_unobs_or_zero_occ_residues.auth_seq_id 
_pdbx_unobs_or_zero_occ_residues.PDB_ins_code 
_pdbx_unobs_or_zero_occ_residues.label_asym_id 
_pdbx_unobs_or_zero_occ_residues.label_comp_id 
_pdbx_unobs_or_zero_occ_residues.label_seq_id 
1  1 Y 1 A MET -16 ? A MET 1  
2  1 Y 1 A ARG -15 ? A ARG 2  
3  1 Y 1 A GLY -14 ? A GLY 3  
4  1 Y 1 A SER -13 ? A SER 4  
5  1 Y 1 A HIS -12 ? A HIS 5  
6  1 Y 1 A HIS -11 ? A HIS 6  
7  1 Y 1 A HIS -10 ? A HIS 7  
8  1 Y 1 A HIS -9  ? A HIS 8  
9  1 Y 1 A HIS -8  ? A HIS 9  
10 1 Y 1 A HIS -7  ? A HIS 10 
11 1 Y 1 A GLY -6  ? A GLY 11 
12 1 Y 1 A GLU 23  ? A GLU 40 
13 1 Y 1 A GLY 24  ? A GLY 41 
# 
loop_
_chem_comp_atom.comp_id 
_chem_comp_atom.atom_id 
_chem_comp_atom.type_symbol 
_chem_comp_atom.pdbx_aromatic_flag 
_chem_comp_atom.pdbx_stereo_config 
_chem_comp_atom.pdbx_ordinal 
ALA N    N N N 1   
ALA CA   C N S 2   
ALA C    C N N 3   
ALA O    O N N 4   
ALA CB   C N N 5   
ALA OXT  O N N 6   
ALA H    H N N 7   
ALA H2   H N N 8   
ALA HA   H N N 9   
ALA HB1  H N N 10  
ALA HB2  H N N 11  
ALA HB3  H N N 12  
ALA HXT  H N N 13  
ARG N    N N N 14  
ARG CA   C N S 15  
ARG C    C N N 16  
ARG O    O N N 17  
ARG CB   C N N 18  
ARG CG   C N N 19  
ARG CD   C N N 20  
ARG NE   N N N 21  
ARG CZ   C N N 22  
ARG NH1  N N N 23  
ARG NH2  N N N 24  
ARG OXT  O N N 25  
ARG H    H N N 26  
ARG H2   H N N 27  
ARG HA   H N N 28  
ARG HB2  H N N 29  
ARG HB3  H N N 30  
ARG HG2  H N N 31  
ARG HG3  H N N 32  
ARG HD2  H N N 33  
ARG HD3  H N N 34  
ARG HE   H N N 35  
ARG HH11 H N N 36  
ARG HH12 H N N 37  
ARG HH21 H N N 38  
ARG HH22 H N N 39  
ARG HXT  H N N 40  
ASN N    N N N 41  
ASN CA   C N S 42  
ASN C    C N N 43  
ASN O    O N N 44  
ASN CB   C N N 45  
ASN CG   C N N 46  
ASN OD1  O N N 47  
ASN ND2  N N N 48  
ASN OXT  O N N 49  
ASN H    H N N 50  
ASN H2   H N N 51  
ASN HA   H N N 52  
ASN HB2  H N N 53  
ASN HB3  H N N 54  
ASN HD21 H N N 55  
ASN HD22 H N N 56  
ASN HXT  H N N 57  
ASP N    N N N 58  
ASP CA   C N S 59  
ASP C    C N N 60  
ASP O    O N N 61  
ASP CB   C N N 62  
ASP CG   C N N 63  
ASP OD1  O N N 64  
ASP OD2  O N N 65  
ASP OXT  O N N 66  
ASP H    H N N 67  
ASP H2   H N N 68  
ASP HA   H N N 69  
ASP HB2  H N N 70  
ASP HB3  H N N 71  
ASP HD2  H N N 72  
ASP HXT  H N N 73  
CYS N    N N N 74  
CYS CA   C N R 75  
CYS C    C N N 76  
CYS O    O N N 77  
CYS CB   C N N 78  
CYS SG   S N N 79  
CYS OXT  O N N 80  
CYS H    H N N 81  
CYS H2   H N N 82  
CYS HA   H N N 83  
CYS HB2  H N N 84  
CYS HB3  H N N 85  
CYS HG   H N N 86  
CYS HXT  H N N 87  
GLN N    N N N 88  
GLN CA   C N S 89  
GLN C    C N N 90  
GLN O    O N N 91  
GLN CB   C N N 92  
GLN CG   C N N 93  
GLN CD   C N N 94  
GLN OE1  O N N 95  
GLN NE2  N N N 96  
GLN OXT  O N N 97  
GLN H    H N N 98  
GLN H2   H N N 99  
GLN HA   H N N 100 
GLN HB2  H N N 101 
GLN HB3  H N N 102 
GLN HG2  H N N 103 
GLN HG3  H N N 104 
GLN HE21 H N N 105 
GLN HE22 H N N 106 
GLN HXT  H N N 107 
GLU N    N N N 108 
GLU CA   C N S 109 
GLU C    C N N 110 
GLU O    O N N 111 
GLU CB   C N N 112 
GLU CG   C N N 113 
GLU CD   C N N 114 
GLU OE1  O N N 115 
GLU OE2  O N N 116 
GLU OXT  O N N 117 
GLU H    H N N 118 
GLU H2   H N N 119 
GLU HA   H N N 120 
GLU HB2  H N N 121 
GLU HB3  H N N 122 
GLU HG2  H N N 123 
GLU HG3  H N N 124 
GLU HE2  H N N 125 
GLU HXT  H N N 126 
GLY N    N N N 127 
GLY CA   C N N 128 
GLY C    C N N 129 
GLY O    O N N 130 
GLY OXT  O N N 131 
GLY H    H N N 132 
GLY H2   H N N 133 
GLY HA2  H N N 134 
GLY HA3  H N N 135 
GLY HXT  H N N 136 
HIS N    N N N 137 
HIS CA   C N S 138 
HIS C    C N N 139 
HIS O    O N N 140 
HIS CB   C N N 141 
HIS CG   C Y N 142 
HIS ND1  N Y N 143 
HIS CD2  C Y N 144 
HIS CE1  C Y N 145 
HIS NE2  N Y N 146 
HIS OXT  O N N 147 
HIS H    H N N 148 
HIS H2   H N N 149 
HIS HA   H N N 150 
HIS HB2  H N N 151 
HIS HB3  H N N 152 
HIS HD1  H N N 153 
HIS HD2  H N N 154 
HIS HE1  H N N 155 
HIS HE2  H N N 156 
HIS HXT  H N N 157 
HOH O    O N N 158 
HOH H1   H N N 159 
HOH H2   H N N 160 
ILE N    N N N 161 
ILE CA   C N S 162 
ILE C    C N N 163 
ILE O    O N N 164 
ILE CB   C N S 165 
ILE CG1  C N N 166 
ILE CG2  C N N 167 
ILE CD1  C N N 168 
ILE OXT  O N N 169 
ILE H    H N N 170 
ILE H2   H N N 171 
ILE HA   H N N 172 
ILE HB   H N N 173 
ILE HG12 H N N 174 
ILE HG13 H N N 175 
ILE HG21 H N N 176 
ILE HG22 H N N 177 
ILE HG23 H N N 178 
ILE HD11 H N N 179 
ILE HD12 H N N 180 
ILE HD13 H N N 181 
ILE HXT  H N N 182 
LEU N    N N N 183 
LEU CA   C N S 184 
LEU C    C N N 185 
LEU O    O N N 186 
LEU CB   C N N 187 
LEU CG   C N N 188 
LEU CD1  C N N 189 
LEU CD2  C N N 190 
LEU OXT  O N N 191 
LEU H    H N N 192 
LEU H2   H N N 193 
LEU HA   H N N 194 
LEU HB2  H N N 195 
LEU HB3  H N N 196 
LEU HG   H N N 197 
LEU HD11 H N N 198 
LEU HD12 H N N 199 
LEU HD13 H N N 200 
LEU HD21 H N N 201 
LEU HD22 H N N 202 
LEU HD23 H N N 203 
LEU HXT  H N N 204 
LYS N    N N N 205 
LYS CA   C N S 206 
LYS C    C N N 207 
LYS O    O N N 208 
LYS CB   C N N 209 
LYS CG   C N N 210 
LYS CD   C N N 211 
LYS CE   C N N 212 
LYS NZ   N N N 213 
LYS OXT  O N N 214 
LYS H    H N N 215 
LYS H2   H N N 216 
LYS HA   H N N 217 
LYS HB2  H N N 218 
LYS HB3  H N N 219 
LYS HG2  H N N 220 
LYS HG3  H N N 221 
LYS HD2  H N N 222 
LYS HD3  H N N 223 
LYS HE2  H N N 224 
LYS HE3  H N N 225 
LYS HZ1  H N N 226 
LYS HZ2  H N N 227 
LYS HZ3  H N N 228 
LYS HXT  H N N 229 
MET N    N N N 230 
MET CA   C N S 231 
MET C    C N N 232 
MET O    O N N 233 
MET CB   C N N 234 
MET CG   C N N 235 
MET SD   S N N 236 
MET CE   C N N 237 
MET OXT  O N N 238 
MET H    H N N 239 
MET H2   H N N 240 
MET HA   H N N 241 
MET HB2  H N N 242 
MET HB3  H N N 243 
MET HG2  H N N 244 
MET HG3  H N N 245 
MET HE1  H N N 246 
MET HE2  H N N 247 
MET HE3  H N N 248 
MET HXT  H N N 249 
PEG C1   C N N 250 
PEG O1   O N N 251 
PEG C2   C N N 252 
PEG O2   O N N 253 
PEG C3   C N N 254 
PEG C4   C N N 255 
PEG O4   O N N 256 
PEG H11  H N N 257 
PEG H12  H N N 258 
PEG HO1  H N N 259 
PEG H21  H N N 260 
PEG H22  H N N 261 
PEG H31  H N N 262 
PEG H32  H N N 263 
PEG H41  H N N 264 
PEG H42  H N N 265 
PEG HO4  H N N 266 
PHE N    N N N 267 
PHE CA   C N S 268 
PHE C    C N N 269 
PHE O    O N N 270 
PHE CB   C N N 271 
PHE CG   C Y N 272 
PHE CD1  C Y N 273 
PHE CD2  C Y N 274 
PHE CE1  C Y N 275 
PHE CE2  C Y N 276 
PHE CZ   C Y N 277 
PHE OXT  O N N 278 
PHE H    H N N 279 
PHE H2   H N N 280 
PHE HA   H N N 281 
PHE HB2  H N N 282 
PHE HB3  H N N 283 
PHE HD1  H N N 284 
PHE HD2  H N N 285 
PHE HE1  H N N 286 
PHE HE2  H N N 287 
PHE HZ   H N N 288 
PHE HXT  H N N 289 
PRO N    N N N 290 
PRO CA   C N S 291 
PRO C    C N N 292 
PRO O    O N N 293 
PRO CB   C N N 294 
PRO CG   C N N 295 
PRO CD   C N N 296 
PRO OXT  O N N 297 
PRO H    H N N 298 
PRO HA   H N N 299 
PRO HB2  H N N 300 
PRO HB3  H N N 301 
PRO HG2  H N N 302 
PRO HG3  H N N 303 
PRO HD2  H N N 304 
PRO HD3  H N N 305 
PRO HXT  H N N 306 
PYR C    C N N 307 
PYR O    O N N 308 
PYR OXT  O N N 309 
PYR CA   C N N 310 
PYR O3   O N N 311 
PYR CB   C N N 312 
PYR HXT  H N N 313 
PYR HB1  H N N 314 
PYR HB2  H N N 315 
PYR HB3  H N N 316 
SCN S    S N N 317 
SCN C    C N N 318 
SCN N    N N N 319 
SER N    N N N 320 
SER CA   C N S 321 
SER C    C N N 322 
SER O    O N N 323 
SER CB   C N N 324 
SER OG   O N N 325 
SER OXT  O N N 326 
SER H    H N N 327 
SER H2   H N N 328 
SER HA   H N N 329 
SER HB2  H N N 330 
SER HB3  H N N 331 
SER HG   H N N 332 
SER HXT  H N N 333 
THR N    N N N 334 
THR CA   C N S 335 
THR C    C N N 336 
THR O    O N N 337 
THR CB   C N R 338 
THR OG1  O N N 339 
THR CG2  C N N 340 
THR OXT  O N N 341 
THR H    H N N 342 
THR H2   H N N 343 
THR HA   H N N 344 
THR HB   H N N 345 
THR HG1  H N N 346 
THR HG21 H N N 347 
THR HG22 H N N 348 
THR HG23 H N N 349 
THR HXT  H N N 350 
TRP N    N N N 351 
TRP CA   C N S 352 
TRP C    C N N 353 
TRP O    O N N 354 
TRP CB   C N N 355 
TRP CG   C Y N 356 
TRP CD1  C Y N 357 
TRP CD2  C Y N 358 
TRP NE1  N Y N 359 
TRP CE2  C Y N 360 
TRP CE3  C Y N 361 
TRP CZ2  C Y N 362 
TRP CZ3  C Y N 363 
TRP CH2  C Y N 364 
TRP OXT  O N N 365 
TRP H    H N N 366 
TRP H2   H N N 367 
TRP HA   H N N 368 
TRP HB2  H N N 369 
TRP HB3  H N N 370 
TRP HD1  H N N 371 
TRP HE1  H N N 372 
TRP HE3  H N N 373 
TRP HZ2  H N N 374 
TRP HZ3  H N N 375 
TRP HH2  H N N 376 
TRP HXT  H N N 377 
TYR N    N N N 378 
TYR CA   C N S 379 
TYR C    C N N 380 
TYR O    O N N 381 
TYR CB   C N N 382 
TYR CG   C Y N 383 
TYR CD1  C Y N 384 
TYR CD2  C Y N 385 
TYR CE1  C Y N 386 
TYR CE2  C Y N 387 
TYR CZ   C Y N 388 
TYR OH   O N N 389 
TYR OXT  O N N 390 
TYR H    H N N 391 
TYR H2   H N N 392 
TYR HA   H N N 393 
TYR HB2  H N N 394 
TYR HB3  H N N 395 
TYR HD1  H N N 396 
TYR HD2  H N N 397 
TYR HE1  H N N 398 
TYR HE2  H N N 399 
TYR HH   H N N 400 
TYR HXT  H N N 401 
VAL N    N N N 402 
VAL CA   C N S 403 
VAL C    C N N 404 
VAL O    O N N 405 
VAL CB   C N N 406 
VAL CG1  C N N 407 
VAL CG2  C N N 408 
VAL OXT  O N N 409 
VAL H    H N N 410 
VAL H2   H N N 411 
VAL HA   H N N 412 
VAL HB   H N N 413 
VAL HG11 H N N 414 
VAL HG12 H N N 415 
VAL HG13 H N N 416 
VAL HG21 H N N 417 
VAL HG22 H N N 418 
VAL HG23 H N N 419 
VAL HXT  H N N 420 
# 
loop_
_chem_comp_bond.comp_id 
_chem_comp_bond.atom_id_1 
_chem_comp_bond.atom_id_2 
_chem_comp_bond.value_order 
_chem_comp_bond.pdbx_aromatic_flag 
_chem_comp_bond.pdbx_stereo_config 
_chem_comp_bond.pdbx_ordinal 
ALA N   CA   sing N N 1   
ALA N   H    sing N N 2   
ALA N   H2   sing N N 3   
ALA CA  C    sing N N 4   
ALA CA  CB   sing N N 5   
ALA CA  HA   sing N N 6   
ALA C   O    doub N N 7   
ALA C   OXT  sing N N 8   
ALA CB  HB1  sing N N 9   
ALA CB  HB2  sing N N 10  
ALA CB  HB3  sing N N 11  
ALA OXT HXT  sing N N 12  
ARG N   CA   sing N N 13  
ARG N   H    sing N N 14  
ARG N   H2   sing N N 15  
ARG CA  C    sing N N 16  
ARG CA  CB   sing N N 17  
ARG CA  HA   sing N N 18  
ARG C   O    doub N N 19  
ARG C   OXT  sing N N 20  
ARG CB  CG   sing N N 21  
ARG CB  HB2  sing N N 22  
ARG CB  HB3  sing N N 23  
ARG CG  CD   sing N N 24  
ARG CG  HG2  sing N N 25  
ARG CG  HG3  sing N N 26  
ARG CD  NE   sing N N 27  
ARG CD  HD2  sing N N 28  
ARG CD  HD3  sing N N 29  
ARG NE  CZ   sing N N 30  
ARG NE  HE   sing N N 31  
ARG CZ  NH1  sing N N 32  
ARG CZ  NH2  doub N N 33  
ARG NH1 HH11 sing N N 34  
ARG NH1 HH12 sing N N 35  
ARG NH2 HH21 sing N N 36  
ARG NH2 HH22 sing N N 37  
ARG OXT HXT  sing N N 38  
ASN N   CA   sing N N 39  
ASN N   H    sing N N 40  
ASN N   H2   sing N N 41  
ASN CA  C    sing N N 42  
ASN CA  CB   sing N N 43  
ASN CA  HA   sing N N 44  
ASN C   O    doub N N 45  
ASN C   OXT  sing N N 46  
ASN CB  CG   sing N N 47  
ASN CB  HB2  sing N N 48  
ASN CB  HB3  sing N N 49  
ASN CG  OD1  doub N N 50  
ASN CG  ND2  sing N N 51  
ASN ND2 HD21 sing N N 52  
ASN ND2 HD22 sing N N 53  
ASN OXT HXT  sing N N 54  
ASP N   CA   sing N N 55  
ASP N   H    sing N N 56  
ASP N   H2   sing N N 57  
ASP CA  C    sing N N 58  
ASP CA  CB   sing N N 59  
ASP CA  HA   sing N N 60  
ASP C   O    doub N N 61  
ASP C   OXT  sing N N 62  
ASP CB  CG   sing N N 63  
ASP CB  HB2  sing N N 64  
ASP CB  HB3  sing N N 65  
ASP CG  OD1  doub N N 66  
ASP CG  OD2  sing N N 67  
ASP OD2 HD2  sing N N 68  
ASP OXT HXT  sing N N 69  
CYS N   CA   sing N N 70  
CYS N   H    sing N N 71  
CYS N   H2   sing N N 72  
CYS CA  C    sing N N 73  
CYS CA  CB   sing N N 74  
CYS CA  HA   sing N N 75  
CYS C   O    doub N N 76  
CYS C   OXT  sing N N 77  
CYS CB  SG   sing N N 78  
CYS CB  HB2  sing N N 79  
CYS CB  HB3  sing N N 80  
CYS SG  HG   sing N N 81  
CYS OXT HXT  sing N N 82  
GLN N   CA   sing N N 83  
GLN N   H    sing N N 84  
GLN N   H2   sing N N 85  
GLN CA  C    sing N N 86  
GLN CA  CB   sing N N 87  
GLN CA  HA   sing N N 88  
GLN C   O    doub N N 89  
GLN C   OXT  sing N N 90  
GLN CB  CG   sing N N 91  
GLN CB  HB2  sing N N 92  
GLN CB  HB3  sing N N 93  
GLN CG  CD   sing N N 94  
GLN CG  HG2  sing N N 95  
GLN CG  HG3  sing N N 96  
GLN CD  OE1  doub N N 97  
GLN CD  NE2  sing N N 98  
GLN NE2 HE21 sing N N 99  
GLN NE2 HE22 sing N N 100 
GLN OXT HXT  sing N N 101 
GLU N   CA   sing N N 102 
GLU N   H    sing N N 103 
GLU N   H2   sing N N 104 
GLU CA  C    sing N N 105 
GLU CA  CB   sing N N 106 
GLU CA  HA   sing N N 107 
GLU C   O    doub N N 108 
GLU C   OXT  sing N N 109 
GLU CB  CG   sing N N 110 
GLU CB  HB2  sing N N 111 
GLU CB  HB3  sing N N 112 
GLU CG  CD   sing N N 113 
GLU CG  HG2  sing N N 114 
GLU CG  HG3  sing N N 115 
GLU CD  OE1  doub N N 116 
GLU CD  OE2  sing N N 117 
GLU OE2 HE2  sing N N 118 
GLU OXT HXT  sing N N 119 
GLY N   CA   sing N N 120 
GLY N   H    sing N N 121 
GLY N   H2   sing N N 122 
GLY CA  C    sing N N 123 
GLY CA  HA2  sing N N 124 
GLY CA  HA3  sing N N 125 
GLY C   O    doub N N 126 
GLY C   OXT  sing N N 127 
GLY OXT HXT  sing N N 128 
HIS N   CA   sing N N 129 
HIS N   H    sing N N 130 
HIS N   H2   sing N N 131 
HIS CA  C    sing N N 132 
HIS CA  CB   sing N N 133 
HIS CA  HA   sing N N 134 
HIS C   O    doub N N 135 
HIS C   OXT  sing N N 136 
HIS CB  CG   sing N N 137 
HIS CB  HB2  sing N N 138 
HIS CB  HB3  sing N N 139 
HIS CG  ND1  sing Y N 140 
HIS CG  CD2  doub Y N 141 
HIS ND1 CE1  doub Y N 142 
HIS ND1 HD1  sing N N 143 
HIS CD2 NE2  sing Y N 144 
HIS CD2 HD2  sing N N 145 
HIS CE1 NE2  sing Y N 146 
HIS CE1 HE1  sing N N 147 
HIS NE2 HE2  sing N N 148 
HIS OXT HXT  sing N N 149 
HOH O   H1   sing N N 150 
HOH O   H2   sing N N 151 
ILE N   CA   sing N N 152 
ILE N   H    sing N N 153 
ILE N   H2   sing N N 154 
ILE CA  C    sing N N 155 
ILE CA  CB   sing N N 156 
ILE CA  HA   sing N N 157 
ILE C   O    doub N N 158 
ILE C   OXT  sing N N 159 
ILE CB  CG1  sing N N 160 
ILE CB  CG2  sing N N 161 
ILE CB  HB   sing N N 162 
ILE CG1 CD1  sing N N 163 
ILE CG1 HG12 sing N N 164 
ILE CG1 HG13 sing N N 165 
ILE CG2 HG21 sing N N 166 
ILE CG2 HG22 sing N N 167 
ILE CG2 HG23 sing N N 168 
ILE CD1 HD11 sing N N 169 
ILE CD1 HD12 sing N N 170 
ILE CD1 HD13 sing N N 171 
ILE OXT HXT  sing N N 172 
LEU N   CA   sing N N 173 
LEU N   H    sing N N 174 
LEU N   H2   sing N N 175 
LEU CA  C    sing N N 176 
LEU CA  CB   sing N N 177 
LEU CA  HA   sing N N 178 
LEU C   O    doub N N 179 
LEU C   OXT  sing N N 180 
LEU CB  CG   sing N N 181 
LEU CB  HB2  sing N N 182 
LEU CB  HB3  sing N N 183 
LEU CG  CD1  sing N N 184 
LEU CG  CD2  sing N N 185 
LEU CG  HG   sing N N 186 
LEU CD1 HD11 sing N N 187 
LEU CD1 HD12 sing N N 188 
LEU CD1 HD13 sing N N 189 
LEU CD2 HD21 sing N N 190 
LEU CD2 HD22 sing N N 191 
LEU CD2 HD23 sing N N 192 
LEU OXT HXT  sing N N 193 
LYS N   CA   sing N N 194 
LYS N   H    sing N N 195 
LYS N   H2   sing N N 196 
LYS CA  C    sing N N 197 
LYS CA  CB   sing N N 198 
LYS CA  HA   sing N N 199 
LYS C   O    doub N N 200 
LYS C   OXT  sing N N 201 
LYS CB  CG   sing N N 202 
LYS CB  HB2  sing N N 203 
LYS CB  HB3  sing N N 204 
LYS CG  CD   sing N N 205 
LYS CG  HG2  sing N N 206 
LYS CG  HG3  sing N N 207 
LYS CD  CE   sing N N 208 
LYS CD  HD2  sing N N 209 
LYS CD  HD3  sing N N 210 
LYS CE  NZ   sing N N 211 
LYS CE  HE2  sing N N 212 
LYS CE  HE3  sing N N 213 
LYS NZ  HZ1  sing N N 214 
LYS NZ  HZ2  sing N N 215 
LYS NZ  HZ3  sing N N 216 
LYS OXT HXT  sing N N 217 
MET N   CA   sing N N 218 
MET N   H    sing N N 219 
MET N   H2   sing N N 220 
MET CA  C    sing N N 221 
MET CA  CB   sing N N 222 
MET CA  HA   sing N N 223 
MET C   O    doub N N 224 
MET C   OXT  sing N N 225 
MET CB  CG   sing N N 226 
MET CB  HB2  sing N N 227 
MET CB  HB3  sing N N 228 
MET CG  SD   sing N N 229 
MET CG  HG2  sing N N 230 
MET CG  HG3  sing N N 231 
MET SD  CE   sing N N 232 
MET CE  HE1  sing N N 233 
MET CE  HE2  sing N N 234 
MET CE  HE3  sing N N 235 
MET OXT HXT  sing N N 236 
PEG C1  O1   sing N N 237 
PEG C1  C2   sing N N 238 
PEG C1  H11  sing N N 239 
PEG C1  H12  sing N N 240 
PEG O1  HO1  sing N N 241 
PEG C2  O2   sing N N 242 
PEG C2  H21  sing N N 243 
PEG C2  H22  sing N N 244 
PEG O2  C3   sing N N 245 
PEG C3  C4   sing N N 246 
PEG C3  H31  sing N N 247 
PEG C3  H32  sing N N 248 
PEG C4  O4   sing N N 249 
PEG C4  H41  sing N N 250 
PEG C4  H42  sing N N 251 
PEG O4  HO4  sing N N 252 
PHE N   CA   sing N N 253 
PHE N   H    sing N N 254 
PHE N   H2   sing N N 255 
PHE CA  C    sing N N 256 
PHE CA  CB   sing N N 257 
PHE CA  HA   sing N N 258 
PHE C   O    doub N N 259 
PHE C   OXT  sing N N 260 
PHE CB  CG   sing N N 261 
PHE CB  HB2  sing N N 262 
PHE CB  HB3  sing N N 263 
PHE CG  CD1  doub Y N 264 
PHE CG  CD2  sing Y N 265 
PHE CD1 CE1  sing Y N 266 
PHE CD1 HD1  sing N N 267 
PHE CD2 CE2  doub Y N 268 
PHE CD2 HD2  sing N N 269 
PHE CE1 CZ   doub Y N 270 
PHE CE1 HE1  sing N N 271 
PHE CE2 CZ   sing Y N 272 
PHE CE2 HE2  sing N N 273 
PHE CZ  HZ   sing N N 274 
PHE OXT HXT  sing N N 275 
PRO N   CA   sing N N 276 
PRO N   CD   sing N N 277 
PRO N   H    sing N N 278 
PRO CA  C    sing N N 279 
PRO CA  CB   sing N N 280 
PRO CA  HA   sing N N 281 
PRO C   O    doub N N 282 
PRO C   OXT  sing N N 283 
PRO CB  CG   sing N N 284 
PRO CB  HB2  sing N N 285 
PRO CB  HB3  sing N N 286 
PRO CG  CD   sing N N 287 
PRO CG  HG2  sing N N 288 
PRO CG  HG3  sing N N 289 
PRO CD  HD2  sing N N 290 
PRO CD  HD3  sing N N 291 
PRO OXT HXT  sing N N 292 
PYR C   O    doub N N 293 
PYR C   OXT  sing N N 294 
PYR C   CA   sing N N 295 
PYR OXT HXT  sing N N 296 
PYR CA  O3   doub N N 297 
PYR CA  CB   sing N N 298 
PYR CB  HB1  sing N N 299 
PYR CB  HB2  sing N N 300 
PYR CB  HB3  sing N N 301 
SCN S   C    sing N N 302 
SCN C   N    trip N N 303 
SER N   CA   sing N N 304 
SER N   H    sing N N 305 
SER N   H2   sing N N 306 
SER CA  C    sing N N 307 
SER CA  CB   sing N N 308 
SER CA  HA   sing N N 309 
SER C   O    doub N N 310 
SER C   OXT  sing N N 311 
SER CB  OG   sing N N 312 
SER CB  HB2  sing N N 313 
SER CB  HB3  sing N N 314 
SER OG  HG   sing N N 315 
SER OXT HXT  sing N N 316 
THR N   CA   sing N N 317 
THR N   H    sing N N 318 
THR N   H2   sing N N 319 
THR CA  C    sing N N 320 
THR CA  CB   sing N N 321 
THR CA  HA   sing N N 322 
THR C   O    doub N N 323 
THR C   OXT  sing N N 324 
THR CB  OG1  sing N N 325 
THR CB  CG2  sing N N 326 
THR CB  HB   sing N N 327 
THR OG1 HG1  sing N N 328 
THR CG2 HG21 sing N N 329 
THR CG2 HG22 sing N N 330 
THR CG2 HG23 sing N N 331 
THR OXT HXT  sing N N 332 
TRP N   CA   sing N N 333 
TRP N   H    sing N N 334 
TRP N   H2   sing N N 335 
TRP CA  C    sing N N 336 
TRP CA  CB   sing N N 337 
TRP CA  HA   sing N N 338 
TRP C   O    doub N N 339 
TRP C   OXT  sing N N 340 
TRP CB  CG   sing N N 341 
TRP CB  HB2  sing N N 342 
TRP CB  HB3  sing N N 343 
TRP CG  CD1  doub Y N 344 
TRP CG  CD2  sing Y N 345 
TRP CD1 NE1  sing Y N 346 
TRP CD1 HD1  sing N N 347 
TRP CD2 CE2  doub Y N 348 
TRP CD2 CE3  sing Y N 349 
TRP NE1 CE2  sing Y N 350 
TRP NE1 HE1  sing N N 351 
TRP CE2 CZ2  sing Y N 352 
TRP CE3 CZ3  doub Y N 353 
TRP CE3 HE3  sing N N 354 
TRP CZ2 CH2  doub Y N 355 
TRP CZ2 HZ2  sing N N 356 
TRP CZ3 CH2  sing Y N 357 
TRP CZ3 HZ3  sing N N 358 
TRP CH2 HH2  sing N N 359 
TRP OXT HXT  sing N N 360 
TYR N   CA   sing N N 361 
TYR N   H    sing N N 362 
TYR N   H2   sing N N 363 
TYR CA  C    sing N N 364 
TYR CA  CB   sing N N 365 
TYR CA  HA   sing N N 366 
TYR C   O    doub N N 367 
TYR C   OXT  sing N N 368 
TYR CB  CG   sing N N 369 
TYR CB  HB2  sing N N 370 
TYR CB  HB3  sing N N 371 
TYR CG  CD1  doub Y N 372 
TYR CG  CD2  sing Y N 373 
TYR CD1 CE1  sing Y N 374 
TYR CD1 HD1  sing N N 375 
TYR CD2 CE2  doub Y N 376 
TYR CD2 HD2  sing N N 377 
TYR CE1 CZ   doub Y N 378 
TYR CE1 HE1  sing N N 379 
TYR CE2 CZ   sing Y N 380 
TYR CE2 HE2  sing N N 381 
TYR CZ  OH   sing N N 382 
TYR OH  HH   sing N N 383 
TYR OXT HXT  sing N N 384 
VAL N   CA   sing N N 385 
VAL N   H    sing N N 386 
VAL N   H2   sing N N 387 
VAL CA  C    sing N N 388 
VAL CA  CB   sing N N 389 
VAL CA  HA   sing N N 390 
VAL C   O    doub N N 391 
VAL C   OXT  sing N N 392 
VAL CB  CG1  sing N N 393 
VAL CB  CG2  sing N N 394 
VAL CB  HB   sing N N 395 
VAL CG1 HG11 sing N N 396 
VAL CG1 HG12 sing N N 397 
VAL CG1 HG13 sing N N 398 
VAL CG2 HG21 sing N N 399 
VAL CG2 HG22 sing N N 400 
VAL CG2 HG23 sing N N 401 
VAL OXT HXT  sing N N 402 
# 
_pdbx_initial_refinement_model.id               1 
_pdbx_initial_refinement_model.entity_id_list   ? 
_pdbx_initial_refinement_model.type             'experimental model' 
_pdbx_initial_refinement_model.source_name      PDB 
_pdbx_initial_refinement_model.accession_code   1AW8 
_pdbx_initial_refinement_model.details          'PDB ENTRY 1AW8' 
# 
_atom_sites.entry_id                    4D7Z 
_atom_sites.fract_transf_matrix[1][1]   -0.01332929 
_atom_sites.fract_transf_matrix[1][2]   0.00151805 
_atom_sites.fract_transf_matrix[1][3]   -0.00405534 
_atom_sites.fract_transf_matrix[2][1]   0.00428029 
_atom_sites.fract_transf_matrix[2][2]   0.00263272 
_atom_sites.fract_transf_matrix[2][3]   -0.01308313 
_atom_sites.fract_transf_matrix[3][1]   -0.00041634 
_atom_sites.fract_transf_matrix[3][2]   -0.00869215 
_atom_sites.fract_transf_matrix[3][3]   -0.00188533 
_atom_sites.fract_transf_vector[1]      -0.408219 
_atom_sites.fract_transf_vector[2]      -0.302554 
_atom_sites.fract_transf_vector[3]      -0.164263 
# 
loop_
_atom_type.symbol 
C 
N 
O 
S 
# 
loop_
_atom_site.group_PDB 
_atom_site.id 
_atom_site.type_symbol 
_atom_site.label_atom_id 
_atom_site.label_alt_id 
_atom_site.label_comp_id 
_atom_site.label_asym_id 
_atom_site.label_entity_id 
_atom_site.label_seq_id 
_atom_site.pdbx_PDB_ins_code 
_atom_site.Cartn_x 
_atom_site.Cartn_y 
_atom_site.Cartn_z 
_atom_site.occupancy 
_atom_site.B_iso_or_equiv 
_atom_site.pdbx_formal_charge 
_atom_site.auth_seq_id 
_atom_site.auth_comp_id 
_atom_site.auth_asym_id 
_atom_site.auth_atom_id 
_atom_site.pdbx_PDB_model_num 
ATOM   1    N N   . LEU A 1 12 ? -23.219 10.035  15.997  1.00 38.13 ? -5   LEU A N   1 
ATOM   2    C CA  . LEU A 1 12 ? -22.118 10.963  16.453  1.00 39.65 ? -5   LEU A CA  1 
ATOM   3    C C   . LEU A 1 12 ? -21.141 10.264  17.447  1.00 34.49 ? -5   LEU A C   1 
ATOM   4    O O   . LEU A 1 12 ? -21.529 9.444   18.258  1.00 39.03 ? -5   LEU A O   1 
ATOM   5    C CB  . LEU A 1 12 ? -22.694 12.245  17.069  1.00 37.67 ? -5   LEU A CB  1 
ATOM   6    N N   . VAL A 1 13 ? -19.864 10.587  17.337  1.00 29.80 ? -4   VAL A N   1 
ATOM   7    C CA  . VAL A 1 13 ? -18.869 10.160  18.298  1.00 27.00 ? -4   VAL A CA  1 
ATOM   8    C C   . VAL A 1 13 ? -18.374 11.458  18.933  1.00 25.64 ? -4   VAL A C   1 
ATOM   9    O O   . VAL A 1 13 ? -17.938 12.381  18.192  1.00 24.28 ? -4   VAL A O   1 
ATOM   10   C CB  . VAL A 1 13 ? -17.714 9.424   17.600  1.00 25.70 ? -4   VAL A CB  1 
ATOM   11   C CG1 . VAL A 1 13 ? -16.599 9.142   18.598  1.00 23.46 ? -4   VAL A CG1 1 
ATOM   12   C CG2 . VAL A 1 13 ? -18.230 8.160   16.942  1.00 27.43 ? -4   VAL A CG2 1 
ATOM   13   N N   . PRO A 1 14 ? -18.482 11.582  20.272  1.00 24.12 ? -3   PRO A N   1 
ATOM   14   C CA  . PRO A 1 14 ? -18.026 12.815  20.989  1.00 24.89 ? -3   PRO A CA  1 
ATOM   15   C C   . PRO A 1 14 ? -16.555 13.161  20.694  1.00 24.60 ? -3   PRO A C   1 
ATOM   16   O O   . PRO A 1 14 ? -15.730 12.234  20.497  1.00 22.47 ? -3   PRO A O   1 
ATOM   17   C CB  . PRO A 1 14 ? -18.138 12.436  22.473  1.00 23.49 ? -3   PRO A CB  1 
ATOM   18   C CG  . PRO A 1 14 ? -18.969 11.212  22.531  1.00 24.48 ? -3   PRO A CG  1 
ATOM   19   C CD  . PRO A 1 14 ? -19.020 10.561  21.187  1.00 23.51 ? -3   PRO A CD  1 
ATOM   20   N N   . ARG A 1 15 ? -16.218 14.447  20.702  1.00 25.27 ? -2   ARG A N   1 
ATOM   21   C CA  . ARG A 1 15 ? -14.874 14.893  20.414  1.00 30.70 ? -2   ARG A CA  1 
ATOM   22   C C   . ARG A 1 15 ? -14.031 14.553  21.608  1.00 30.20 ? -2   ARG A C   1 
ATOM   23   O O   . ARG A 1 15 ? -14.475 14.714  22.730  1.00 30.29 ? -2   ARG A O   1 
ATOM   24   C CB  . ARG A 1 15 ? -14.754 16.416  20.274  1.00 39.04 ? -2   ARG A CB  1 
ATOM   25   C CG  . ARG A 1 15 ? -15.733 17.089  19.331  1.00 45.48 ? -2   ARG A CG  1 
ATOM   26   C CD  . ARG A 1 15 ? -16.403 18.260  20.054  1.00 52.73 ? -2   ARG A CD  1 
ATOM   27   N NE  . ARG A 1 15 ? -16.045 19.593  19.588  1.00 58.50 ? -2   ARG A NE  1 
ATOM   28   C CZ  . ARG A 1 15 ? -16.592 20.201  18.531  1.00 65.30 ? -2   ARG A CZ  1 
ATOM   29   N NH1 . ARG A 1 15 ? -17.488 19.577  17.754  1.00 64.65 ? -2   ARG A NH1 1 
ATOM   30   N NH2 . ARG A 1 15 ? -16.220 21.441  18.228  1.00 66.57 ? -2   ARG A NH2 1 
ATOM   31   N N   . GLY A 1 16 ? -12.799 14.124  21.337  1.00 31.91 ? -1   GLY A N   1 
ATOM   32   C CA  . GLY A 1 16 ? -11.763 13.854  22.360  1.00 31.98 ? -1   GLY A CA  1 
ATOM   33   C C   . GLY A 1 16 ? -10.461 14.474  21.925  1.00 29.12 ? -1   GLY A C   1 
ATOM   34   O O   . GLY A 1 16 ? -10.336 14.958  20.797  1.00 29.77 ? -1   GLY A O   1 
ATOM   35   N N   A SER A 1 17 ? -9.582  14.482  22.918  0.50 31.38 ? 0    SER A N   1 
ATOM   36   N N   B SER A 1 17 ? -9.387  14.477  22.726  0.50 30.03 ? 0    SER A N   1 
ATOM   37   C CA  A SER A 1 17 ? -8.182  14.732  22.778  0.50 30.46 ? 0    SER A CA  1 
ATOM   38   C CA  B SER A 1 17 ? -8.082  15.051  22.209  0.50 28.12 ? 0    SER A CA  1 
ATOM   39   C C   A SER A 1 17 ? -7.506  13.366  22.821  0.50 28.77 ? 0    SER A C   1 
ATOM   40   C C   B SER A 1 17 ? -6.998  14.006  21.822  0.50 27.54 ? 0    SER A C   1 
ATOM   41   O O   A SER A 1 17 ? -7.125  12.837  23.858  0.50 28.50 ? 0    SER A O   1 
ATOM   42   O O   B SER A 1 17 ? -5.815  14.321  21.655  0.50 25.41 ? 0    SER A O   1 
ATOM   43   C CB  A SER A 1 17 ? -7.698  15.570  23.947  0.50 33.22 ? 0    SER A CB  1 
ATOM   44   C CB  B SER A 1 17 ? -7.465  16.072  23.186  0.50 30.03 ? 0    SER A CB  1 
ATOM   45   O OG  A SER A 1 17 ? -8.142  14.978  25.145  0.50 32.96 ? 0    SER A OG  1 
ATOM   46   O OG  B SER A 1 17 ? -6.649  15.453  24.178  0.50 28.07 ? 0    SER A OG  1 
ATOM   47   N N   . MET A 1 18 ? -7.423  12.770  21.668  1.00 25.88 ? 1    MET A N   1 
ATOM   48   C CA  . MET A 1 18 ? -6.526  11.645  21.468  1.00 26.99 ? 1    MET A CA  1 
ATOM   49   C C   . MET A 1 18 ? -6.128  11.616  20.019  1.00 21.32 ? 1    MET A C   1 
ATOM   50   O O   . MET A 1 18 ? -6.744  12.294  19.183  1.00 22.01 ? 1    MET A O   1 
ATOM   51   C CB  . MET A 1 18 ? -7.252  10.352  21.860  1.00 27.20 ? 1    MET A CB  1 
ATOM   52   C CG  . MET A 1 18 ? -8.406  10.038  20.959  1.00 28.45 ? 1    MET A CG  1 
ATOM   53   S SD  . MET A 1 18 ? -9.943  10.846  21.427  1.00 36.20 ? 1    MET A SD  1 
ATOM   54   C CE  . MET A 1 18 ? -10.891 9.711   20.416  1.00 31.28 ? 1    MET A CE  1 
ATOM   55   N N   . ILE A 1 19 ? -5.080  10.851  19.744  1.00 19.21 ? 2    ILE A N   1 
ATOM   56   C CA  . ILE A 1 19 ? -4.502  10.746  18.433  1.00 18.22 ? 2    ILE A CA  1 
ATOM   57   C C   . ILE A 1 19 ? -5.009  9.424   17.799  1.00 17.34 ? 2    ILE A C   1 
ATOM   58   O O   . ILE A 1 19 ? -4.794  8.342   18.353  1.00 16.42 ? 2    ILE A O   1 
ATOM   59   C CB  . ILE A 1 19 ? -2.963  10.744  18.520  1.00 19.16 ? 2    ILE A CB  1 
ATOM   60   C CG1 . ILE A 1 19 ? -2.480  12.080  19.112  1.00 22.85 ? 2    ILE A CG1 1 
ATOM   61   C CG2 . ILE A 1 19 ? -2.286  10.493  17.174  1.00 19.78 ? 2    ILE A CG2 1 
ATOM   62   C CD1 . ILE A 1 19 ? -3.069  13.319  18.439  1.00 22.18 ? 2    ILE A CD1 1 
ATOM   63   N N   . ARG A 1 20 ? -5.577  9.541   16.599  1.00 16.51 ? 3    ARG A N   1 
ATOM   64   C CA  . ARG A 1 20 ? -6.111  8.402   15.835  1.00 16.49 ? 3    ARG A CA  1 
ATOM   65   C C   . ARG A 1 20 ? -5.119  7.879   14.835  1.00 16.38 ? 3    ARG A C   1 
ATOM   66   O O   . ARG A 1 20 ? -4.351  8.660   14.285  1.00 16.94 ? 3    ARG A O   1 
ATOM   67   C CB  . ARG A 1 20 ? -7.364  8.821   15.063  1.00 15.77 ? 3    ARG A CB  1 
ATOM   68   C CG  . ARG A 1 20 ? -8.460  9.338   15.901  1.00 15.96 ? 3    ARG A CG  1 
ATOM   69   C CD  . ARG A 1 20 ? -9.306  8.234   16.435  1.00 18.95 ? 3    ARG A CD  1 
ATOM   70   N NE  . ARG A 1 20 ? -10.570 8.729   16.953  1.00 20.36 ? 3    ARG A NE  1 
ATOM   71   C CZ  . ARG A 1 20 ? -11.557 7.987   17.451  1.00 19.77 ? 3    ARG A CZ  1 
ATOM   72   N NH1 . ARG A 1 20 ? -11.465 6.654   17.547  1.00 20.17 ? 3    ARG A NH1 1 
ATOM   73   N NH2 . ARG A 1 20 ? -12.663 8.604   17.838  1.00 21.55 ? 3    ARG A NH2 1 
ATOM   74   N N   . THR A 1 21 ? -5.166  6.566   14.604  1.00 16.58 ? 4    THR A N   1 
ATOM   75   C CA  . THR A 1 21 ? -4.447  5.949   13.511  1.00 16.41 ? 4    THR A CA  1 
ATOM   76   C C   . THR A 1 21 ? -5.419  5.690   12.338  1.00 15.46 ? 4    THR A C   1 
ATOM   77   O O   . THR A 1 21 ? -6.383  4.924   12.474  1.00 14.66 ? 4    THR A O   1 
ATOM   78   C CB  . THR A 1 21 ? -3.810  4.618   13.884  1.00 15.03 ? 4    THR A CB  1 
ATOM   79   O OG1 . THR A 1 21 ? -2.921  4.828   14.971  1.00 17.21 ? 4    THR A OG1 1 
ATOM   80   C CG2 . THR A 1 21 ? -3.040  4.079   12.712  1.00 15.74 ? 4    THR A CG2 1 
ATOM   81   N N   . MET A 1 22 ? -5.168  6.343   11.213  1.00 15.91 ? 5    MET A N   1 
ATOM   82   C CA  . MET A 1 22 ? -6.089  6.346   10.080  1.00 14.96 ? 5    MET A CA  1 
ATOM   83   C C   . MET A 1 22 ? -5.428  5.785   8.825   1.00 15.40 ? 5    MET A C   1 
ATOM   84   O O   . MET A 1 22 ? -4.227  6.069   8.538   1.00 16.63 ? 5    MET A O   1 
ATOM   85   C CB  . MET A 1 22 ? -6.508  7.778   9.834   1.00 17.07 ? 5    MET A CB  1 
ATOM   86   C CG  . MET A 1 22 ? -7.175  8.477   11.027  1.00 16.16 ? 5    MET A CG  1 
ATOM   87   S SD  . MET A 1 22 ? -8.710  7.675   11.585  1.00 17.40 ? 5    MET A SD  1 
ATOM   88   C CE  . MET A 1 22 ? -9.831  8.000   10.204  1.00 15.89 ? 5    MET A CE  1 
ATOM   89   N N   . LEU A 1 23 ? -6.199  5.065   8.023   1.00 15.42 ? 6    LEU A N   1 
ATOM   90   C CA  . LEU A 1 23 ? -5.722  4.638   6.716   1.00 15.16 ? 6    LEU A CA  1 
ATOM   91   C C   . LEU A 1 23 ? -5.339  5.861   5.894   1.00 16.62 ? 6    LEU A C   1 
ATOM   92   O O   . LEU A 1 23 ? -6.184  6.713   5.669   1.00 19.96 ? 6    LEU A O   1 
ATOM   93   C CB  . LEU A 1 23 ? -6.806  3.815   6.000   1.00 15.63 ? 6    LEU A CB  1 
ATOM   94   C CG  . LEU A 1 23 ? -6.444  3.364   4.582   1.00 15.29 ? 6    LEU A CG  1 
ATOM   95   C CD1 . LEU A 1 23 ? -5.376  2.278   4.621   1.00 15.94 ? 6    LEU A CD1 1 
ATOM   96   C CD2 . LEU A 1 23 ? -7.673  2.837   3.946   1.00 15.61 ? 6    LEU A CD2 1 
ATOM   97   N N   . GLN A 1 24 ? -4.080  5.971   5.477   1.00 15.22 ? 7    GLN A N   1 
ATOM   98   C CA  . GLN A 1 24 ? -3.640  7.069   4.647   1.00 16.36 ? 7    GLN A CA  1 
ATOM   99   C C   . GLN A 1 24 ? -3.991  6.830   3.177   1.00 15.50 ? 7    GLN A C   1 
ATOM   100  O O   . GLN A 1 24 ? -4.462  7.719   2.443   1.00 15.84 ? 7    GLN A O   1 
ATOM   101  C CB  . GLN A 1 24 ? -2.136  7.223   4.816   1.00 16.06 ? 7    GLN A CB  1 
ATOM   102  C CG  . GLN A 1 24 ? -1.460  8.382   4.089   1.00 17.60 ? 7    GLN A CG  1 
ATOM   103  C CD  . GLN A 1 24 ? -1.421  8.261   2.586   1.00 18.09 ? 7    GLN A CD  1 
ATOM   104  O OE1 . GLN A 1 24 ? -1.839  9.187   1.851   1.00 16.19 ? 7    GLN A OE1 1 
ATOM   105  N NE2 . GLN A 1 24 ? -0.920  7.143   2.099   1.00 16.82 ? 7    GLN A NE2 1 
ATOM   106  N N   . GLY A 1 25 ? -3.756  5.601   2.742   1.00 16.21 ? 8    GLY A N   1 
ATOM   107  C CA  . GLY A 1 25 ? -4.056  5.241   1.358   1.00 15.21 ? 8    GLY A CA  1 
ATOM   108  C C   . GLY A 1 25 ? -3.659  3.819   1.127   1.00 17.12 ? 8    GLY A C   1 
ATOM   109  O O   . GLY A 1 25 ? -2.973  3.202   1.997   1.00 16.81 ? 8    GLY A O   1 
ATOM   110  N N   . LYS A 1 26 ? -4.112  3.287   -0.005  1.00 17.21 ? 9    LYS A N   1 
ATOM   111  C CA  . LYS A 1 26 ? -3.858  1.901   -0.367  1.00 18.78 ? 9    LYS A CA  1 
ATOM   112  C C   . LYS A 1 26 ? -3.866  1.672   -1.848  1.00 17.72 ? 9    LYS A C   1 
ATOM   113  O O   . LYS A 1 26 ? -4.467  2.423   -2.631  1.00 17.01 ? 9    LYS A O   1 
ATOM   114  C CB  . LYS A 1 26 ? -4.874  0.961   0.258   1.00 20.72 ? 9    LYS A CB  1 
ATOM   115  C CG  . LYS A 1 26 ? -6.313  1.255   -0.091  1.00 22.79 ? 9    LYS A CG  1 
ATOM   116  C CD  . LYS A 1 26 ? -7.229  0.171   0.464   1.00 26.32 ? 9    LYS A CD  1 
ATOM   117  C CE  . LYS A 1 26 ? -8.186  -0.341  -0.560  1.00 27.57 ? 9    LYS A CE  1 
ATOM   118  N NZ  . LYS A 1 26 ? -9.095  -1.421  -0.059  1.00 27.80 ? 9    LYS A NZ  1 
ATOM   119  N N   . LEU A 1 27 ? -3.164  0.617   -2.215  1.00 18.48 ? 10   LEU A N   1 
ATOM   120  C CA  . LEU A 1 27 ? -3.187  0.059   -3.547  1.00 19.26 ? 10   LEU A CA  1 
ATOM   121  C C   . LEU A 1 27 ? -4.110  -1.148  -3.460  1.00 18.80 ? 10   LEU A C   1 
ATOM   122  O O   . LEU A 1 27 ? -3.798  -2.106  -2.765  1.00 18.24 ? 10   LEU A O   1 
ATOM   123  C CB  . LEU A 1 27 ? -1.773  -0.356  -4.015  1.00 21.35 ? 10   LEU A CB  1 
ATOM   124  C CG  . LEU A 1 27 ? -0.626  0.677   -4.139  1.00 24.68 ? 10   LEU A CG  1 
ATOM   125  C CD1 . LEU A 1 27 ? 0.598   0.012   -4.773  1.00 24.74 ? 10   LEU A CD1 1 
ATOM   126  C CD2 . LEU A 1 27 ? -1.050  1.858   -5.002  1.00 26.81 ? 10   LEU A CD2 1 
ATOM   127  N N   . HIS A 1 28 ? -5.196  -1.126  -4.220  1.00 17.58 ? 11   HIS A N   1 
ATOM   128  C CA  . HIS A 1 28 ? -6.223  -2.166  -4.113  1.00 20.69 ? 11   HIS A CA  1 
ATOM   129  C C   . HIS A 1 28 ? -6.095  -3.232  -5.221  1.00 19.85 ? 11   HIS A C   1 
ATOM   130  O O   . HIS A 1 28 ? -6.260  -2.959  -6.424  1.00 19.38 ? 11   HIS A O   1 
ATOM   131  C CB  . HIS A 1 28 ? -7.614  -1.542  -4.084  1.00 21.92 ? 11   HIS A CB  1 
ATOM   132  C CG  . HIS A 1 28 ? -8.692  -2.536  -3.842  1.00 25.69 ? 11   HIS A CG  1 
ATOM   133  N ND1 . HIS A 1 28 ? -8.968  -3.043  -2.592  1.00 25.48 ? 11   HIS A ND1 1 
ATOM   134  C CD2 . HIS A 1 28 ? -9.558  -3.137  -4.701  1.00 26.49 ? 11   HIS A CD2 1 
ATOM   135  C CE1 . HIS A 1 28 ? -9.974  -3.898  -2.683  1.00 28.13 ? 11   HIS A CE1 1 
ATOM   136  N NE2 . HIS A 1 28 ? -10.329 -3.996  -3.956  1.00 27.77 ? 11   HIS A NE2 1 
ATOM   137  N N   . ARG A 1 29 ? -5.685  -4.438  -4.790  1.00 19.31 ? 12   ARG A N   1 
ATOM   138  C CA  . ARG A 1 29 ? -5.631  -5.597  -5.652  1.00 19.04 ? 12   ARG A CA  1 
ATOM   139  C C   . ARG A 1 29 ? -4.630  -5.360  -6.778  1.00 18.95 ? 12   ARG A C   1 
ATOM   140  O O   . ARG A 1 29 ? -4.904  -5.498  -7.973  1.00 18.22 ? 12   ARG A O   1 
ATOM   141  C CB  . ARG A 1 29 ? -7.030  -5.957  -6.164  1.00 20.49 ? 12   ARG A CB  1 
ATOM   142  C CG  . ARG A 1 29 ? -7.972  -6.407  -5.051  1.00 22.24 ? 12   ARG A CG  1 
ATOM   143  C CD  . ARG A 1 29 ? -9.380  -6.841  -5.520  1.00 24.24 ? 12   ARG A CD  1 
ATOM   144  N NE  . ARG A 1 29 ? -9.237  -7.798  -6.588  1.00 29.12 ? 12   ARG A NE  1 
ATOM   145  C CZ  . ARG A 1 29 ? -9.255  -9.135  -6.466  1.00 33.78 ? 12   ARG A CZ  1 
ATOM   146  N NH1 . ARG A 1 29 ? -9.500  -9.745  -5.293  1.00 29.17 ? 12   ARG A NH1 1 
ATOM   147  N NH2 . ARG A 1 29 ? -9.073  -9.860  -7.566  1.00 35.19 ? 12   ARG A NH2 1 
ATOM   148  N N   . VAL A 1 30 ? -3.454  -4.943  -6.370  1.00 18.38 ? 13   VAL A N   1 
ATOM   149  C CA  . VAL A 1 30 ? -2.298  -4.895  -7.268  1.00 18.48 ? 13   VAL A CA  1 
ATOM   150  C C   . VAL A 1 30 ? -1.656  -6.299  -7.293  1.00 19.95 ? 13   VAL A C   1 
ATOM   151  O O   . VAL A 1 30 ? -1.815  -7.094  -6.349  1.00 19.78 ? 13   VAL A O   1 
ATOM   152  C CB  . VAL A 1 30 ? -1.374  -3.758  -6.835  1.00 18.28 ? 13   VAL A CB  1 
ATOM   153  C CG1 . VAL A 1 30 ? -0.504  -4.140  -5.605  1.00 19.34 ? 13   VAL A CG1 1 
ATOM   154  C CG2 . VAL A 1 30 ? -0.592  -3.232  -7.971  1.00 19.86 ? 13   VAL A CG2 1 
ATOM   155  N N   . LYS A 1 31 ? -0.968  -6.618  -8.373  1.00 19.67 ? 14   LYS A N   1 
ATOM   156  C CA  . LYS A 1 31 ? -0.444  -7.945  -8.588  1.00 23.62 ? 14   LYS A CA  1 
ATOM   157  C C   . LYS A 1 31 ? 1.092   -7.955  -8.449  1.00 23.41 ? 14   LYS A C   1 
ATOM   158  O O   . LYS A 1 31 ? 1.803   -7.081  -8.997  1.00 20.82 ? 14   LYS A O   1 
ATOM   159  C CB  . LYS A 1 31 ? -0.957  -8.474  -9.967  1.00 29.69 ? 14   LYS A CB  1 
ATOM   160  C CG  . LYS A 1 31 ? -0.210  -9.637  -10.598 1.00 34.24 ? 14   LYS A CG  1 
ATOM   161  C CD  . LYS A 1 31 ? -0.814  -10.133 -11.940 1.00 38.27 ? 14   LYS A CD  1 
ATOM   162  C CE  . LYS A 1 31 ? -0.571  -9.210  -13.156 1.00 42.52 ? 14   LYS A CE  1 
ATOM   163  N NZ  . LYS A 1 31 ? 0.814   -8.606  -13.338 1.00 40.76 ? 14   LYS A NZ  1 
ATOM   164  N N   . VAL A 1 32 ? 1.602   -8.918  -7.678  1.00 21.14 ? 15   VAL A N   1 
ATOM   165  C CA  . VAL A 1 32 ? 3.058   -9.023  -7.493  1.00 20.13 ? 15   VAL A CA  1 
ATOM   166  C C   . VAL A 1 32 ? 3.704   -9.442  -8.797  1.00 19.96 ? 15   VAL A C   1 
ATOM   167  O O   . VAL A 1 32 ? 3.257   -10.354 -9.449  1.00 17.40 ? 15   VAL A O   1 
ATOM   168  C CB  . VAL A 1 32 ? 3.424   -10.042 -6.396  1.00 20.06 ? 15   VAL A CB  1 
ATOM   169  C CG1 . VAL A 1 32 ? 4.927   -10.299 -6.338  1.00 19.75 ? 15   VAL A CG1 1 
ATOM   170  C CG2 . VAL A 1 32 ? 2.863   -9.605  -5.039  1.00 18.12 ? 15   VAL A CG2 1 
ATOM   171  N N   . THR A 1 33 ? 4.762   -8.746  -9.162  1.00 20.62 ? 16   THR A N   1 
ATOM   172  C CA  . THR A 1 33 ? 5.483   -9.021  -10.399 1.00 21.19 ? 16   THR A CA  1 
ATOM   173  C C   . THR A 1 33 ? 6.789   -9.739  -10.199 1.00 20.48 ? 16   THR A C   1 
ATOM   174  O O   . THR A 1 33 ? 7.279   -10.353 -11.108 1.00 20.56 ? 16   THR A O   1 
ATOM   175  C CB  . THR A 1 33 ? 5.702   -7.706  -11.171 1.00 21.05 ? 16   THR A CB  1 
ATOM   176  O OG1 . THR A 1 33 ? 6.505   -6.824  -10.378 1.00 21.25 ? 16   THR A OG1 1 
ATOM   177  C CG2 . THR A 1 33 ? 4.329   -7.043  -11.455 1.00 20.31 ? 16   THR A CG2 1 
ATOM   178  N N   . HIS A 1 34 ? 7.386   -9.601  -9.029  1.00 22.39 ? 17   HIS A N   1 
ATOM   179  C CA  . HIS A 1 34 ? 8.731   -10.148 -8.765  1.00 21.62 ? 17   HIS A CA  1 
ATOM   180  C C   . HIS A 1 34 ? 8.812   -10.527 -7.306  1.00 21.78 ? 17   HIS A C   1 
ATOM   181  O O   . HIS A 1 34 ? 8.170   -9.913  -6.428  1.00 18.54 ? 17   HIS A O   1 
ATOM   182  C CB  . HIS A 1 34 ? 9.828   -9.126  -9.013  1.00 24.97 ? 17   HIS A CB  1 
ATOM   183  C CG  . HIS A 1 34 ? 9.896   -8.645  -10.414 1.00 25.38 ? 17   HIS A CG  1 
ATOM   184  N ND1 . HIS A 1 34 ? 9.004   -7.722  -10.920 1.00 24.42 ? 17   HIS A ND1 1 
ATOM   185  C CD2 . HIS A 1 34 ? 10.741  -8.968  -11.435 1.00 29.34 ? 17   HIS A CD2 1 
ATOM   186  C CE1 . HIS A 1 34 ? 9.295   -7.486  -12.194 1.00 28.43 ? 17   HIS A CE1 1 
ATOM   187  N NE2 . HIS A 1 34 ? 10.337  -8.244  -12.539 1.00 29.89 ? 17   HIS A NE2 1 
ATOM   188  N N   . ALA A 1 35 ? 9.579   -11.577 -7.066  1.00 21.44 ? 18   ALA A N   1 
ATOM   189  C CA  . ALA A 1 35 ? 9.888   -12.038 -5.726  1.00 23.29 ? 18   ALA A CA  1 
ATOM   190  C C   . ALA A 1 35 ? 11.377  -12.401 -5.717  1.00 26.41 ? 18   ALA A C   1 
ATOM   191  O O   . ALA A 1 35 ? 11.856  -13.096 -6.610  1.00 29.75 ? 18   ALA A O   1 
ATOM   192  C CB  . ALA A 1 35 ? 8.984   -13.181 -5.333  1.00 22.02 ? 18   ALA A CB  1 
ATOM   193  N N   . ASP A 1 36 ? 12.132  -11.828 -4.782  1.00 26.06 ? 19   ASP A N   1 
ATOM   194  C CA  . ASP A 1 36 ? 13.582  -11.869 -4.847  1.00 26.73 ? 19   ASP A CA  1 
ATOM   195  C C   . ASP A 1 36 ? 14.085  -12.049 -3.399  1.00 24.03 ? 19   ASP A C   1 
ATOM   196  O O   . ASP A 1 36 ? 14.424  -11.107 -2.718  1.00 19.63 ? 19   ASP A O   1 
ATOM   197  C CB  . ASP A 1 36 ? 14.100  -10.554 -5.485  1.00 36.54 ? 19   ASP A CB  1 
ATOM   198  C CG  . ASP A 1 36 ? 15.611  -10.570 -5.803  1.00 47.99 ? 19   ASP A CG  1 
ATOM   199  O OD1 . ASP A 1 36 ? 16.186  -11.667 -5.990  1.00 56.79 ? 19   ASP A OD1 1 
ATOM   200  O OD2 . ASP A 1 36 ? 16.232  -9.472  -5.858  1.00 52.33 ? 19   ASP A OD2 1 
ATOM   201  N N   . LEU A 1 37 ? 14.154  -13.294 -2.967  1.00 24.15 ? 20   LEU A N   1 
ATOM   202  C CA  . LEU A 1 37 ? 14.633  -13.642 -1.632  1.00 27.90 ? 20   LEU A CA  1 
ATOM   203  C C   . LEU A 1 37 ? 16.031  -13.100 -1.283  1.00 29.78 ? 20   LEU A C   1 
ATOM   204  O O   . LEU A 1 37 ? 16.296  -12.702 -0.156  1.00 28.57 ? 20   LEU A O   1 
ATOM   205  C CB  . LEU A 1 37 ? 14.629  -15.162 -1.552  1.00 30.29 ? 20   LEU A CB  1 
ATOM   206  C CG  . LEU A 1 37 ? 14.560  -15.894 -0.217  1.00 31.27 ? 20   LEU A CG  1 
ATOM   207  C CD1 . LEU A 1 37 ? 13.460  -15.389 0.718   1.00 28.50 ? 20   LEU A CD1 1 
ATOM   208  C CD2 . LEU A 1 37 ? 14.354  -17.367 -0.562  1.00 32.36 ? 20   LEU A CD2 1 
ATOM   209  N N   . HIS A 1 38 ? 16.937  -13.092 -2.256  1.00 34.29 ? 21   HIS A N   1 
ATOM   210  C CA  . HIS A 1 38 ? 18.348  -12.905 -1.949  1.00 46.88 ? 21   HIS A CA  1 
ATOM   211  C C   . HIS A 1 38 ? 18.819  -11.478 -2.239  1.00 54.10 ? 21   HIS A C   1 
ATOM   212  O O   . HIS A 1 38 ? 19.915  -11.105 -1.783  1.00 50.03 ? 21   HIS A O   1 
ATOM   213  C CB  . HIS A 1 38 ? 19.201  -13.947 -2.713  1.00 48.40 ? 21   HIS A CB  1 
ATOM   214  C CG  . HIS A 1 38 ? 18.665  -15.346 -2.617  1.00 50.71 ? 21   HIS A CG  1 
ATOM   215  N ND1 . HIS A 1 38 ? 18.709  -16.084 -1.452  1.00 49.28 ? 21   HIS A ND1 1 
ATOM   216  C CD2 . HIS A 1 38 ? 18.036  -16.126 -3.534  1.00 53.77 ? 21   HIS A CD2 1 
ATOM   217  C CE1 . HIS A 1 38 ? 18.152  -17.266 -1.662  1.00 52.38 ? 21   HIS A CE1 1 
ATOM   218  N NE2 . HIS A 1 38 ? 17.733  -17.316 -2.916  1.00 51.45 ? 21   HIS A NE2 1 
ATOM   219  N N   . TYR A 1 39 ? 18.007  -10.715 -2.995  1.00 58.08 ? 22   TYR A N   1 
ATOM   220  C CA  . TYR A 1 39 ? 18.231  -9.276  -3.252  1.00 63.19 ? 22   TYR A CA  1 
ATOM   221  C C   . TYR A 1 39 ? 16.904  -8.516  -3.137  1.00 68.58 ? 22   TYR A C   1 
ATOM   222  O O   . TYR A 1 39 ? 16.459  -7.845  -4.082  1.00 71.02 ? 22   TYR A O   1 
ATOM   223  C CB  . TYR A 1 39 ? 18.906  -9.011  -4.623  1.00 64.82 ? 22   TYR A CB  1 
HETATM 224  C C   . PYR B 2 1  ? 10.088  -5.144  0.267   1.00 20.76 ? 25   PYR B C   1 
HETATM 225  O O   . PYR B 2 1  ? 9.846   -6.278  -0.216  1.00 21.48 ? 25   PYR B O   1 
HETATM 226  C CA  . PYR B 2 1  ? 11.076  -5.091  1.393   1.00 25.43 ? 25   PYR B CA  1 
HETATM 227  O O3  . PYR B 2 1  ? 11.735  -6.081  1.720   1.00 30.57 ? 25   PYR B O3  1 
HETATM 228  C CB  . PYR B 2 1  ? 11.300  -3.821  2.102   1.00 20.68 ? 25   PYR B CB  1 
ATOM   229  N N   . CYS B 2 2  ? 9.427   -4.061  -0.007  1.00 18.89 ? 26   CYS B N   1 
ATOM   230  C CA  . CYS B 2 2  ? 8.611   -4.148  -1.251  1.00 19.56 ? 26   CYS B CA  1 
ATOM   231  C C   . CYS B 2 2  ? 8.854   -2.962  -2.144  1.00 21.45 ? 26   CYS B C   1 
ATOM   232  O O   . CYS B 2 2  ? 8.528   -1.810  -1.748  1.00 22.05 ? 26   CYS B O   1 
ATOM   233  C CB  . CYS B 2 2  ? 7.124   -4.162  -0.905  1.00 19.55 ? 26   CYS B CB  1 
ATOM   234  S SG  . CYS B 2 2  ? 6.047   -4.473  -2.314  1.00 18.98 ? 26   CYS B SG  1 
ATOM   235  N N   . ALA B 2 3  ? 9.357   -3.225  -3.367  1.00 18.68 ? 27   ALA B N   1 
ATOM   236  C CA  . ALA B 2 3  ? 9.532   -2.153  -4.379  1.00 17.82 ? 27   ALA B CA  1 
ATOM   237  C C   . ALA B 2 3  ? 8.284   -1.997  -5.247  1.00 17.12 ? 27   ALA B C   1 
ATOM   238  O O   . ALA B 2 3  ? 7.712   -2.984  -5.793  1.00 16.84 ? 27   ALA B O   1 
ATOM   239  C CB  . ALA B 2 3  ? 10.763  -2.415  -5.237  1.00 18.41 ? 27   ALA B CB  1 
ATOM   240  N N   . ILE B 2 4  ? 7.885   -0.745  -5.370  1.00 17.07 ? 28   ILE B N   1 
ATOM   241  C CA  . ILE B 2 4  ? 6.634   -0.332  -5.939  1.00 17.13 ? 28   ILE B CA  1 
ATOM   242  C C   . ILE B 2 4  ? 6.866   0.825   -6.950  1.00 17.65 ? 28   ILE B C   1 
ATOM   243  O O   . ILE B 2 4  ? 7.487   1.838   -6.611  1.00 16.79 ? 28   ILE B O   1 
ATOM   244  C CB  . ILE B 2 4  ? 5.698   0.159   -4.813  1.00 17.42 ? 28   ILE B CB  1 
ATOM   245  C CG1 . ILE B 2 4  ? 5.464   -0.968  -3.766  1.00 16.46 ? 28   ILE B CG1 1 
ATOM   246  C CG2 . ILE B 2 4  ? 4.356   0.573   -5.394  1.00 17.50 ? 28   ILE B CG2 1 
ATOM   247  C CD1 . ILE B 2 4  ? 4.797   -0.533  -2.462  1.00 16.05 ? 28   ILE B CD1 1 
ATOM   248  N N   . ASP B 2 5  ? 6.372   0.656   -8.188  1.00 19.87 ? 29   ASP B N   1 
ATOM   249  C CA  . ASP B 2 5  ? 6.306   1.751   -9.198  1.00 19.62 ? 29   ASP B CA  1 
ATOM   250  C C   . ASP B 2 5  ? 5.995   3.048   -8.459  1.00 19.73 ? 29   ASP B C   1 
ATOM   251  O O   . ASP B 2 5  ? 4.916   3.179   -7.847  1.00 17.62 ? 29   ASP B O   1 
ATOM   252  C CB  . ASP B 2 5  ? 5.182   1.444   -10.201 1.00 19.91 ? 29   ASP B CB  1 
ATOM   253  C CG  . ASP B 2 5  ? 5.122   2.403   -11.408 1.00 21.11 ? 29   ASP B CG  1 
ATOM   254  O OD1 . ASP B 2 5  ? 5.387   3.626   -11.267 1.00 23.54 ? 29   ASP B OD1 1 
ATOM   255  O OD2 . ASP B 2 5  ? 4.642   1.923   -12.478 1.00 19.07 ? 29   ASP B OD2 1 
ATOM   256  N N   . GLN B 2 6  ? 6.889   4.026   -8.608  1.00 20.57 ? 30   GLN B N   1 
ATOM   257  C CA  . GLN B 2 6  ? 6.690   5.350   -7.985  1.00 22.10 ? 30   GLN B CA  1 
ATOM   258  C C   . GLN B 2 6  ? 5.353   5.989   -8.341  1.00 19.85 ? 30   GLN B C   1 
ATOM   259  O O   . GLN B 2 6  ? 4.787   6.696   -7.544  1.00 19.74 ? 30   GLN B O   1 
ATOM   260  C CB  . GLN B 2 6  ? 7.829   6.277   -8.368  1.00 25.77 ? 30   GLN B CB  1 
ATOM   261  C CG  . GLN B 2 6  ? 7.819   7.664   -7.719  1.00 27.42 ? 30   GLN B CG  1 
ATOM   262  C CD  . GLN B 2 6  ? 8.140   7.640   -6.232  1.00 29.75 ? 30   GLN B CD  1 
ATOM   263  O OE1 . GLN B 2 6  ? 9.237   7.254   -5.806  1.00 27.79 ? 30   GLN B OE1 1 
ATOM   264  N NE2 . GLN B 2 6  ? 7.167   8.073   -5.426  1.00 31.74 ? 30   GLN B NE2 1 
ATOM   265  N N   . ASP B 2 7  ? 4.810   5.723   -9.518  1.00 19.52 ? 31   ASP B N   1 
ATOM   266  C CA  . ASP B 2 7  ? 3.484   6.282   -9.838  1.00 20.71 ? 31   ASP B CA  1 
ATOM   267  C C   . ASP B 2 7  ? 2.422   5.770   -8.903  1.00 19.30 ? 31   ASP B C   1 
ATOM   268  O O   . ASP B 2 7  ? 1.525   6.514   -8.495  1.00 20.39 ? 31   ASP B O   1 
ATOM   269  C CB  . ASP B 2 7  ? 3.071   5.930   -11.272 1.00 20.74 ? 31   ASP B CB  1 
ATOM   270  C CG  . ASP B 2 7  ? 3.778   6.758   -12.308 1.00 22.33 ? 31   ASP B CG  1 
ATOM   271  O OD1 . ASP B 2 7  ? 4.295   7.832   -11.968 1.00 21.98 ? 31   ASP B OD1 1 
ATOM   272  O OD2 . ASP B 2 7  ? 3.839   6.282   -13.453 1.00 24.25 ? 31   ASP B OD2 1 
ATOM   273  N N   . PHE B 2 8  ? 2.551   4.495   -8.538  1.00 19.82 ? 32   PHE B N   1 
ATOM   274  C CA  . PHE B 2 8  ? 1.602   3.834   -7.641  1.00 21.01 ? 32   PHE B CA  1 
ATOM   275  C C   . PHE B 2 8  ? 1.716   4.422   -6.252  1.00 18.96 ? 32   PHE B C   1 
ATOM   276  O O   . PHE B 2 8  ? 0.717   4.784   -5.658  1.00 19.04 ? 32   PHE B O   1 
ATOM   277  C CB  . PHE B 2 8  ? 1.836   2.294   -7.536  1.00 22.20 ? 32   PHE B CB  1 
ATOM   278  C CG  . PHE B 2 8  ? 1.672   1.523   -8.819  1.00 22.57 ? 32   PHE B CG  1 
ATOM   279  C CD1 . PHE B 2 8  ? 1.283   2.143   -10.028 1.00 23.20 ? 32   PHE B CD1 1 
ATOM   280  C CD2 . PHE B 2 8  ? 1.949   0.165   -8.831  1.00 20.80 ? 32   PHE B CD2 1 
ATOM   281  C CE1 . PHE B 2 8  ? 1.193   1.402   -11.201 1.00 23.56 ? 32   PHE B CE1 1 
ATOM   282  C CE2 . PHE B 2 8  ? 1.882   -0.577  -9.998  1.00 23.27 ? 32   PHE B CE2 1 
ATOM   283  C CZ  . PHE B 2 8  ? 1.474   0.033   -11.196 1.00 21.64 ? 32   PHE B CZ  1 
ATOM   284  N N   . LEU B 2 9  ? 2.946   4.521   -5.746  1.00 17.91 ? 33   LEU B N   1 
ATOM   285  C CA  . LEU B 2 9  ? 3.224   5.236   -4.473  1.00 18.34 ? 33   LEU B CA  1 
ATOM   286  C C   . LEU B 2 9  ? 2.549   6.611   -4.414  1.00 18.75 ? 33   LEU B C   1 
ATOM   287  O O   . LEU B 2 9  ? 1.751   6.878   -3.514  1.00 17.79 ? 33   LEU B O   1 
ATOM   288  C CB  . LEU B 2 9  ? 4.739   5.357   -4.206  1.00 18.23 ? 33   LEU B CB  1 
ATOM   289  C CG  . LEU B 2 9  ? 5.479   4.039   -3.972  1.00 19.37 ? 33   LEU B CG  1 
ATOM   290  C CD1 . LEU B 2 9  ? 6.943   4.354   -3.829  1.00 20.21 ? 33   LEU B CD1 1 
ATOM   291  C CD2 . LEU B 2 9  ? 4.983   3.275   -2.755  1.00 20.29 ? 33   LEU B CD2 1 
ATOM   292  N N   . ASP B 2 10 ? 2.778   7.439   -5.435  1.00 18.92 ? 34   ASP B N   1 
ATOM   293  C CA  . ASP B 2 10 ? 2.168   8.765   -5.457  1.00 21.97 ? 34   ASP B CA  1 
ATOM   294  C C   . ASP B 2 10 ? 0.640   8.704   -5.412  1.00 21.26 ? 34   ASP B C   1 
ATOM   295  O O   . ASP B 2 10 ? 0.028   9.420   -4.641  1.00 22.52 ? 34   ASP B O   1 
ATOM   296  C CB  . ASP B 2 10 ? 2.594   9.551   -6.694  1.00 21.96 ? 34   ASP B CB  1 
ATOM   297  C CG  . ASP B 2 10 ? 4.043   9.981   -6.658  1.00 23.27 ? 34   ASP B CG  1 
ATOM   298  O OD1 . ASP B 2 10 ? 4.822   9.747   -5.679  1.00 23.36 ? 34   ASP B OD1 1 
ATOM   299  O OD2 . ASP B 2 10 ? 4.434   10.536  -7.682  1.00 26.52 ? 34   ASP B OD2 1 
ATOM   300  N N   . ALA B 2 11 ? 0.044   7.846   -6.231  1.00 21.90 ? 35   ALA B N   1 
ATOM   301  C CA  . ALA B 2 11 ? -1.420  7.699   -6.306  1.00 22.53 ? 35   ALA B CA  1 
ATOM   302  C C   . ALA B 2 11 ? -2.051  7.298   -4.944  1.00 22.26 ? 35   ALA B C   1 
ATOM   303  O O   . ALA B 2 11 ? -3.156  7.713   -4.639  1.00 21.31 ? 35   ALA B O   1 
ATOM   304  C CB  . ALA B 2 11 ? -1.790  6.686   -7.398  1.00 23.85 ? 35   ALA B CB  1 
ATOM   305  N N   . ALA B 2 12 ? -1.348  6.474   -4.147  1.00 19.74 ? 36   ALA B N   1 
ATOM   306  C CA  . ALA B 2 12 ? -1.851  6.032   -2.860  1.00 18.50 ? 36   ALA B CA  1 
ATOM   307  C C   . ALA B 2 12 ? -1.377  6.975   -1.737  1.00 19.90 ? 36   ALA B C   1 
ATOM   308  O O   . ALA B 2 12 ? -1.748  6.777   -0.590  1.00 18.37 ? 36   ALA B O   1 
ATOM   309  C CB  . ALA B 2 12 ? -1.345  4.616   -2.610  1.00 18.63 ? 36   ALA B CB  1 
ATOM   310  N N   . GLY B 2 13 ? -0.474  7.922   -2.075  1.00 19.37 ? 37   GLY B N   1 
ATOM   311  C CA  . GLY B 2 13 ? 0.097   8.905   -1.149  1.00 19.93 ? 37   GLY B CA  1 
ATOM   312  C C   . GLY B 2 13 ? 1.198   8.337   -0.259  1.00 20.84 ? 37   GLY B C   1 
ATOM   313  O O   . GLY B 2 13 ? 1.605   8.947   0.718   1.00 19.87 ? 37   GLY B O   1 
ATOM   314  N N   . ILE B 2 14 ? 1.719   7.190   -0.641  1.00 18.87 ? 38   ILE B N   1 
ATOM   315  C CA  . ILE B 2 14 ? 2.703   6.497   0.151   1.00 18.95 ? 38   ILE B CA  1 
ATOM   316  C C   . ILE B 2 14 ? 4.073   7.023   -0.253  1.00 17.08 ? 38   ILE B C   1 
ATOM   317  O O   . ILE B 2 14 ? 4.320   7.200   -1.462  1.00 17.21 ? 38   ILE B O   1 
ATOM   318  C CB  . ILE B 2 14 ? 2.564   4.968   -0.062  1.00 19.21 ? 38   ILE B CB  1 
ATOM   319  C CG1 . ILE B 2 14 ? 1.152   4.492   0.405   1.00 19.96 ? 38   ILE B CG1 1 
ATOM   320  C CG2 . ILE B 2 14 ? 3.718   4.184   0.639   1.00 20.77 ? 38   ILE B CG2 1 
ATOM   321  C CD1 . ILE B 2 14 ? 0.817   3.021   0.051   1.00 18.95 ? 38   ILE B CD1 1 
ATOM   322  N N   . LEU B 2 15 ? 4.956   7.255   0.731   1.00 16.05 ? 39   LEU B N   1 
ATOM   323  C CA  . LEU B 2 15 ? 6.320   7.743   0.471   1.00 16.23 ? 39   LEU B CA  1 
ATOM   324  C C   . LEU B 2 15 ? 7.324   6.618   0.453   1.00 18.50 ? 39   LEU B C   1 
ATOM   325  O O   . LEU B 2 15 ? 7.148   5.604   1.174   1.00 17.13 ? 39   LEU B O   1 
ATOM   326  C CB  . LEU B 2 15 ? 6.738   8.723   1.597   1.00 16.40 ? 39   LEU B CB  1 
ATOM   327  C CG  . LEU B 2 15 ? 5.718   9.849   1.830   1.00 16.77 ? 39   LEU B CG  1 
ATOM   328  C CD1 . LEU B 2 15 ? 6.299   10.663  2.961   1.00 17.02 ? 39   LEU B CD1 1 
ATOM   329  C CD2 . LEU B 2 15 ? 5.551   10.652  0.583   1.00 16.87 ? 39   LEU B CD2 1 
ATOM   330  N N   . GLU B 2 16 ? 8.411   6.814   -0.321  1.00 18.34 ? 40   GLU B N   1 
ATOM   331  C CA  . GLU B 2 16 ? 9.531   5.940   -0.189  1.00 17.95 ? 40   GLU B CA  1 
ATOM   332  C C   . GLU B 2 16 ? 9.940   5.927   1.280   1.00 16.41 ? 40   GLU B C   1 
ATOM   333  O O   . GLU B 2 16 ? 10.017  6.977   1.939   1.00 15.21 ? 40   GLU B O   1 
ATOM   334  C CB  . GLU B 2 16 ? 10.716  6.400   -1.039  1.00 21.24 ? 40   GLU B CB  1 
ATOM   335  C CG  . GLU B 2 16 ? 11.752  5.298   -1.104  1.00 25.81 ? 40   GLU B CG  1 
ATOM   336  C CD  . GLU B 2 16 ? 12.765  5.360   -2.281  1.00 32.26 ? 40   GLU B CD  1 
ATOM   337  O OE1 . GLU B 2 16 ? 13.029  6.506   -2.823  1.00 28.28 ? 40   GLU B OE1 1 
ATOM   338  O OE2 . GLU B 2 16 ? 13.273  4.208   -2.600  1.00 28.65 ? 40   GLU B OE2 1 
ATOM   339  N N   . ASN B 2 17 ? 10.284  4.728   1.753   1.00 16.36 ? 41   ASN B N   1 
ATOM   340  C CA  . ASN B 2 17 ? 10.735  4.461   3.131   1.00 16.87 ? 41   ASN B CA  1 
ATOM   341  C C   . ASN B 2 17 ? 9.629   4.535   4.178   1.00 16.23 ? 41   ASN B C   1 
ATOM   342  O O   . ASN B 2 17 ? 9.896   4.390   5.395   1.00 16.03 ? 41   ASN B O   1 
ATOM   343  C CB  . ASN B 2 17 ? 11.893  5.362   3.513   1.00 16.81 ? 41   ASN B CB  1 
ATOM   344  C CG  . ASN B 2 17 ? 13.134  5.023   2.740   1.00 17.95 ? 41   ASN B CG  1 
ATOM   345  O OD1 . ASN B 2 17 ? 13.425  3.843   2.536   1.00 18.44 ? 41   ASN B OD1 1 
ATOM   346  N ND2 . ASN B 2 17 ? 13.787  6.046   2.175   1.00 17.78 ? 41   ASN B ND2 1 
ATOM   347  N N   . GLU B 2 18 ? 8.380   4.713   3.737   1.00 15.80 ? 42   GLU B N   1 
ATOM   348  C CA  . GLU B 2 18 ? 7.267   4.728   4.687   1.00 15.83 ? 42   GLU B CA  1 
ATOM   349  C C   . GLU B 2 18 ? 6.907   3.281   5.035   1.00 16.48 ? 42   GLU B C   1 
ATOM   350  O O   . GLU B 2 18 ? 6.921   2.382   4.169   1.00 15.50 ? 42   GLU B O   1 
ATOM   351  C CB  . GLU B 2 18 ? 6.073   5.433   4.036   1.00 17.42 ? 42   GLU B CB  1 
ATOM   352  C CG  . GLU B 2 18 ? 4.921   5.683   4.977   1.00 17.38 ? 42   GLU B CG  1 
ATOM   353  C CD  . GLU B 2 18 ? 3.717   6.341   4.363   1.00 18.18 ? 42   GLU B CD  1 
ATOM   354  O OE1 . GLU B 2 18 ? 3.753   6.592   3.132   1.00 20.79 ? 42   GLU B OE1 1 
ATOM   355  O OE2 . GLU B 2 18 ? 2.711   6.580   5.124   1.00 18.35 ? 42   GLU B OE2 1 
ATOM   356  N N   . ALA B 2 19 ? 6.507   3.052   6.279   1.00 16.82 ? 43   ALA B N   1 
ATOM   357  C CA  . ALA B 2 19 ? 5.967   1.747   6.671   1.00 16.87 ? 43   ALA B CA  1 
ATOM   358  C C   . ALA B 2 19 ? 4.712   1.426   5.898   1.00 16.92 ? 43   ALA B C   1 
ATOM   359  O O   . ALA B 2 19 ? 3.855   2.289   5.721   1.00 15.95 ? 43   ALA B O   1 
ATOM   360  C CB  . ALA B 2 19 ? 5.643   1.728   8.161   1.00 16.27 ? 43   ALA B CB  1 
ATOM   361  N N   . ILE B 2 20 ? 4.607   0.186   5.457   1.00 15.88 ? 44   ILE B N   1 
ATOM   362  C CA  . ILE B 2 20 ? 3.421   -0.291  4.784   1.00 16.04 ? 44   ILE B CA  1 
ATOM   363  C C   . ILE B 2 20 ? 2.972   -1.677  5.296   1.00 16.34 ? 44   ILE B C   1 
ATOM   364  O O   . ILE B 2 20 ? 3.808   -2.530  5.642   1.00 14.62 ? 44   ILE B O   1 
ATOM   365  C CB  . ILE B 2 20 ? 3.610   -0.377  3.235   1.00 15.62 ? 44   ILE B CB  1 
ATOM   366  C CG1 . ILE B 2 20 ? 4.895   -1.126  2.893   1.00 15.22 ? 44   ILE B CG1 1 
ATOM   367  C CG2 . ILE B 2 20 ? 3.623   1.031   2.626   1.00 15.00 ? 44   ILE B CG2 1 
ATOM   368  C CD1 . ILE B 2 20 ? 5.115   -1.371  1.419   1.00 16.46 ? 44   ILE B CD1 1 
ATOM   369  N N   . ASP B 2 21 ? 1.656   -1.901  5.238   1.00 15.99 ? 45   ASP B N   1 
ATOM   370  C CA  . ASP B 2 21 ? 1.085   -3.221  5.493   1.00 15.71 ? 45   ASP B CA  1 
ATOM   371  C C   . ASP B 2 21 ? 0.645   -3.803  4.168   1.00 14.10 ? 45   ASP B C   1 
ATOM   372  O O   . ASP B 2 21 ? 0.174   -3.033  3.297   1.00 14.96 ? 45   ASP B O   1 
ATOM   373  C CB  . ASP B 2 21 ? -0.102  -3.105  6.435   1.00 17.19 ? 45   ASP B CB  1 
ATOM   374  C CG  . ASP B 2 21 ? 0.272   -2.451  7.742   1.00 18.74 ? 45   ASP B CG  1 
ATOM   375  O OD1 . ASP B 2 21 ? 1.439   -2.652  8.199   1.00 16.51 ? 45   ASP B OD1 1 
ATOM   376  O OD2 . ASP B 2 21 ? -0.572  -1.681  8.258   1.00 21.02 ? 45   ASP B OD2 1 
ATOM   377  N N   . ILE B 2 22 ? 0.886   -5.104  4.003   1.00 13.03 ? 46   ILE B N   1 
ATOM   378  C CA  . ILE B 2 22 ? 0.560   -5.836  2.831   1.00 14.38 ? 46   ILE B CA  1 
ATOM   379  C C   . ILE B 2 22 ? -0.327  -7.041  3.142   1.00 13.89 ? 46   ILE B C   1 
ATOM   380  O O   . ILE B 2 22 ? 0.020   -7.867  3.979   1.00 14.68 ? 46   ILE B O   1 
ATOM   381  C CB  . ILE B 2 22 ? 1.828   -6.301  2.092   1.00 14.97 ? 46   ILE B CB  1 
ATOM   382  C CG1 . ILE B 2 22 ? 2.693   -5.078  1.758   1.00 16.26 ? 46   ILE B CG1 1 
ATOM   383  C CG2 . ILE B 2 22 ? 1.438   -7.020  0.807   1.00 16.84 ? 46   ILE B CG2 1 
ATOM   384  C CD1 . ILE B 2 22 ? 3.987   -5.352  1.004   1.00 16.33 ? 46   ILE B CD1 1 
ATOM   385  N N   . TRP B 2 23 ? -1.474  -7.123  2.482   1.00 12.80 ? 47   TRP B N   1 
ATOM   386  C CA  . TRP B 2 23 ? -2.479  -8.119  2.797   1.00 14.84 ? 47   TRP B CA  1 
ATOM   387  C C   . TRP B 2 23 ? -2.743  -8.861  1.521   1.00 15.02 ? 47   TRP B C   1 
ATOM   388  O O   . TRP B 2 23 ? -3.142  -8.254  0.532   1.00 15.61 ? 47   TRP B O   1 
ATOM   389  C CB  . TRP B 2 23 ? -3.765  -7.476  3.306   1.00 15.39 ? 47   TRP B CB  1 
ATOM   390  C CG  . TRP B 2 23 ? -3.556  -6.547  4.493   1.00 15.75 ? 47   TRP B CG  1 
ATOM   391  C CD1 . TRP B 2 23 ? -2.785  -6.762  5.604   1.00 15.70 ? 47   TRP B CD1 1 
ATOM   392  C CD2 . TRP B 2 23 ? -4.122  -5.246  4.644   1.00 16.03 ? 47   TRP B CD2 1 
ATOM   393  N NE1 . TRP B 2 23 ? -2.881  -5.697  6.469   1.00 14.89 ? 47   TRP B NE1 1 
ATOM   394  C CE2 . TRP B 2 23 ? -3.698  -4.745  5.891   1.00 16.71 ? 47   TRP B CE2 1 
ATOM   395  C CE3 . TRP B 2 23 ? -4.968  -4.475  3.859   1.00 17.22 ? 47   TRP B CE3 1 
ATOM   396  C CZ2 . TRP B 2 23 ? -4.060  -3.484  6.337   1.00 16.38 ? 47   TRP B CZ2 1 
ATOM   397  C CZ3 . TRP B 2 23 ? -5.326  -3.221  4.308   1.00 18.36 ? 47   TRP B CZ3 1 
ATOM   398  C CH2 . TRP B 2 23 ? -4.842  -2.722  5.527   1.00 17.24 ? 47   TRP B CH2 1 
ATOM   399  N N   . ASN B 2 24 ? -2.463  -10.166 1.536   1.00 15.47 ? 48   ASN B N   1 
ATOM   400  C CA  . ASN B 2 24 ? -2.414  -11.003 0.312   1.00 16.65 ? 48   ASN B CA  1 
ATOM   401  C C   . ASN B 2 24 ? -3.703  -11.753 0.149   1.00 16.46 ? 48   ASN B C   1 
ATOM   402  O O   . ASN B 2 24 ? -4.048  -12.628 0.948   1.00 16.13 ? 48   ASN B O   1 
ATOM   403  C CB  . ASN B 2 24 ? -1.230  -11.943 0.435   1.00 16.44 ? 48   ASN B CB  1 
ATOM   404  C CG  . ASN B 2 24 ? -0.939  -12.751 -0.828  1.00 16.59 ? 48   ASN B CG  1 
ATOM   405  O OD1 . ASN B 2 24 ? -1.841  -13.152 -1.577  1.00 14.22 ? 48   ASN B OD1 1 
ATOM   406  N ND2 . ASN B 2 24 ? 0.363   -12.999 -1.060  1.00 15.59 ? 48   ASN B ND2 1 
ATOM   407  N N   . VAL B 2 25 ? -4.429  -11.397 -0.884  1.00 16.59 ? 49   VAL B N   1 
ATOM   408  C CA  . VAL B 2 25 ? -5.703  -12.010 -1.131  1.00 16.59 ? 49   VAL B CA  1 
ATOM   409  C C   . VAL B 2 25 ? -5.533  -13.442 -1.608  1.00 16.86 ? 49   VAL B C   1 
ATOM   410  O O   . VAL B 2 25 ? -6.356  -14.332 -1.306  1.00 16.35 ? 49   VAL B O   1 
ATOM   411  C CB  . VAL B 2 25 ? -6.519  -11.230 -2.165  1.00 17.69 ? 49   VAL B CB  1 
ATOM   412  C CG1 . VAL B 2 25 ? -7.913  -11.890 -2.374  1.00 19.90 ? 49   VAL B CG1 1 
ATOM   413  C CG2 . VAL B 2 25 ? -6.664  -9.809  -1.746  1.00 16.82 ? 49   VAL B CG2 1 
ATOM   414  N N   . THR B 2 26 ? -4.460  -13.697 -2.341  1.00 15.89 ? 50   THR B N   1 
ATOM   415  C CA  . THR B 2 26 ? -4.231  -15.047 -2.862  1.00 16.59 ? 50   THR B CA  1 
ATOM   416  C C   . THR B 2 26 ? -3.988  -16.133 -1.809  1.00 18.79 ? 50   THR B C   1 
ATOM   417  O O   . THR B 2 26 ? -4.522  -17.273 -1.922  1.00 16.89 ? 50   THR B O   1 
ATOM   418  C CB  . THR B 2 26 ? -3.079  -14.997 -3.871  1.00 17.39 ? 50   THR B CB  1 
ATOM   419  O OG1 . THR B 2 26 ? -3.447  -14.013 -4.888  1.00 16.54 ? 50   THR B OG1 1 
ATOM   420  C CG2 . THR B 2 26 ? -2.907  -16.394 -4.543  1.00 18.10 ? 50   THR B CG2 1 
ATOM   421  N N   . ASN B 2 27 ? -3.242  -15.781 -0.747  1.00 17.87 ? 51   ASN B N   1 
ATOM   422  C CA  . ASN B 2 27 ? -2.848  -16.756 0.284   1.00 17.75 ? 51   ASN B CA  1 
ATOM   423  C C   . ASN B 2 27 ? -3.202  -16.394 1.691   1.00 18.12 ? 51   ASN B C   1 
ATOM   424  O O   . ASN B 2 27 ? -2.905  -17.176 2.613   1.00 18.32 ? 51   ASN B O   1 
ATOM   425  C CB  . ASN B 2 27 ? -1.342  -17.098 0.183   1.00 17.44 ? 51   ASN B CB  1 
ATOM   426  C CG  . ASN B 2 27 ? -0.434  -15.927 0.526   1.00 17.98 ? 51   ASN B CG  1 
ATOM   427  O OD1 . ASN B 2 27 ? -0.833  -14.988 1.209   1.00 15.66 ? 51   ASN B OD1 1 
ATOM   428  N ND2 . ASN B 2 27 ? 0.817   -16.015 0.108   1.00 17.18 ? 51   ASN B ND2 1 
ATOM   429  N N   . GLY B 2 28 ? -3.860  -15.251 1.907   1.00 16.59 ? 52   GLY B N   1 
ATOM   430  C CA  . GLY B 2 28 ? -4.172  -14.850 3.267   1.00 17.08 ? 52   GLY B CA  1 
ATOM   431  C C   . GLY B 2 28 ? -3.139  -14.191 4.142   1.00 17.81 ? 52   GLY B C   1 
ATOM   432  O O   . GLY B 2 28 ? -3.463  -13.748 5.269   1.00 15.99 ? 52   GLY B O   1 
ATOM   433  N N   . LYS B 2 29 ? -1.894  -14.106 3.666   1.00 16.67 ? 53   LYS B N   1 
ATOM   434  C CA  . LYS B 2 29 ? -0.820  -13.678 4.549   1.00 16.99 ? 53   LYS B CA  1 
ATOM   435  C C   . LYS B 2 29 ? -0.886  -12.167 4.721   1.00 15.43 ? 53   LYS B C   1 
ATOM   436  O O   . LYS B 2 29 ? -1.299  -11.433 3.805   1.00 14.79 ? 53   LYS B O   1 
ATOM   437  C CB  . LYS B 2 29 ? 0.548   -14.104 3.981   1.00 19.29 ? 53   LYS B CB  1 
ATOM   438  C CG  . LYS B 2 29 ? 0.816   -15.591 4.179   1.00 20.80 ? 53   LYS B CG  1 
ATOM   439  C CD  . LYS B 2 29 ? 2.130   -16.018 3.599   1.00 25.42 ? 53   LYS B CD  1 
ATOM   440  C CE  . LYS B 2 29 ? 2.223   -17.532 3.446   1.00 29.60 ? 53   LYS B CE  1 
ATOM   441  N NZ  . LYS B 2 29 ? 3.420   -17.916 2.621   1.00 32.01 ? 53   LYS B NZ  1 
ATOM   442  N N   . ARG B 2 30 ? -0.461  -11.731 5.898   1.00 13.29 ? 54   ARG B N   1 
ATOM   443  C CA  . ARG B 2 30 ? -0.485  -10.319 6.285   1.00 15.40 ? 54   ARG B CA  1 
ATOM   444  C C   . ARG B 2 30 ? 0.827   -9.975  6.894   1.00 15.39 ? 54   ARG B C   1 
ATOM   445  O O   . ARG B 2 30 ? 1.284   -10.674 7.789   1.00 15.53 ? 54   ARG B O   1 
ATOM   446  C CB  . ARG B 2 30 ? -1.594  -10.093 7.305   1.00 15.28 ? 54   ARG B CB  1 
ATOM   447  C CG  . ARG B 2 30 ? -2.957  -10.566 6.838   1.00 15.46 ? 54   ARG B CG  1 
ATOM   448  C CD  . ARG B 2 30 ? -4.077  -10.317 7.920   1.00 16.22 ? 54   ARG B CD  1 
ATOM   449  N NE  . ARG B 2 30 ? -4.566  -8.915  7.895   1.00 15.67 ? 54   ARG B NE  1 
ATOM   450  C CZ  . ARG B 2 30 ? -5.457  -8.433  7.043   1.00 15.30 ? 54   ARG B CZ  1 
ATOM   451  N NH1 . ARG B 2 30 ? -5.964  -9.226  6.103   1.00 16.29 ? 54   ARG B NH1 1 
ATOM   452  N NH2 . ARG B 2 30 ? -5.787  -7.151  7.092   1.00 15.01 ? 54   ARG B NH2 1 
ATOM   453  N N   . PHE B 2 31 ? 1.485   -8.946  6.378   1.00 16.10 ? 55   PHE B N   1 
ATOM   454  C CA  . PHE B 2 31 ? 2.794   -8.572  6.902   1.00 15.64 ? 55   PHE B CA  1 
ATOM   455  C C   . PHE B 2 31 ? 3.104   -7.084  6.792   1.00 15.84 ? 55   PHE B C   1 
ATOM   456  O O   . PHE B 2 31 ? 2.430   -6.359  6.053   1.00 17.03 ? 55   PHE B O   1 
ATOM   457  C CB  . PHE B 2 31 ? 3.904   -9.406  6.233   1.00 17.22 ? 55   PHE B CB  1 
ATOM   458  C CG  . PHE B 2 31 ? 4.162   -9.105  4.772   1.00 16.30 ? 55   PHE B CG  1 
ATOM   459  C CD1 . PHE B 2 31 ? 3.403   -9.681  3.800   1.00 16.16 ? 55   PHE B CD1 1 
ATOM   460  C CD2 . PHE B 2 31 ? 5.243   -8.341  4.401   1.00 17.04 ? 55   PHE B CD2 1 
ATOM   461  C CE1 . PHE B 2 31 ? 3.682   -9.490  2.454   1.00 17.31 ? 55   PHE B CE1 1 
ATOM   462  C CE2 . PHE B 2 31 ? 5.532   -8.151  3.079   1.00 19.30 ? 55   PHE B CE2 1 
ATOM   463  C CZ  . PHE B 2 31 ? 4.768   -8.736  2.101   1.00 16.42 ? 55   PHE B CZ  1 
ATOM   464  N N   . SER B 2 32 ? 4.120   -6.641  7.520   1.00 14.96 ? 56   SER B N   1 
ATOM   465  C CA  . SER B 2 32 ? 4.502   -5.235  7.516   1.00 16.32 ? 56   SER B CA  1 
ATOM   466  C C   . SER B 2 32 ? 5.955   -5.052  7.174   1.00 15.77 ? 56   SER B C   1 
ATOM   467  O O   . SER B 2 32 ? 6.834   -5.798  7.617   1.00 14.75 ? 56   SER B O   1 
ATOM   468  C CB  . SER B 2 32 ? 4.209   -4.545  8.855   1.00 17.11 ? 56   SER B CB  1 
ATOM   469  O OG  . SER B 2 32 ? 2.885   -4.699  9.270   1.00 16.05 ? 56   SER B OG  1 
ATOM   470  N N   . THR B 2 33 ? 6.164   -4.062  6.321   1.00 15.60 ? 57   THR B N   1 
ATOM   471  C CA  . THR B 2 33 ? 7.458   -3.775  5.785   1.00 16.78 ? 57   THR B CA  1 
ATOM   472  C C   . THR B 2 33 ? 7.571   -2.275  5.537   1.00 17.58 ? 57   THR B C   1 
ATOM   473  O O   . THR B 2 33 ? 6.900   -1.471  6.220   1.00 15.08 ? 57   THR B O   1 
ATOM   474  C CB  . THR B 2 33 ? 7.763   -4.651  4.534   1.00 18.77 ? 57   THR B CB  1 
ATOM   475  O OG1 . THR B 2 33 ? 9.115   -4.418  4.150   1.00 20.48 ? 57   THR B OG1 1 
ATOM   476  C CG2 . THR B 2 33 ? 6.796   -4.388  3.356   1.00 19.83 ? 57   THR B CG2 1 
ATOM   477  N N   . TYR B 2 34 ? 8.431   -1.885  4.605   1.00 17.10 ? 58   TYR B N   1 
ATOM   478  C CA  . TYR B 2 34 ? 8.463   -0.471  4.173   1.00 17.62 ? 58   TYR B CA  1 
ATOM   479  C C   . TYR B 2 34 ? 8.577   -0.376  2.685   1.00 17.12 ? 58   TYR B C   1 
ATOM   480  O O   . TYR B 2 34 ? 8.909   -1.358  2.035   1.00 18.81 ? 58   TYR B O   1 
ATOM   481  C CB  . TYR B 2 34 ? 9.656   0.282   4.786   1.00 17.06 ? 58   TYR B CB  1 
ATOM   482  C CG  . TYR B 2 34 ? 11.012  -0.270  4.312   1.00 17.47 ? 58   TYR B CG  1 
ATOM   483  C CD1 . TYR B 2 34 ? 11.589  -1.365  4.947   1.00 16.59 ? 58   TYR B CD1 1 
ATOM   484  C CD2 . TYR B 2 34 ? 11.733  0.361   3.315   1.00 17.09 ? 58   TYR B CD2 1 
ATOM   485  C CE1 . TYR B 2 34 ? 12.806  -1.886  4.512   1.00 18.67 ? 58   TYR B CE1 1 
ATOM   486  C CE2 . TYR B 2 34 ? 12.971  -0.130  2.876   1.00 16.52 ? 58   TYR B CE2 1 
ATOM   487  C CZ  . TYR B 2 34 ? 13.493  -1.244  3.477   1.00 18.37 ? 58   TYR B CZ  1 
ATOM   488  O OH  . TYR B 2 34 ? 14.714  -1.750  3.094   1.00 18.10 ? 58   TYR B OH  1 
ATOM   489  N N   . ALA B 2 35 ? 8.242   0.807   2.147   1.00 17.77 ? 59   ALA B N   1 
ATOM   490  C CA  . ALA B 2 35 ? 8.170   1.039   0.678   1.00 17.54 ? 59   ALA B CA  1 
ATOM   491  C C   . ALA B 2 35 ? 9.511   1.434   0.043   1.00 16.62 ? 59   ALA B C   1 
ATOM   492  O O   . ALA B 2 35 ? 10.221  2.337   0.512   1.00 17.36 ? 59   ALA B O   1 
ATOM   493  C CB  . ALA B 2 35 ? 7.136   2.127   0.372   1.00 17.09 ? 59   ALA B CB  1 
ATOM   494  N N   . ILE B 2 36 ? 9.880   0.728   -0.997  1.00 18.86 ? 60   ILE B N   1 
ATOM   495  C CA  . ILE B 2 36 ? 11.034  1.077   -1.826  1.00 18.82 ? 60   ILE B CA  1 
ATOM   496  C C   . ILE B 2 36 ? 10.459  1.551   -3.180  1.00 20.48 ? 60   ILE B C   1 
ATOM   497  O O   . ILE B 2 36 ? 9.469   0.987   -3.712  1.00 20.68 ? 60   ILE B O   1 
ATOM   498  C CB  . ILE B 2 36 ? 11.953  -0.166  -2.011  1.00 20.13 ? 60   ILE B CB  1 
ATOM   499  C CG1 . ILE B 2 36 ? 12.445  -0.663  -0.663  1.00 21.35 ? 60   ILE B CG1 1 
ATOM   500  C CG2 . ILE B 2 36 ? 13.134  0.103   -2.971  1.00 19.39 ? 60   ILE B CG2 1 
ATOM   501  C CD1 . ILE B 2 36 ? 13.091  -2.059  -0.721  1.00 22.08 ? 60   ILE B CD1 1 
ATOM   502  N N   . ALA B 2 37 ? 11.037  2.598   -3.746  1.00 19.56 ? 61   ALA B N   1 
ATOM   503  C CA  . ALA B 2 37 ? 10.549  3.075   -5.023  1.00 22.82 ? 61   ALA B CA  1 
ATOM   504  C C   . ALA B 2 37 ? 11.115  2.221   -6.138  1.00 22.76 ? 61   ALA B C   1 
ATOM   505  O O   . ALA B 2 37 ? 12.302  1.921   -6.093  1.00 21.56 ? 61   ALA B O   1 
ATOM   506  C CB  . ALA B 2 37 ? 10.960  4.528   -5.215  1.00 23.27 ? 61   ALA B CB  1 
ATOM   507  N N   . ALA B 2 38 ? 10.261  1.767   -7.062  1.00 23.57 ? 62   ALA B N   1 
ATOM   508  C CA  . ALA B 2 38 ? 10.669  1.218   -8.367  1.00 22.95 ? 62   ALA B CA  1 
ATOM   509  C C   . ALA B 2 38 ? 10.455  2.292   -9.452  1.00 24.92 ? 62   ALA B C   1 
ATOM   510  O O   . ALA B 2 38 ? 9.751   3.296   -9.236  1.00 21.45 ? 62   ALA B O   1 
ATOM   511  C CB  . ALA B 2 38 ? 9.852   -0.020  -8.724  1.00 24.92 ? 62   ALA B CB  1 
ATOM   512  N N   . GLU B 2 39 ? 11.055  2.077   -10.616 1.00 26.64 ? 63   GLU B N   1 
ATOM   513  C CA  A GLU B 2 39 ? 11.002  3.076   -11.697 0.50 26.46 ? 63   GLU B CA  1 
ATOM   514  C CA  B GLU B 2 39 ? 10.996  3.046   -11.709 0.50 26.56 ? 63   GLU B CA  1 
ATOM   515  C C   . GLU B 2 39 ? 9.555   3.396   -12.078 1.00 25.32 ? 63   GLU B C   1 
ATOM   516  O O   . GLU B 2 39 ? 8.692   2.476   -12.243 1.00 21.93 ? 63   GLU B O   1 
ATOM   517  C CB  A GLU B 2 39 ? 11.773  2.623   -12.947 0.50 27.74 ? 63   GLU B CB  1 
ATOM   518  C CB  B GLU B 2 39 ? 11.735  2.475   -12.917 0.50 28.10 ? 63   GLU B CB  1 
ATOM   519  C CG  A GLU B 2 39 ? 13.288  2.535   -12.800 0.50 28.82 ? 63   GLU B CG  1 
ATOM   520  C CG  B GLU B 2 39 ? 11.564  3.225   -14.223 0.50 29.70 ? 63   GLU B CG  1 
ATOM   521  C CD  A GLU B 2 39 ? 13.991  3.884   -12.866 0.50 31.05 ? 63   GLU B CD  1 
ATOM   522  C CD  B GLU B 2 39 ? 12.671  2.877   -15.196 0.50 30.08 ? 63   GLU B CD  1 
ATOM   523  O OE1 A GLU B 2 39 ? 13.331  4.928   -13.088 0.50 34.55 ? 63   GLU B OE1 1 
ATOM   524  O OE1 B GLU B 2 39 ? 13.839  2.909   -14.777 0.50 31.86 ? 63   GLU B OE1 1 
ATOM   525  O OE2 A GLU B 2 39 ? 15.224  3.908   -12.707 0.50 30.69 ? 63   GLU B OE2 1 
ATOM   526  O OE2 B GLU B 2 39 ? 12.383  2.537   -16.352 0.50 32.12 ? 63   GLU B OE2 1 
ATOM   527  N N   . ARG B 2 40 ? 9.275   4.707   -12.184 1.00 21.74 ? 64   ARG B N   1 
ATOM   528  C CA  . ARG B 2 40 ? 7.976   5.175   -12.669 1.00 23.91 ? 64   ARG B CA  1 
ATOM   529  C C   . ARG B 2 40 ? 7.652   4.495   -13.965 1.00 20.79 ? 64   ARG B C   1 
ATOM   530  O O   . ARG B 2 40 ? 8.498   4.415   -14.845 1.00 21.61 ? 64   ARG B O   1 
ATOM   531  C CB  . ARG B 2 40 ? 7.980   6.683   -12.956 1.00 23.94 ? 64   ARG B CB  1 
ATOM   532  C CG  . ARG B 2 40 ? 7.607   7.502   -11.769 1.00 28.74 ? 64   ARG B CG  1 
ATOM   533  C CD  . ARG B 2 40 ? 7.495   8.997   -12.113 1.00 28.29 ? 64   ARG B CD  1 
ATOM   534  N NE  . ARG B 2 40 ? 7.752   9.761   -10.894 1.00 29.66 ? 64   ARG B NE  1 
ATOM   535  C CZ  . ARG B 2 40 ? 6.828   10.016  -9.970  1.00 30.23 ? 64   ARG B CZ  1 
ATOM   536  N NH1 . ARG B 2 40 ? 5.591   9.568   -10.120 1.00 27.25 ? 64   ARG B NH1 1 
ATOM   537  N NH2 . ARG B 2 40 ? 7.141   10.715  -8.901  1.00 32.70 ? 64   ARG B NH2 1 
ATOM   538  N N   . GLY B 2 41 ? 6.446   3.972   -14.077 1.00 23.06 ? 65   GLY B N   1 
ATOM   539  C CA  . GLY B 2 41 ? 5.967   3.351   -15.320 1.00 21.57 ? 65   GLY B CA  1 
ATOM   540  C C   . GLY B 2 41 ? 6.331   1.874   -15.459 1.00 22.70 ? 65   GLY B C   1 
ATOM   541  O O   . GLY B 2 41 ? 5.858   1.205   -16.403 1.00 21.90 ? 65   GLY B O   1 
ATOM   542  N N   . SER B 2 42 ? 7.142   1.342   -14.527 1.00 21.44 ? 66   SER B N   1 
ATOM   543  C CA  . SER B 2 42 ? 7.585   -0.064  -14.565 1.00 22.70 ? 66   SER B CA  1 
ATOM   544  C C   . SER B 2 42 ? 6.446   -1.033  -14.191 1.00 22.66 ? 66   SER B C   1 
ATOM   545  O O   . SER B 2 42 ? 6.432   -2.200  -14.597 1.00 23.50 ? 66   SER B O   1 
ATOM   546  C CB  . SER B 2 42 ? 8.769   -0.220  -13.612 1.00 24.85 ? 66   SER B CB  1 
ATOM   547  O OG  . SER B 2 42 ? 8.314   -0.123  -12.229 1.00 24.11 ? 66   SER B OG  1 
ATOM   548  N N   . ARG B 2 43 ? 5.469   -0.533  -13.424 1.00 22.69 ? 67   ARG B N   1 
ATOM   549  C CA  . ARG B 2 43 ? 4.319   -1.329  -12.941 1.00 23.71 ? 67   ARG B CA  1 
ATOM   550  C C   . ARG B 2 43 ? 4.751   -2.492  -12.031 1.00 21.80 ? 67   ARG B C   1 
ATOM   551  O O   . ARG B 2 43 ? 3.980   -3.472  -11.802 1.00 21.01 ? 67   ARG B O   1 
ATOM   552  C CB  . ARG B 2 43 ? 3.379   -1.795  -14.105 1.00 25.86 ? 67   ARG B CB  1 
ATOM   553  C CG  . ARG B 2 43 ? 2.703   -0.625  -14.821 1.00 29.95 ? 67   ARG B CG  1 
ATOM   554  C CD  . ARG B 2 43 ? 1.674   -1.079  -15.842 1.00 32.03 ? 67   ARG B CD  1 
ATOM   555  N NE  . ARG B 2 43 ? 2.389   -1.333  -17.065 1.00 47.40 ? 67   ARG B NE  1 
ATOM   556  C CZ  . ARG B 2 43 ? 2.591   -2.525  -17.623 1.00 58.71 ? 67   ARG B CZ  1 
ATOM   557  N NH1 . ARG B 2 43 ? 2.085   -3.641  -17.086 1.00 62.23 ? 67   ARG B NH1 1 
ATOM   558  N NH2 . ARG B 2 43 ? 3.299   -2.589  -18.757 1.00 62.26 ? 67   ARG B NH2 1 
ATOM   559  N N   . ILE B 2 44 ? 5.929   -2.305  -11.417 1.00 20.24 ? 68   ILE B N   1 
ATOM   560  C CA  . ILE B 2 44 ? 6.563   -3.310  -10.554 1.00 21.12 ? 68   ILE B CA  1 
ATOM   561  C C   . ILE B 2 44 ? 5.932   -3.312  -9.171  1.00 22.18 ? 68   ILE B C   1 
ATOM   562  O O   . ILE B 2 44 ? 5.621   -2.230  -8.600  1.00 20.08 ? 68   ILE B O   1 
ATOM   563  C CB  . ILE B 2 44 ? 8.095   -3.103  -10.482 1.00 20.75 ? 68   ILE B CB  1 
ATOM   564  C CG1 . ILE B 2 44 ? 8.742   -3.657  -11.757 1.00 22.79 ? 68   ILE B CG1 1 
ATOM   565  C CG2 . ILE B 2 44 ? 8.746   -3.799  -9.292  1.00 22.88 ? 68   ILE B CG2 1 
ATOM   566  C CD1 . ILE B 2 44 ? 10.153  -3.170  -12.029 1.00 21.42 ? 68   ILE B CD1 1 
ATOM   567  N N   . ILE B 2 45 ? 5.708   -4.547  -8.678  1.00 21.10 ? 69   ILE B N   1 
ATOM   568  C CA  . ILE B 2 45 ? 5.443   -4.832  -7.277  1.00 19.17 ? 69   ILE B CA  1 
ATOM   569  C C   . ILE B 2 45 ? 6.386   -5.996  -6.918  1.00 19.89 ? 69   ILE B C   1 
ATOM   570  O O   . ILE B 2 45 ? 6.147   -7.155  -7.290  1.00 17.17 ? 69   ILE B O   1 
ATOM   571  C CB  . ILE B 2 45 ? 3.965   -5.211  -7.081  1.00 20.20 ? 69   ILE B CB  1 
ATOM   572  C CG1 . ILE B 2 45 ? 3.080   -4.050  -7.576  1.00 19.29 ? 69   ILE B CG1 1 
ATOM   573  C CG2 . ILE B 2 45 ? 3.702   -5.689  -5.627  1.00 18.43 ? 69   ILE B CG2 1 
ATOM   574  C CD1 . ILE B 2 45 ? 3.059   -2.829  -6.674  1.00 20.18 ? 69   ILE B CD1 1 
ATOM   575  N N   . SER B 2 46 ? 7.501   -5.676  -6.265  1.00 19.79 ? 70   SER B N   1 
ATOM   576  C CA  . SER B 2 46 ? 8.537   -6.694  -6.012  1.00 20.67 ? 70   SER B CA  1 
ATOM   577  C C   . SER B 2 46 ? 8.721   -6.911  -4.508  1.00 19.80 ? 70   SER B C   1 
ATOM   578  O O   . SER B 2 46 ? 9.102   -5.973  -3.787  1.00 18.86 ? 70   SER B O   1 
ATOM   579  C CB  . SER B 2 46 ? 9.888   -6.260  -6.630  1.00 21.71 ? 70   SER B CB  1 
ATOM   580  O OG  . SER B 2 46 ? 10.915  -7.110  -6.178  1.00 22.96 ? 70   SER B OG  1 
ATOM   581  N N   . VAL B 2 47 ? 8.519   -8.150  -4.068  1.00 18.04 ? 71   VAL B N   1 
ATOM   582  C CA  . VAL B 2 47 ? 8.746   -8.516  -2.678  1.00 20.52 ? 71   VAL B CA  1 
ATOM   583  C C   . VAL B 2 47 ? 10.178  -9.026  -2.551  1.00 21.25 ? 71   VAL B C   1 
ATOM   584  O O   . VAL B 2 47 ? 10.557  -9.959  -3.231  1.00 21.41 ? 71   VAL B O   1 
ATOM   585  C CB  . VAL B 2 47 ? 7.725   -9.539  -2.129  1.00 20.45 ? 71   VAL B CB  1 
ATOM   586  C CG1 . VAL B 2 47 ? 6.341   -8.923  -2.187  1.00 21.64 ? 71   VAL B CG1 1 
ATOM   587  C CG2 . VAL B 2 47 ? 7.757   -10.869 -2.898  1.00 22.18 ? 71   VAL B CG2 1 
ATOM   588  N N   . GLN B 2 48 ? 10.960  -8.390  -1.687  1.00 20.41 ? 72   GLN B N   1 
ATOM   589  C CA  . GLN B 2 48 ? 12.387  -8.671  -1.581  1.00 21.11 ? 72   GLN B CA  1 
ATOM   590  C C   . GLN B 2 48 ? 12.747  -9.175  -0.198  1.00 20.10 ? 72   GLN B C   1 
ATOM   591  O O   . GLN B 2 48 ? 12.044  -8.867  0.806   1.00 21.97 ? 72   GLN B O   1 
ATOM   592  C CB  . GLN B 2 48 ? 13.182  -7.408  -1.935  1.00 24.57 ? 72   GLN B CB  1 
ATOM   593  C CG  . GLN B 2 48 ? 12.690  -6.860  -3.287  1.00 26.41 ? 72   GLN B CG  1 
ATOM   594  C CD  . GLN B 2 48 ? 13.336  -5.573  -3.797  1.00 29.46 ? 72   GLN B CD  1 
ATOM   595  O OE1 . GLN B 2 48 ? 14.083  -4.882  -3.101  1.00 30.69 ? 72   GLN B OE1 1 
ATOM   596  N NE2 . GLN B 2 48 ? 13.040  -5.253  -5.047  1.00 32.08 ? 72   GLN B NE2 1 
ATOM   597  N N   . GLY B 2 49 ? 13.861  -9.910  -0.135  1.00 17.45 ? 73   GLY B N   1 
ATOM   598  C CA  . GLY B 2 49 ? 14.346  -10.369 1.125   1.00 17.88 ? 73   GLY B CA  1 
ATOM   599  C C   . GLY B 2 49 ? 13.290  -11.293 1.756   1.00 15.95 ? 73   GLY B C   1 
ATOM   600  O O   . GLY B 2 49 ? 12.599  -12.043 1.054   1.00 17.51 ? 73   GLY B O   1 
ATOM   601  N N   . ALA B 2 50 ? 13.160  -11.234 3.081   1.00 17.24 ? 74   ALA B N   1 
ATOM   602  C CA  . ALA B 2 50 ? 12.242  -12.116 3.832   1.00 15.38 ? 74   ALA B CA  1 
ATOM   603  C C   . ALA B 2 50 ? 10.812  -12.066 3.341   1.00 17.08 ? 74   ALA B C   1 
ATOM   604  O O   . ALA B 2 50 ? 10.059  -13.076 3.475   1.00 16.66 ? 74   ALA B O   1 
ATOM   605  C CB  . ALA B 2 50 ? 12.287  -11.761 5.307   1.00 16.45 ? 74   ALA B CB  1 
ATOM   606  N N   . ALA B 2 51 ? 10.404  -10.901 2.801   1.00 15.02 ? 75   ALA B N   1 
ATOM   607  C CA  . ALA B 2 51 ? 9.051   -10.689 2.278   1.00 14.87 ? 75   ALA B CA  1 
ATOM   608  C C   . ALA B 2 51 ? 8.719   -11.596 1.102   1.00 15.61 ? 75   ALA B C   1 
ATOM   609  O O   . ALA B 2 51 ? 7.548   -11.861 0.892   1.00 16.14 ? 75   ALA B O   1 
ATOM   610  C CB  . ALA B 2 51 ? 8.842   -9.224  1.897   1.00 15.50 ? 75   ALA B CB  1 
ATOM   611  N N   . ALA B 2 52 ? 9.747   -12.125 0.414   1.00 15.81 ? 76   ALA B N   1 
ATOM   612  C CA  . ALA B 2 52 ? 9.590   -13.175 -0.629  1.00 15.49 ? 76   ALA B CA  1 
ATOM   613  C C   . ALA B 2 52 ? 8.963   -14.466 -0.097  1.00 17.60 ? 76   ALA B C   1 
ATOM   614  O O   . ALA B 2 52 ? 8.419   -15.196 -0.850  1.00 16.38 ? 76   ALA B O   1 
ATOM   615  C CB  . ALA B 2 52 ? 10.913  -13.447 -1.295  1.00 16.37 ? 76   ALA B CB  1 
ATOM   616  N N   . HIS B 2 53 ? 9.006   -14.714 1.225   1.00 18.06 ? 77   HIS B N   1 
ATOM   617  C CA  . HIS B 2 53 ? 8.276   -15.812 1.836   1.00 17.37 ? 77   HIS B CA  1 
ATOM   618  C C   . HIS B 2 53 ? 6.752   -15.571 1.978   1.00 19.08 ? 77   HIS B C   1 
ATOM   619  O O   . HIS B 2 53 ? 6.023   -16.530 2.316   1.00 19.24 ? 77   HIS B O   1 
ATOM   620  C CB  . HIS B 2 53 ? 8.819   -16.081 3.225   1.00 17.97 ? 77   HIS B CB  1 
ATOM   621  C CG  . HIS B 2 53 ? 10.221  -16.620 3.254   1.00 18.53 ? 77   HIS B CG  1 
ATOM   622  N ND1 . HIS B 2 53 ? 10.520  -17.936 2.961   1.00 21.32 ? 77   HIS B ND1 1 
ATOM   623  C CD2 . HIS B 2 53 ? 11.393  -16.046 3.634   1.00 20.79 ? 77   HIS B CD2 1 
ATOM   624  C CE1 . HIS B 2 53 ? 11.820  -18.136 3.117   1.00 22.03 ? 77   HIS B CE1 1 
ATOM   625  N NE2 . HIS B 2 53 ? 12.373  -17.004 3.533   1.00 20.53 ? 77   HIS B NE2 1 
ATOM   626  N N   . CYS B 2 54 ? 6.267   -14.344 1.704   1.00 16.31 ? 78   CYS B N   1 
ATOM   627  C CA  . CYS B 2 54 ? 4.880   -13.982 1.986   1.00 18.52 ? 78   CYS B CA  1 
ATOM   628  C C   . CYS B 2 54 ? 4.059   -13.791 0.719   1.00 18.43 ? 78   CYS B C   1 
ATOM   629  O O   . CYS B 2 54 ? 2.848   -13.585 0.807   1.00 19.71 ? 78   CYS B O   1 
ATOM   630  C CB  . CYS B 2 54 ? 4.825   -12.670 2.807   1.00 19.79 ? 78   CYS B CB  1 
ATOM   631  S SG  . CYS B 2 54 ? 5.643   -12.820 4.401   1.00 24.00 ? 78   CYS B SG  1 
ATOM   632  N N   . ALA B 2 55 ? 4.728   -13.767 -0.430  1.00 17.24 ? 79   ALA B N   1 
ATOM   633  C CA  . ALA B 2 55 ? 4.041   -13.643 -1.698  1.00 17.96 ? 79   ALA B CA  1 
ATOM   634  C C   . ALA B 2 55 ? 4.878   -14.257 -2.785  1.00 18.32 ? 79   ALA B C   1 
ATOM   635  O O   . ALA B 2 55 ? 6.087   -14.335 -2.684  1.00 16.94 ? 79   ALA B O   1 
ATOM   636  C CB  . ALA B 2 55 ? 3.749   -12.194 -2.039  1.00 18.13 ? 79   ALA B CB  1 
ATOM   637  N N   . SER B 2 56 ? 4.187   -14.673 -3.811  1.00 18.03 ? 80   SER B N   1 
ATOM   638  C CA  . SER B 2 56 ? 4.758   -15.106 -5.080  1.00 18.87 ? 80   SER B CA  1 
ATOM   639  C C   . SER B 2 56 ? 4.262   -14.255 -6.234  1.00 18.20 ? 80   SER B C   1 
ATOM   640  O O   . SER B 2 56 ? 3.251   -13.548 -6.127  1.00 17.05 ? 80   SER B O   1 
ATOM   641  C CB  . SER B 2 56 ? 4.345   -16.505 -5.338  1.00 19.44 ? 80   SER B CB  1 
ATOM   642  O OG  . SER B 2 56 ? 4.747   -17.314 -4.249  1.00 20.41 ? 80   SER B OG  1 
ATOM   643  N N   . VAL B 2 57 ? 4.977   -14.352 -7.344  1.00 20.04 ? 81   VAL B N   1 
ATOM   644  C CA  . VAL B 2 57 ? 4.592   -13.694 -8.591  1.00 19.54 ? 81   VAL B CA  1 
ATOM   645  C C   . VAL B 2 57 ? 3.176   -14.075 -8.912  1.00 20.69 ? 81   VAL B C   1 
ATOM   646  O O   . VAL B 2 57 ? 2.814   -15.257 -8.948  1.00 22.23 ? 81   VAL B O   1 
ATOM   647  C CB  . VAL B 2 57 ? 5.572   -14.032 -9.762  1.00 19.56 ? 81   VAL B CB  1 
ATOM   648  C CG1 . VAL B 2 57 ? 5.058   -13.543 -11.108 1.00 20.68 ? 81   VAL B CG1 1 
ATOM   649  C CG2 . VAL B 2 57 ? 6.978   -13.453 -9.524  1.00 20.14 ? 81   VAL B CG2 1 
ATOM   650  N N   . GLY B 2 58 ? 2.359   -13.074 -9.189  1.00 19.79 ? 82   GLY B N   1 
ATOM   651  C CA  . GLY B 2 58 ? 0.999   -13.296 -9.604  1.00 18.79 ? 82   GLY B CA  1 
ATOM   652  C C   . GLY B 2 58 ? 0.012   -13.092 -8.476  1.00 19.13 ? 82   GLY B C   1 
ATOM   653  O O   . GLY B 2 58 ? -1.217  -12.999 -8.729  1.00 18.15 ? 82   GLY B O   1 
ATOM   654  N N   . ASP B 2 59 ? 0.502   -13.020 -7.236  1.00 17.15 ? 83   ASP B N   1 
ATOM   655  C CA  . ASP B 2 59 ? -0.412  -12.880 -6.100  1.00 17.09 ? 83   ASP B CA  1 
ATOM   656  C C   . ASP B 2 59 ? -1.033  -11.498 -6.141  1.00 17.56 ? 83   ASP B C   1 
ATOM   657  O O   . ASP B 2 59 ? -0.382  -10.525 -6.555  1.00 16.30 ? 83   ASP B O   1 
ATOM   658  C CB  . ASP B 2 59 ? 0.273   -13.052 -4.774  1.00 15.94 ? 83   ASP B CB  1 
ATOM   659  C CG  . ASP B 2 59 ? 0.658   -14.483 -4.453  1.00 17.20 ? 83   ASP B CG  1 
ATOM   660  O OD1 . ASP B 2 59 ? 0.351   -15.434 -5.223  1.00 16.58 ? 83   ASP B OD1 1 
ATOM   661  O OD2 . ASP B 2 59 ? 1.298   -14.638 -3.393  1.00 18.38 ? 83   ASP B OD2 1 
ATOM   662  N N   . ILE B 2 60 ? -2.296  -11.449 -5.717  1.00 17.91 ? 84   ILE B N   1 
ATOM   663  C CA  . ILE B 2 60 ? -3.099  -10.215 -5.637  1.00 19.26 ? 84   ILE B CA  1 
ATOM   664  C C   . ILE B 2 60 ? -3.037  -9.727  -4.184  1.00 17.27 ? 84   ILE B C   1 
ATOM   665  O O   . ILE B 2 60 ? -3.337  -10.484 -3.273  1.00 17.08 ? 84   ILE B O   1 
ATOM   666  C CB  . ILE B 2 60 ? -4.581  -10.476 -6.004  1.00 19.74 ? 84   ILE B CB  1 
ATOM   667  C CG1 . ILE B 2 60 ? -4.691  -11.135 -7.409  1.00 24.48 ? 84   ILE B CG1 1 
ATOM   668  C CG2 . ILE B 2 60 ? -5.475  -9.222  -5.861  1.00 21.32 ? 84   ILE B CG2 1 
ATOM   669  C CD1 . ILE B 2 60 ? -4.060  -10.382 -8.571  1.00 25.37 ? 84   ILE B CD1 1 
ATOM   670  N N   . VAL B 2 61 ? -2.623  -8.474  -3.996  1.00 16.70 ? 85   VAL B N   1 
ATOM   671  C CA  . VAL B 2 61 ? -2.373  -7.944  -2.680  1.00 15.98 ? 85   VAL B CA  1 
ATOM   672  C C   . VAL B 2 61 ? -2.936  -6.538  -2.570  1.00 18.73 ? 85   VAL B C   1 
ATOM   673  O O   . VAL B 2 61 ? -3.114  -5.810  -3.598  1.00 16.26 ? 85   VAL B O   1 
ATOM   674  C CB  . VAL B 2 61 ? -0.856  -7.946  -2.306  1.00 15.47 ? 85   VAL B CB  1 
ATOM   675  C CG1 . VAL B 2 61 ? -0.243  -9.338  -2.482  1.00 16.13 ? 85   VAL B CG1 1 
ATOM   676  C CG2 . VAL B 2 61 ? -0.072  -6.918  -3.072  1.00 14.43 ? 85   VAL B CG2 1 
ATOM   677  N N   . ILE B 2 62 ? -3.218  -6.161  -1.317  1.00 17.68 ? 86   ILE B N   1 
ATOM   678  C CA  . ILE B 2 62 ? -3.500  -4.788  -0.946  1.00 16.96 ? 86   ILE B CA  1 
ATOM   679  C C   . ILE B 2 62 ? -2.295  -4.264  -0.201  1.00 15.82 ? 86   ILE B C   1 
ATOM   680  O O   . ILE B 2 62 ? -1.806  -4.911  0.718   1.00 15.78 ? 86   ILE B O   1 
ATOM   681  C CB  . ILE B 2 62 ? -4.794  -4.617  -0.066  1.00 16.94 ? 86   ILE B CB  1 
ATOM   682  C CG1 . ILE B 2 62 ? -6.059  -4.701  -0.927  1.00 16.62 ? 86   ILE B CG1 1 
ATOM   683  C CG2 . ILE B 2 62 ? -4.841  -3.231  0.588   1.00 17.08 ? 86   ILE B CG2 1 
ATOM   684  C CD1 . ILE B 2 62 ? -6.260  -6.072  -1.532  1.00 16.77 ? 86   ILE B CD1 1 
ATOM   685  N N   . ILE B 2 63 ? -1.810  -3.096  -0.628  1.00 15.58 ? 87   ILE B N   1 
ATOM   686  C CA  . ILE B 2 63 ? -0.734  -2.413  0.068   1.00 15.04 ? 87   ILE B CA  1 
ATOM   687  C C   . ILE B 2 63 ? -1.249  -1.098  0.648   1.00 16.40 ? 87   ILE B C   1 
ATOM   688  O O   . ILE B 2 63 ? -1.766  -0.251  -0.119  1.00 17.29 ? 87   ILE B O   1 
ATOM   689  C CB  . ILE B 2 63 ? 0.432   -2.153  -0.844  1.00 15.31 ? 87   ILE B CB  1 
ATOM   690  C CG1 . ILE B 2 63 ? 0.911   -3.500  -1.439  1.00 16.26 ? 87   ILE B CG1 1 
ATOM   691  C CG2 . ILE B 2 63 ? 1.567   -1.452  -0.074  1.00 16.44 ? 87   ILE B CG2 1 
ATOM   692  C CD1 . ILE B 2 63 ? 2.017   -3.407  -2.471  1.00 16.13 ? 87   ILE B CD1 1 
ATOM   693  N N   . ALA B 2 64 ? -1.088  -0.938  1.977   1.00 16.40 ? 88   ALA B N   1 
ATOM   694  C CA  . ALA B 2 64 ? -1.608  0.199   2.739   1.00 16.25 ? 88   ALA B CA  1 
ATOM   695  C C   . ALA B 2 64 ? -0.557  0.907   3.605   1.00 16.95 ? 88   ALA B C   1 
ATOM   696  O O   . ALA B 2 64 ? 0.380   0.292   4.130   1.00 16.63 ? 88   ALA B O   1 
ATOM   697  C CB  . ALA B 2 64 ? -2.759  -0.279  3.631   1.00 15.77 ? 88   ALA B CB  1 
ATOM   698  N N   . SER B 2 65 ? -0.744  2.224   3.799   1.00 15.52 ? 89   SER B N   1 
ATOM   699  C CA  . SER B 2 65 ? -0.053  2.927   4.822   1.00 16.03 ? 89   SER B CA  1 
ATOM   700  C C   . SER B 2 65 ? -1.048  3.602   5.735   1.00 14.40 ? 89   SER B C   1 
ATOM   701  O O   . SER B 2 65 ? -2.163  3.830   5.369   1.00 14.87 ? 89   SER B O   1 
ATOM   702  C CB  . SER B 2 65 ? 0.972   3.926   4.235   1.00 18.13 ? 89   SER B CB  1 
ATOM   703  O OG  . SER B 2 65 ? 0.460   5.202   3.988   1.00 18.09 ? 89   SER B OG  1 
ATOM   704  N N   . PHE B 2 66 ? -0.591  3.882   6.940   1.00 15.43 ? 90   PHE B N   1 
ATOM   705  C CA  . PHE B 2 66 ? -1.391  4.433   8.014   1.00 14.95 ? 90   PHE B CA  1 
ATOM   706  C C   . PHE B 2 66 ? -0.657  5.625   8.568   1.00 15.46 ? 90   PHE B C   1 
ATOM   707  O O   . PHE B 2 66 ? 0.587   5.626   8.672   1.00 14.68 ? 90   PHE B O   1 
ATOM   708  C CB  . PHE B 2 66 ? -1.636  3.382   9.130   1.00 15.83 ? 90   PHE B CB  1 
ATOM   709  C CG  . PHE B 2 66 ? -2.677  2.363   8.772   1.00 16.13 ? 90   PHE B CG  1 
ATOM   710  C CD1 . PHE B 2 66 ? -2.346  1.231   8.027   1.00 17.95 ? 90   PHE B CD1 1 
ATOM   711  C CD2 . PHE B 2 66 ? -3.971  2.533   9.147   1.00 15.99 ? 90   PHE B CD2 1 
ATOM   712  C CE1 . PHE B 2 66 ? -3.340  0.290   7.701   1.00 18.29 ? 90   PHE B CE1 1 
ATOM   713  C CE2 . PHE B 2 66 ? -4.945  1.618   8.824   1.00 16.50 ? 90   PHE B CE2 1 
ATOM   714  C CZ  . PHE B 2 66 ? -4.633  0.482   8.097   1.00 17.47 ? 90   PHE B CZ  1 
ATOM   715  N N   . VAL B 2 67 ? -1.433  6.639   8.952   1.00 15.39 ? 91   VAL B N   1 
ATOM   716  C CA  . VAL B 2 67 ? -0.891  7.849   9.557   1.00 16.32 ? 91   VAL B CA  1 
ATOM   717  C C   . VAL B 2 67 ? -1.664  8.178   10.848  1.00 16.58 ? 91   VAL B C   1 
ATOM   718  O O   . VAL B 2 67 ? -2.763  7.672   11.096  1.00 16.82 ? 91   VAL B O   1 
ATOM   719  C CB  . VAL B 2 67 ? -0.854  9.047   8.553   1.00 16.99 ? 91   VAL B CB  1 
ATOM   720  C CG1 . VAL B 2 67 ? 0.184   8.816   7.451   1.00 16.60 ? 91   VAL B CG1 1 
ATOM   721  C CG2 . VAL B 2 67 ? -2.262  9.408   7.976   1.00 17.07 ? 91   VAL B CG2 1 
ATOM   722  N N   . THR B 2 68 ? -1.092  9.064   11.650  1.00 17.46 ? 92   THR B N   1 
ATOM   723  C CA  . THR B 2 68 ? -1.750  9.523   12.860  1.00 17.99 ? 92   THR B CA  1 
ATOM   724  C C   . THR B 2 68 ? -2.034  10.996  12.787  1.00 18.64 ? 92   THR B C   1 
ATOM   725  O O   . THR B 2 68 ? -1.391  11.800  12.054  1.00 18.65 ? 92   THR B O   1 
ATOM   726  C CB  . THR B 2 68 ? -0.940  9.238   14.143  1.00 17.31 ? 92   THR B CB  1 
ATOM   727  O OG1 . THR B 2 68 ? 0.341   9.849   14.009  1.00 19.16 ? 92   THR B OG1 1 
ATOM   728  C CG2 . THR B 2 68 ? -0.760  7.715   14.369  1.00 16.62 ? 92   THR B CG2 1 
ATOM   729  N N   . MET B 2 69 ? -3.078  11.337  13.508  1.00 18.36 ? 93   MET B N   1 
ATOM   730  C CA  . MET B 2 69 ? -3.537  12.725  13.545  1.00 18.39 ? 93   MET B CA  1 
ATOM   731  C C   . MET B 2 69 ? -4.535  12.863  14.697  1.00 18.55 ? 93   MET B C   1 
ATOM   732  O O   . MET B 2 69 ? -5.110  11.861  15.176  1.00 18.07 ? 93   MET B O   1 
ATOM   733  C CB  . MET B 2 69 ? -4.259  13.091  12.235  1.00 18.62 ? 93   MET B CB  1 
ATOM   734  C CG  . MET B 2 69 ? -5.561  12.314  12.029  1.00 17.54 ? 93   MET B CG  1 
ATOM   735  S SD  . MET B 2 69 ? -6.140  12.373  10.334  1.00 18.96 ? 93   MET B SD  1 
ATOM   736  C CE  . MET B 2 69 ? -4.877  11.354  9.555   1.00 17.64 ? 93   MET B CE  1 
ATOM   737  N N   . PRO B 2 70 ? -4.820  14.113  15.082  1.00 19.54 ? 94   PRO B N   1 
ATOM   738  C CA  . PRO B 2 70 ? -5.801  14.272  16.153  1.00 20.78 ? 94   PRO B CA  1 
ATOM   739  C C   . PRO B 2 70 ? -7.211  13.867  15.783  1.00 21.06 ? 94   PRO B C   1 
ATOM   740  O O   . PRO B 2 70 ? -7.602  13.882  14.595  1.00 20.30 ? 94   PRO B O   1 
ATOM   741  C CB  . PRO B 2 70 ? -5.716  15.781  16.527  1.00 23.78 ? 94   PRO B CB  1 
ATOM   742  C CG  . PRO B 2 70 ? -4.376  16.256  15.992  1.00 22.93 ? 94   PRO B CG  1 
ATOM   743  C CD  . PRO B 2 70 ? -4.007  15.327  14.850  1.00 21.36 ? 94   PRO B CD  1 
ATOM   744  N N   . ASP B 2 71 ? -7.993  13.554  16.817  1.00 21.37 ? 95   ASP B N   1 
ATOM   745  C CA  . ASP B 2 71 ? -9.381  13.108  16.641  1.00 23.75 ? 95   ASP B CA  1 
ATOM   746  C C   . ASP B 2 71 ? -10.178 13.994  15.659  1.00 26.39 ? 95   ASP B C   1 
ATOM   747  O O   . ASP B 2 71 ? -10.891 13.500  14.794  1.00 24.25 ? 95   ASP B O   1 
ATOM   748  C CB  . ASP B 2 71 ? -10.094 13.041  17.978  1.00 25.19 ? 95   ASP B CB  1 
ATOM   749  C CG  . ASP B 2 71 ? -11.502 12.453  17.876  1.00 25.42 ? 95   ASP B CG  1 
ATOM   750  O OD1 . ASP B 2 71 ? -11.664 11.417  17.248  1.00 22.91 ? 95   ASP B OD1 1 
ATOM   751  O OD2 . ASP B 2 71 ? -12.470 13.016  18.430  1.00 24.59 ? 95   ASP B OD2 1 
ATOM   752  N N   . GLU B 2 72 ? -10.034 15.306  15.796  1.00 27.64 ? 96   GLU B N   1 
ATOM   753  C CA  . GLU B 2 72 ? -10.861 16.242  15.043  1.00 28.47 ? 96   GLU B CA  1 
ATOM   754  C C   . GLU B 2 72 ? -10.496 16.154  13.558  1.00 26.17 ? 96   GLU B C   1 
ATOM   755  O O   . GLU B 2 72 ? -11.362 16.027  12.694  1.00 26.61 ? 96   GLU B O   1 
ATOM   756  C CB  . GLU B 2 72 ? -10.645 17.667  15.579  1.00 33.73 ? 96   GLU B CB  1 
ATOM   757  C CG  . GLU B 2 72 ? -11.134 18.732  14.598  1.00 41.73 ? 96   GLU B CG  1 
ATOM   758  C CD  . GLU B 2 72 ? -11.449 20.054  15.269  1.00 49.05 ? 96   GLU B CD  1 
ATOM   759  O OE1 . GLU B 2 72 ? -12.309 20.052  16.187  1.00 54.38 ? 96   GLU B OE1 1 
ATOM   760  O OE2 . GLU B 2 72 ? -10.822 21.075  14.882  1.00 55.60 ? 96   GLU B OE2 1 
ATOM   761  N N   . GLU B 2 73 ? -9.205  16.210  13.264  1.00 25.51 ? 97   GLU B N   1 
ATOM   762  C CA  . GLU B 2 73 ? -8.733  16.010  11.901  1.00 27.18 ? 97   GLU B CA  1 
ATOM   763  C C   . GLU B 2 73 ? -9.156  14.661  11.315  1.00 24.20 ? 97   GLU B C   1 
ATOM   764  O O   . GLU B 2 73 ? -9.376  14.532  10.087  1.00 23.61 ? 97   GLU B O   1 
ATOM   765  C CB  . GLU B 2 73 ? -7.219  16.167  11.845  1.00 32.58 ? 97   GLU B CB  1 
ATOM   766  C CG  . GLU B 2 73 ? -6.744  17.628  11.896  1.00 35.14 ? 97   GLU B CG  1 
ATOM   767  C CD  . GLU B 2 73 ? -6.734  18.205  13.308  1.00 43.08 ? 97   GLU B CD  1 
ATOM   768  O OE1 . GLU B 2 73 ? -7.275  17.583  14.258  1.00 44.55 ? 97   GLU B OE1 1 
ATOM   769  O OE2 . GLU B 2 73 ? -6.179  19.305  13.483  1.00 59.36 ? 97   GLU B OE2 1 
ATOM   770  N N   . ALA B 2 74 ? -9.225  13.627  12.157  1.00 23.01 ? 98   ALA B N   1 
ATOM   771  C CA  . ALA B 2 74 ? -9.607  12.295  11.634  1.00 21.76 ? 98   ALA B CA  1 
ATOM   772  C C   . ALA B 2 74 ? -11.069 12.214  11.112  1.00 23.35 ? 98   ALA B C   1 
ATOM   773  O O   . ALA B 2 74 ? -11.383 11.344  10.270  1.00 21.74 ? 98   ALA B O   1 
ATOM   774  C CB  . ALA B 2 74 ? -9.369  11.225  12.691  1.00 22.26 ? 98   ALA B CB  1 
ATOM   775  N N   . ARG B 2 75 ? -11.968 13.063  11.627  1.00 23.01 ? 99   ARG B N   1 
ATOM   776  C CA  . ARG B 2 75 ? -13.386 12.987  11.237  1.00 23.85 ? 99   ARG B CA  1 
ATOM   777  C C   . ARG B 2 75 ? -13.662 13.344  9.762   1.00 24.03 ? 99   ARG B C   1 
ATOM   778  O O   . ARG B 2 75 ? -14.607 12.829  9.163   1.00 26.39 ? 99   ARG B O   1 
ATOM   779  C CB  . ARG B 2 75 ? -14.271 13.907  12.113  1.00 27.20 ? 99   ARG B CB  1 
ATOM   780  C CG  . ARG B 2 75 ? -14.109 13.793  13.626  1.00 24.60 ? 99   ARG B CG  1 
ATOM   781  C CD  . ARG B 2 75 ? -13.983 12.347  14.056  1.00 25.39 ? 99   ARG B CD  1 
ATOM   782  N NE  . ARG B 2 75 ? -13.968 12.248  15.485  1.00 22.64 ? 99   ARG B NE  1 
ATOM   783  C CZ  . ARG B 2 75 ? -15.046 12.210  16.234  1.00 23.06 ? 99   ARG B CZ  1 
ATOM   784  N NH1 . ARG B 2 75 ? -16.274 12.231  15.688  1.00 22.87 ? 99   ARG B NH1 1 
ATOM   785  N NH2 . ARG B 2 75 ? -14.898 12.115  17.542  1.00 22.70 ? 99   ARG B NH2 1 
ATOM   786  N N   . THR B 2 76 ? -12.823 14.168  9.160   1.00 25.35 ? 100  THR B N   1 
ATOM   787  C CA  . THR B 2 76 ? -12.977 14.480  7.713   1.00 29.11 ? 100  THR B CA  1 
ATOM   788  C C   . THR B 2 76 ? -11.823 13.962  6.837   1.00 27.11 ? 100  THR B C   1 
ATOM   789  O O   . THR B 2 76 ? -11.678 14.351  5.683   1.00 25.40 ? 100  THR B O   1 
ATOM   790  C CB  . THR B 2 76 ? -13.074 15.981  7.497   1.00 31.36 ? 100  THR B CB  1 
ATOM   791  O OG1 . THR B 2 76 ? -11.899 16.577  8.047   1.00 36.40 ? 100  THR B OG1 1 
ATOM   792  C CG2 . THR B 2 76 ? -14.376 16.527  8.176   1.00 34.55 ? 100  THR B CG2 1 
ATOM   793  N N   . TRP B 2 77 ? -11.013 13.065  7.389   1.00 24.52 ? 101  TRP B N   1 
ATOM   794  C CA  . TRP B 2 77 ? -9.921  12.466  6.641   1.00 20.37 ? 101  TRP B CA  1 
ATOM   795  C C   . TRP B 2 77 ? -10.389 11.688  5.405   1.00 18.75 ? 101  TRP B C   1 
ATOM   796  O O   . TRP B 2 77 ? -11.371 10.943  5.454   1.00 21.09 ? 101  TRP B O   1 
ATOM   797  C CB  . TRP B 2 77 ? -9.173  11.542  7.579   1.00 19.22 ? 101  TRP B CB  1 
ATOM   798  C CG  . TRP B 2 77 ? -7.978  10.953  6.973   1.00 18.70 ? 101  TRP B CG  1 
ATOM   799  C CD1 . TRP B 2 77 ? -7.826  9.650   6.573   1.00 19.40 ? 101  TRP B CD1 1 
ATOM   800  C CD2 . TRP B 2 77 ? -6.749  11.620  6.686   1.00 18.96 ? 101  TRP B CD2 1 
ATOM   801  N NE1 . TRP B 2 77 ? -6.569  9.474   6.076   1.00 19.16 ? 101  TRP B NE1 1 
ATOM   802  C CE2 . TRP B 2 77 ? -5.882  10.659  6.133   1.00 18.46 ? 101  TRP B CE2 1 
ATOM   803  C CE3 . TRP B 2 77 ? -6.275  12.937  6.886   1.00 19.33 ? 101  TRP B CE3 1 
ATOM   804  C CZ2 . TRP B 2 77 ? -4.570  10.963  5.744   1.00 20.08 ? 101  TRP B CZ2 1 
ATOM   805  C CZ3 . TRP B 2 77 ? -4.994  13.253  6.501   1.00 20.08 ? 101  TRP B CZ3 1 
ATOM   806  C CH2 . TRP B 2 77 ? -4.128  12.256  5.934   1.00 22.11 ? 101  TRP B CH2 1 
ATOM   807  N N   . ARG B 2 78 ? -9.659  11.799  4.304   1.00 19.58 ? 102  ARG B N   1 
ATOM   808  C CA  . ARG B 2 78 ? -9.995  11.049  3.090   1.00 21.17 ? 102  ARG B CA  1 
ATOM   809  C C   . ARG B 2 78 ? -8.739  10.255  2.682   1.00 19.99 ? 102  ARG B C   1 
ATOM   810  O O   . ARG B 2 78 ? -7.707  10.854  2.348   1.00 19.44 ? 102  ARG B O   1 
ATOM   811  C CB  . ARG B 2 78 ? -10.405 12.025  1.934   1.00 24.54 ? 102  ARG B CB  1 
ATOM   812  C CG  . ARG B 2 78 ? -10.633 11.427  0.542   1.00 29.65 ? 102  ARG B CG  1 
ATOM   813  C CD  . ARG B 2 78 ? -10.357 12.380  -0.661  1.00 31.55 ? 102  ARG B CD  1 
ATOM   814  N NE  . ARG B 2 78 ? -9.014  12.936  -0.486  1.00 36.46 ? 102  ARG B NE  1 
ATOM   815  C CZ  . ARG B 2 78 ? -7.866  12.350  -0.857  1.00 37.93 ? 102  ARG B CZ  1 
ATOM   816  N NH1 . ARG B 2 78 ? -7.860  11.217  -1.610  1.00 34.96 ? 102  ARG B NH1 1 
ATOM   817  N NH2 . ARG B 2 78 ? -6.713  12.960  -0.530  1.00 37.04 ? 102  ARG B NH2 1 
ATOM   818  N N   . PRO B 2 79 ? -8.827  8.917   2.714   1.00 19.27 ? 103  PRO B N   1 
ATOM   819  C CA  . PRO B 2 79 ? -7.739  8.086   2.225   1.00 20.91 ? 103  PRO B CA  1 
ATOM   820  C C   . PRO B 2 79 ? -7.589  8.122   0.720   1.00 21.36 ? 103  PRO B C   1 
ATOM   821  O O   . PRO B 2 79 ? -8.563  8.282   -0.004  1.00 23.35 ? 103  PRO B O   1 
ATOM   822  C CB  . PRO B 2 79 ? -8.146  6.655   2.623   1.00 19.62 ? 103  PRO B CB  1 
ATOM   823  C CG  . PRO B 2 79 ? -9.163  6.851   3.675   1.00 20.73 ? 103  PRO B CG  1 
ATOM   824  C CD  . PRO B 2 79 ? -9.864  8.124   3.398   1.00 19.37 ? 103  PRO B CD  1 
ATOM   825  N N   . ASN B 2 80 ? -6.369  7.935   0.266   1.00 20.60 ? 104  ASN B N   1 
ATOM   826  C CA  . ASN B 2 80 ? -6.103  7.738   -1.147  1.00 21.54 ? 104  ASN B CA  1 
ATOM   827  C C   . ASN B 2 80 ? -6.334  6.247   -1.482  1.00 24.30 ? 104  ASN B C   1 
ATOM   828  O O   . ASN B 2 80 ? -6.004  5.344   -0.694  1.00 25.43 ? 104  ASN B O   1 
ATOM   829  C CB  . ASN B 2 80 ? -4.676  8.145   -1.474  1.00 20.54 ? 104  ASN B CB  1 
ATOM   830  C CG  . ASN B 2 80 ? -4.428  9.629   -1.271  1.00 20.26 ? 104  ASN B CG  1 
ATOM   831  O OD1 . ASN B 2 80 ? -5.134  10.453  -1.821  1.00 20.23 ? 104  ASN B OD1 1 
ATOM   832  N ND2 . ASN B 2 80 ? -3.399  9.971   -0.516  1.00 20.01 ? 104  ASN B ND2 1 
ATOM   833  N N   . VAL B 2 81 ? -6.978  5.980   -2.599  1.00 24.72 ? 105  VAL B N   1 
ATOM   834  C CA  . VAL B 2 81 ? -7.133  4.588   -3.035  1.00 26.82 ? 105  VAL B CA  1 
ATOM   835  C C   . VAL B 2 81 ? -6.806  4.559   -4.513  1.00 31.12 ? 105  VAL B C   1 
ATOM   836  O O   . VAL B 2 81 ? -7.370  5.361   -5.273  1.00 31.07 ? 105  VAL B O   1 
ATOM   837  C CB  . VAL B 2 81 ? -8.563  4.023   -2.835  1.00 30.86 ? 105  VAL B CB  1 
ATOM   838  C CG1 . VAL B 2 81 ? -8.556  2.545   -3.215  1.00 32.94 ? 105  VAL B CG1 1 
ATOM   839  C CG2 . VAL B 2 81 ? -9.066  4.157   -1.388  1.00 30.28 ? 105  VAL B CG2 1 
ATOM   840  N N   . ALA B 2 82 ? -5.878  3.680   -4.897  1.00 26.89 ? 106  ALA B N   1 
ATOM   841  C CA  . ALA B 2 82 ? -5.584  3.389   -6.293  1.00 25.67 ? 106  ALA B CA  1 
ATOM   842  C C   . ALA B 2 82 ? -6.104  1.946   -6.664  1.00 28.39 ? 106  ALA B C   1 
ATOM   843  O O   . ALA B 2 82 ? -5.859  0.958   -5.921  1.00 23.95 ? 106  ALA B O   1 
ATOM   844  C CB  . ALA B 2 82 ? -4.106  3.552   -6.569  1.00 25.67 ? 106  ALA B CB  1 
ATOM   845  N N   . TYR B 2 83 ? -6.814  1.884   -7.798  1.00 25.64 ? 107  TYR B N   1 
ATOM   846  C CA  . TYR B 2 83 ? -7.440  0.692   -8.344  1.00 29.16 ? 107  TYR B CA  1 
ATOM   847  C C   . TYR B 2 83 ? -6.706  0.268   -9.597  1.00 29.12 ? 107  TYR B C   1 
ATOM   848  O O   . TYR B 2 83 ? -6.057  1.106   -10.267 1.00 26.46 ? 107  TYR B O   1 
ATOM   849  C CB  . TYR B 2 83 ? -8.920  0.964   -8.627  1.00 31.03 ? 107  TYR B CB  1 
ATOM   850  C CG  . TYR B 2 83 ? -9.746  1.083   -7.355  1.00 33.71 ? 107  TYR B CG  1 
ATOM   851  C CD1 . TYR B 2 83 ? -10.217 -0.035  -6.715  1.00 37.07 ? 107  TYR B CD1 1 
ATOM   852  C CD2 . TYR B 2 83 ? -10.075 2.331   -6.811  1.00 38.91 ? 107  TYR B CD2 1 
ATOM   853  C CE1 . TYR B 2 83 ? -10.992 0.050   -5.550  1.00 41.46 ? 107  TYR B CE1 1 
ATOM   854  C CE2 . TYR B 2 83 ? -10.861 2.438   -5.647  1.00 39.09 ? 107  TYR B CE2 1 
ATOM   855  C CZ  . TYR B 2 83 ? -11.323 1.291   -5.021  1.00 45.41 ? 107  TYR B CZ  1 
ATOM   856  O OH  . TYR B 2 83 ? -12.098 1.337   -3.848  1.00 53.46 ? 107  TYR B OH  1 
ATOM   857  N N   . PHE B 2 84 ? -6.731  -1.043  -9.880  1.00 28.32 ? 108  PHE B N   1 
ATOM   858  C CA  . PHE B 2 84 ? -5.935  -1.581  -10.983 1.00 30.78 ? 108  PHE B CA  1 
ATOM   859  C C   . PHE B 2 84 ? -6.713  -2.555  -11.845 1.00 34.84 ? 108  PHE B C   1 
ATOM   860  O O   . PHE B 2 84 ? -7.659  -3.156  -11.379 1.00 33.37 ? 108  PHE B O   1 
ATOM   861  C CB  . PHE B 2 84 ? -4.650  -2.246  -10.459 1.00 28.83 ? 108  PHE B CB  1 
ATOM   862  C CG  . PHE B 2 84 ? -3.719  -1.281  -9.766  1.00 27.91 ? 108  PHE B CG  1 
ATOM   863  C CD1 . PHE B 2 84 ? -3.892  -0.975  -8.422  1.00 30.50 ? 108  PHE B CD1 1 
ATOM   864  C CD2 . PHE B 2 84 ? -2.697  -0.671  -10.453 1.00 29.07 ? 108  PHE B CD2 1 
ATOM   865  C CE1 . PHE B 2 84 ? -3.079  -0.075  -7.788  1.00 27.30 ? 108  PHE B CE1 1 
ATOM   866  C CE2 . PHE B 2 84 ? -1.851  0.211   -9.826  1.00 30.00 ? 108  PHE B CE2 1 
ATOM   867  C CZ  . PHE B 2 84 ? -2.048  0.533   -8.503  1.00 29.35 ? 108  PHE B CZ  1 
ATOM   868  N N   . GLU B 2 85 ? -6.313  -2.668  -13.114 1.00 37.83 ? 109  GLU B N   1 
ATOM   869  C CA  . GLU B 2 85 ? -6.880  -3.647  -14.021 1.00 43.20 ? 109  GLU B CA  1 
ATOM   870  C C   . GLU B 2 85 ? -5.761  -4.281  -14.822 1.00 43.82 ? 109  GLU B C   1 
ATOM   871  O O   . GLU B 2 85 ? -4.677  -3.723  -14.982 1.00 38.52 ? 109  GLU B O   1 
ATOM   872  C CB  . GLU B 2 85 ? -7.954  -3.033  -14.957 1.00 45.69 ? 109  GLU B CB  1 
ATOM   873  C CG  . GLU B 2 85 ? -7.463  -1.992  -15.977 1.00 49.90 ? 109  GLU B CG  1 
ATOM   874  C CD  . GLU B 2 85 ? -8.593  -1.166  -16.600 1.00 52.04 ? 109  GLU B CD  1 
ATOM   875  O OE1 . GLU B 2 85 ? -9.757  -1.621  -16.613 1.00 57.41 ? 109  GLU B OE1 1 
ATOM   876  O OE2 . GLU B 2 85 ? -8.330  -0.041  -17.070 1.00 52.59 ? 109  GLU B OE2 1 
ATOM   877  N N   . GLY B 2 86 ? -6.065  -5.474  -15.314 1.00 47.41 ? 110  GLY B N   1 
ATOM   878  C CA  . GLY B 2 86 ? -5.143  -6.272  -16.094 1.00 43.20 ? 110  GLY B CA  1 
ATOM   879  C C   . GLY B 2 86 ? -3.785  -6.428  -15.460 1.00 35.08 ? 110  GLY B C   1 
ATOM   880  O O   . GLY B 2 86 ? -3.633  -6.925  -14.343 1.00 42.92 ? 110  GLY B O   1 
ATOM   881  N N   . ASP B 2 87 ? -2.806  -5.937  -16.181 1.00 34.62 ? 111  ASP B N   1 
ATOM   882  C CA  . ASP B 2 87 ? -1.442  -6.085  -15.794 1.00 37.29 ? 111  ASP B CA  1 
ATOM   883  C C   . ASP B 2 87 ? -0.980  -4.825  -15.004 1.00 29.55 ? 111  ASP B C   1 
ATOM   884  O O   . ASP B 2 87 ? -0.079  -4.093  -15.389 1.00 28.47 ? 111  ASP B O   1 
ATOM   885  C CB  . ASP B 2 87 ? -0.609  -6.382  -17.040 1.00 42.40 ? 111  ASP B CB  1 
ATOM   886  C CG  . ASP B 2 87 ? 0.832   -6.574  -16.723 1.00 49.61 ? 111  ASP B CG  1 
ATOM   887  O OD1 . ASP B 2 87 ? 1.149   -7.063  -15.599 1.00 59.51 ? 111  ASP B OD1 1 
ATOM   888  O OD2 . ASP B 2 87 ? 1.654   -6.178  -17.577 1.00 59.80 ? 111  ASP B OD2 1 
ATOM   889  N N   . ASN B 2 88 ? -1.597  -4.617  -13.854 1.00 26.90 ? 112  ASN B N   1 
ATOM   890  C CA  . ASN B 2 88 ? -1.229  -3.500  -13.006 1.00 23.78 ? 112  ASN B CA  1 
ATOM   891  C C   . ASN B 2 88 ? -1.414  -2.158  -13.702 1.00 23.86 ? 112  ASN B C   1 
ATOM   892  O O   . ASN B 2 88 ? -0.575  -1.231  -13.570 1.00 21.21 ? 112  ASN B O   1 
ATOM   893  C CB  . ASN B 2 88 ? 0.216   -3.661  -12.536 1.00 23.69 ? 112  ASN B CB  1 
ATOM   894  C CG  . ASN B 2 88 ? 0.342   -4.599  -11.353 1.00 21.65 ? 112  ASN B CG  1 
ATOM   895  O OD1 . ASN B 2 88 ? -0.667  -5.135  -10.837 1.00 21.81 ? 112  ASN B OD1 1 
ATOM   896  N ND2 . ASN B 2 88 ? 1.570   -4.808  -10.913 1.00 21.67 ? 112  ASN B ND2 1 
ATOM   897  N N   . GLU B 2 89 ? -2.481  -2.062  -14.490 1.00 26.17 ? 113  GLU B N   1 
ATOM   898  C CA  . GLU B 2 89 ? -2.737  -0.792  -15.201 1.00 29.64 ? 113  GLU B CA  1 
ATOM   899  C C   . GLU B 2 89 ? -3.682  -0.014  -14.297 1.00 25.75 ? 113  GLU B C   1 
ATOM   900  O O   . GLU B 2 89 ? -4.729  -0.496  -13.912 1.00 26.36 ? 113  GLU B O   1 
ATOM   901  C CB  . GLU B 2 89 ? -3.294  -1.014  -16.632 1.00 34.45 ? 113  GLU B CB  1 
ATOM   902  C CG  . GLU B 2 89 ? -2.235  -1.512  -17.648 1.00 39.65 ? 113  GLU B CG  1 
ATOM   903  C CD  . GLU B 2 89 ? -1.162  -0.463  -18.049 1.00 43.01 ? 113  GLU B CD  1 
ATOM   904  O OE1 . GLU B 2 89 ? -1.317  0.750   -17.777 1.00 50.21 ? 113  GLU B OE1 1 
ATOM   905  O OE2 . GLU B 2 89 ? -0.121  -0.844  -18.653 1.00 56.53 ? 113  GLU B OE2 1 
ATOM   906  N N   . MET B 2 90 ? -3.310  1.197   -13.943 1.00 27.06 ? 114  MET B N   1 
ATOM   907  C CA  . MET B 2 90 ? -4.204  1.959   -13.044 1.00 31.04 ? 114  MET B CA  1 
ATOM   908  C C   . MET B 2 90 ? -5.484  2.432   -13.722 1.00 29.45 ? 114  MET B C   1 
ATOM   909  O O   . MET B 2 90 ? -5.453  3.032   -14.821 1.00 27.80 ? 114  MET B O   1 
ATOM   910  C CB  . MET B 2 90 ? -3.470  3.155   -12.453 1.00 32.54 ? 114  MET B CB  1 
ATOM   911  C CG  . MET B 2 90 ? -4.104  3.626   -11.153 1.00 39.97 ? 114  MET B CG  1 
ATOM   912  S SD  . MET B 2 90 ? -3.194  5.024   -10.438 1.00 49.56 ? 114  MET B SD  1 
ATOM   913  C CE  . MET B 2 90 ? -1.506  4.447   -10.410 1.00 37.33 ? 114  MET B CE  1 
ATOM   914  N N   . LYS B 2 91 ? -6.587  2.180   -13.048 1.00 28.47 ? 115  LYS B N   1 
ATOM   915  C CA  . LYS B 2 91 ? -7.866  2.690   -13.457 1.00 31.18 ? 115  LYS B CA  1 
ATOM   916  C C   . LYS B 2 91 ? -8.413  3.735   -12.448 1.00 27.48 ? 115  LYS B C   1 
ATOM   917  O O   . LYS B 2 91 ? -8.052  3.760   -11.265 1.00 22.14 ? 115  LYS B O   1 
ATOM   918  C CB  . LYS B 2 91 ? -8.858  1.559   -13.607 1.00 36.53 ? 115  LYS B CB  1 
ATOM   919  C CG  . LYS B 2 91 ? -8.875  0.628   -12.426 1.00 44.95 ? 115  LYS B CG  1 
ATOM   920  C CD  . LYS B 2 91 ? -10.283 0.206   -12.097 1.00 55.32 ? 115  LYS B CD  1 
ATOM   921  C CE  . LYS B 2 91 ? -10.862 -0.688  -13.180 1.00 62.42 ? 115  LYS B CE  1 
ATOM   922  N NZ  . LYS B 2 91 ? -12.356 -0.776  -13.057 1.00 69.03 ? 115  LYS B NZ  1 
ATOM   923  N N   . ARG B 2 92 ? -9.299  4.579   -12.955 1.00 24.15 ? 116  ARG B N   1 
ATOM   924  C CA  . ARG B 2 92 ? -9.946  5.624   -12.162 1.00 24.01 ? 116  ARG B CA  1 
ATOM   925  C C   . ARG B 2 92 ? -10.873 5.065   -11.064 1.00 26.62 ? 116  ARG B C   1 
ATOM   926  O O   . ARG B 2 92 ? -11.744 4.198   -11.315 1.00 26.03 ? 116  ARG B O   1 
ATOM   927  C CB  . ARG B 2 92 ? -10.819 6.502   -13.087 1.00 21.67 ? 116  ARG B CB  1 
ATOM   928  C CG  . ARG B 2 92 ? -11.325 7.790   -12.438 1.00 22.22 ? 116  ARG B CG  1 
ATOM   929  C CD  . ARG B 2 92 ? -12.326 8.580   -13.318 1.00 23.14 ? 116  ARG B CD  1 
ATOM   930  N NE  . ARG B 2 92 ? -12.648 9.876   -12.670 1.00 21.36 ? 116  ARG B NE  1 
ATOM   931  C CZ  . ARG B 2 92 ? -12.166 11.060  -13.062 1.00 20.42 ? 116  ARG B CZ  1 
ATOM   932  N NH1 . ARG B 2 92 ? -11.338 11.148  -14.113 1.00 21.36 ? 116  ARG B NH1 1 
ATOM   933  N NH2 . ARG B 2 92 ? -12.494 12.163  -12.410 1.00 18.23 ? 116  ARG B NH2 1 
ATOM   934  N N   . THR B 2 93 ? -10.784 5.649   -9.885  1.00 25.65 ? 117  THR B N   1 
ATOM   935  C CA  . THR B 2 93 ? -11.713 5.306   -8.802  1.00 35.51 ? 117  THR B CA  1 
ATOM   936  C C   . THR B 2 93 ? -13.081 6.080   -8.901  1.00 38.26 ? 117  THR B C   1 
ATOM   937  O O   . THR B 2 93 ? -13.107 7.249   -9.330  1.00 33.78 ? 117  THR B O   1 
ATOM   938  C CB  . THR B 2 93 ? -11.105 5.545   -7.383  1.00 40.21 ? 117  THR B CB  1 
ATOM   939  O OG1 . THR B 2 93 ? -11.610 6.763   -6.835  1.00 45.30 ? 117  THR B OG1 1 
ATOM   940  C CG2 . THR B 2 93 ? -9.548  5.551   -7.343  1.00 38.19 ? 117  THR B CG2 1 
ATOM   941  N N   . ALA B 2 94 ? -14.185 5.411   -8.489  1.00 38.90 ? 118  ALA B N   1 
ATOM   942  C CA  . ALA B 2 94 ? -15.534 5.994   -8.430  1.00 42.03 ? 118  ALA B CA  1 
ATOM   943  C C   . ALA B 2 94 ? -15.718 6.625   -7.030  1.00 45.35 ? 118  ALA B C   1 
ATOM   944  O O   . ALA B 2 94 ? -14.737 6.786   -6.305  1.00 42.33 ? 118  ALA B O   1 
ATOM   945  C CB  . ALA B 2 94 ? -16.596 4.923   -8.696  1.00 42.38 ? 118  ALA B CB  1 
ATOM   946  N N   . LYS B 2 95 ? -16.949 6.981   -6.651  1.00 51.44 ? 119  LYS B N   1 
ATOM   947  C CA  . LYS B 2 95 ? -17.188 7.722   -5.397  1.00 56.12 ? 119  LYS B CA  1 
ATOM   948  C C   . LYS B 2 95 ? -17.104 6.816   -4.162  1.00 55.33 ? 119  LYS B C   1 
ATOM   949  O O   . LYS B 2 95 ? -16.537 7.211   -3.133  1.00 50.28 ? 119  LYS B O   1 
ATOM   950  C CB  . LYS B 2 95 ? -18.539 8.460   -5.441  1.00 60.25 ? 119  LYS B CB  1 
ATOM   951  C CG  . LYS B 2 95 ? -18.407 9.919   -5.856  1.00 62.68 ? 119  LYS B CG  1 
ATOM   952  C CD  . LYS B 2 95 ? -19.626 10.754  -5.472  1.00 67.25 ? 119  LYS B CD  1 
ATOM   953  C CE  . LYS B 2 95 ? -20.850 10.454  -6.333  1.00 70.40 ? 119  LYS B CE  1 
ATOM   954  N NZ  . LYS B 2 95 ? -21.622 9.261   -5.884  1.00 73.58 ? 119  LYS B NZ  1 
HETATM 955  C C1  . PEG C 3 .  ? 3.313   -19.144 -6.696  1.00 34.38 ? 1121 PEG B C1  1 
HETATM 956  O O1  . PEG C 3 .  ? 2.085   -19.493 -7.360  1.00 35.02 ? 1121 PEG B O1  1 
HETATM 957  C C2  . PEG C 3 .  ? 4.189   -20.284 -6.211  1.00 34.94 ? 1121 PEG B C2  1 
HETATM 958  O O2  . PEG C 3 .  ? 4.717   -20.105 -4.898  1.00 27.42 ? 1121 PEG B O2  1 
HETATM 959  C C3  . PEG C 3 .  ? 3.807   -19.950 -3.834  1.00 34.03 ? 1121 PEG B C3  1 
HETATM 960  C C4  . PEG C 3 .  ? 4.469   -20.283 -2.497  1.00 38.32 ? 1121 PEG B C4  1 
HETATM 961  O O4  . PEG C 3 .  ? 3.769   -19.538 -1.508  1.00 44.92 ? 1121 PEG B O4  1 
HETATM 962  S S   . SCN D 4 .  ? -7.523  -6.612  1.756   1.00 21.42 ? 1122 SCN B S   1 
HETATM 963  C C   . SCN D 4 .  ? -7.600  -6.946  3.221   1.00 18.86 ? 1122 SCN B C   1 
HETATM 964  N N   . SCN D 4 .  ? -7.645  -7.203  4.345   1.00 17.35 ? 1122 SCN B N   1 
HETATM 965  S S   . SCN E 4 .  ? 0.426   -18.475 -3.329  1.00 76.62 ? 1123 SCN B S   1 
HETATM 966  C C   . SCN E 4 .  ? 0.492   -18.350 -4.796  1.00 56.79 ? 1123 SCN B C   1 
HETATM 967  N N   . SCN E 4 .  ? 0.528   -18.239 -5.927  1.00 58.67 ? 1123 SCN B N   1 
HETATM 968  O O   . HOH F 5 .  ? -8.746  16.618  17.953  1.00 33.01 ? 2001 HOH A O   1 
HETATM 969  O O   . HOH F 5 .  ? -13.005 15.292  25.720  1.00 38.41 ? 2002 HOH A O   1 
HETATM 970  O O   . HOH F 5 .  ? -19.088 10.635  14.275  1.00 41.83 ? 2003 HOH A O   1 
HETATM 971  O O   . HOH F 5 .  ? -17.845 14.991  17.531  1.00 29.48 ? 2004 HOH A O   1 
HETATM 972  O O   . HOH F 5 .  ? -21.026 9.055   13.477  1.00 37.94 ? 2005 HOH A O   1 
HETATM 973  O O   . HOH F 5 .  ? -10.911 13.246  25.646  1.00 31.06 ? 2006 HOH A O   1 
HETATM 974  O O   . HOH F 5 .  ? -4.800  13.673  25.091  1.00 26.10 ? 2007 HOH A O   1 
HETATM 975  O O   . HOH F 5 .  ? -6.846  11.650  25.636  1.00 29.84 ? 2008 HOH A O   1 
HETATM 976  O O   . HOH F 5 .  ? -3.512  13.277  22.398  1.00 36.97 ? 2009 HOH A O   1 
HETATM 977  O O   . HOH F 5 .  ? -4.639  15.980  20.062  1.00 43.55 ? 2010 HOH A O   1 
HETATM 978  O O   . HOH F 5 .  ? -15.471 15.996  16.357  1.00 41.39 ? 2011 HOH A O   1 
HETATM 979  O O   . HOH F 5 .  ? 1.911   -13.202 -12.957 1.00 36.67 ? 2012 HOH A O   1 
HETATM 980  O O   . HOH F 5 .  ? 8.105   -14.727 -12.901 1.00 44.74 ? 2013 HOH A O   1 
HETATM 981  O O   . HOH F 5 .  ? 9.345   -15.874 -8.533  1.00 27.99 ? 2014 HOH A O   1 
HETATM 982  O O   . HOH F 5 .  ? 23.961  -10.314 -0.458  1.00 47.33 ? 2015 HOH A O   1 
HETATM 983  O O   . HOH F 5 .  ? -0.060  4.344   14.688  1.00 24.14 ? 2016 HOH A O   1 
HETATM 984  O O   . HOH F 5 .  ? -8.632  -3.362  1.908   1.00 29.69 ? 2017 HOH A O   1 
HETATM 985  O O   . HOH F 5 .  ? -11.435 0.148   -0.833  1.00 38.75 ? 2018 HOH A O   1 
HETATM 986  O O   . HOH F 5 .  ? -8.151  -2.666  -8.353  1.00 31.06 ? 2019 HOH A O   1 
HETATM 987  O O   . HOH F 5 .  ? -12.820 -6.149  -3.592  1.00 53.20 ? 2020 HOH A O   1 
HETATM 988  O O   . HOH F 5 .  ? -12.704 -4.194  -5.767  1.00 48.06 ? 2021 HOH A O   1 
HETATM 989  O O   . HOH F 5 .  ? -10.338 -6.574  -1.428  1.00 37.44 ? 2022 HOH A O   1 
HETATM 990  O O   . HOH F 5 .  ? -10.088 -8.714  -3.200  1.00 37.75 ? 2023 HOH A O   1 
HETATM 991  O O   . HOH F 5 .  ? 2.360   -10.838 -12.107 1.00 37.15 ? 2024 HOH A O   1 
HETATM 992  O O   . HOH F 5 .  ? 9.300   -12.248 -11.684 1.00 29.89 ? 2025 HOH A O   1 
HETATM 993  O O   . HOH F 5 .  ? 6.407   -10.643 -13.749 1.00 29.04 ? 2026 HOH A O   1 
HETATM 994  O O   . HOH F 5 .  ? 10.506  -13.105 -9.452  1.00 23.05 ? 2027 HOH A O   1 
HETATM 995  O O   . HOH F 5 .  ? 13.150  -10.260 -9.158  1.00 47.07 ? 2028 HOH A O   1 
HETATM 996  O O   . HOH F 5 .  ? 16.440  -13.831 -5.062  1.00 37.28 ? 2029 HOH A O   1 
HETATM 997  O O   . HOH F 5 .  ? 13.766  -15.646 -4.566  1.00 32.95 ? 2030 HOH A O   1 
HETATM 998  O O   . HOH F 5 .  ? 22.293  -12.389 -1.101  1.00 46.28 ? 2031 HOH A O   1 
HETATM 999  O O   . HOH F 5 .  ? 18.981  -15.417 0.759   1.00 38.19 ? 2032 HOH A O   1 
HETATM 1000 O O   . HOH F 5 .  ? 15.238  -18.255 -4.384  1.00 47.54 ? 2033 HOH A O   1 
HETATM 1001 O O   . HOH F 5 .  ? 17.393  -6.179  -1.832  1.00 51.22 ? 2034 HOH A O   1 
HETATM 1002 O O   . HOH G 5 .  ? 1.960   2.730   -16.157 1.00 30.22 ? 2001 HOH B O   1 
HETATM 1003 O O   . HOH G 5 .  ? 17.985  7.672   1.690   1.00 35.94 ? 2002 HOH B O   1 
HETATM 1004 O O   . HOH G 5 .  ? 1.865   1.655   9.321   1.00 39.70 ? 2003 HOH B O   1 
HETATM 1005 O O   . HOH G 5 .  ? 3.602   0.712   11.601  1.00 31.94 ? 2004 HOH B O   1 
HETATM 1006 O O   . HOH G 5 .  ? 6.067   0.031   11.082  1.00 32.06 ? 2005 HOH B O   1 
HETATM 1007 O O   . HOH G 5 .  ? -9.136  -16.990 -4.558  1.00 32.71 ? 2006 HOH B O   1 
HETATM 1008 O O   . HOH G 5 .  ? 3.947   -9.869  10.862  1.00 25.15 ? 2007 HOH B O   1 
HETATM 1009 O O   . HOH G 5 .  ? 1.690   -8.278  13.979  0.25 41.27 ? 2008 HOH B O   1 
HETATM 1010 O O   . HOH G 5 .  ? 12.719  -2.294  -8.597  1.00 47.38 ? 2009 HOH B O   1 
HETATM 1011 O O   . HOH G 5 .  ? 8.319   -16.902 -11.037 0.50 32.50 ? 2010 HOH B O   1 
HETATM 1012 O O   . HOH G 5 .  ? 2.913   3.500   -13.764 1.00 23.98 ? 2011 HOH B O   1 
HETATM 1013 O O   . HOH G 5 .  ? -7.847  15.686  5.603   1.00 33.25 ? 2012 HOH B O   1 
HETATM 1014 O O   . HOH G 5 .  ? 10.592  8.831   -3.946  1.00 34.48 ? 2013 HOH B O   1 
HETATM 1015 O O   . HOH G 5 .  ? 11.507  7.200   -7.232  1.00 33.70 ? 2014 HOH B O   1 
HETATM 1016 O O   . HOH G 5 .  ? 5.639   8.985   -3.085  1.00 23.91 ? 2015 HOH B O   1 
HETATM 1017 O O   . HOH G 5 .  ? 0.406   8.602   -9.790  1.00 25.78 ? 2016 HOH B O   1 
HETATM 1018 O O   . HOH G 5 .  ? 4.803   6.930   -15.736 1.00 29.44 ? 2017 HOH B O   1 
HETATM 1019 O O   . HOH G 5 .  ? -5.950  6.819   -8.392  1.00 31.72 ? 2018 HOH B O   1 
HETATM 1020 O O   . HOH G 5 .  ? -1.299  11.561  -3.516  1.00 31.53 ? 2019 HOH B O   1 
HETATM 1021 O O   . HOH G 5 .  ? -4.575  9.880   -5.617  1.00 33.75 ? 2020 HOH B O   1 
HETATM 1022 O O   . HOH G 5 .  ? 8.321   9.024   -2.012  1.00 26.89 ? 2021 HOH B O   1 
HETATM 1023 O O   . HOH G 5 .  ? 12.939  8.923   2.718   1.00 41.64 ? 2022 HOH B O   1 
HETATM 1024 O O   . HOH G 5 .  ? 10.399  9.732   1.719   1.00 23.67 ? 2023 HOH B O   1 
HETATM 1025 O O   . HOH G 5 .  ? 13.861  7.186   -5.183  1.00 45.41 ? 2024 HOH B O   1 
HETATM 1026 O O   . HOH G 5 .  ? 14.663  2.861   -0.849  0.50 22.18 ? 2025 HOH B O   1 
HETATM 1027 O O   . HOH G 5 .  ? 13.182  2.630   0.342   0.50 23.92 ? 2026 HOH B O   1 
HETATM 1028 O O   . HOH G 5 .  ? 16.066  6.069   0.436   1.00 29.83 ? 2027 HOH B O   1 
HETATM 1029 O O   . HOH G 5 .  ? 15.889  2.531   2.894   1.00 30.32 ? 2028 HOH B O   1 
HETATM 1030 O O   . HOH G 5 .  ? 2.912   6.405   7.723   1.00 13.18 ? 2029 HOH B O   1 
HETATM 1031 O O   . HOH G 5 .  ? 2.441   3.478   7.566   1.00 16.17 ? 2030 HOH B O   1 
HETATM 1032 O O   . HOH G 5 .  ? 1.506   -2.022  11.196  1.00 45.64 ? 2031 HOH B O   1 
HETATM 1033 O O   . HOH G 5 .  ? 3.205   -0.841  8.984   1.00 22.03 ? 2032 HOH B O   1 
HETATM 1034 O O   . HOH G 5 .  ? 0.151   0.131   10.322  1.00 20.50 ? 2033 HOH B O   1 
HETATM 1035 O O   . HOH G 5 .  ? -2.369  -2.946  9.847   1.00 19.50 ? 2034 HOH B O   1 
HETATM 1036 O O   . HOH G 5 .  ? -1.537  -5.577  9.029   1.00 17.29 ? 2035 HOH B O   1 
HETATM 1037 O O   . HOH G 5 .  ? -7.665  -16.954 -2.039  1.00 17.79 ? 2036 HOH B O   1 
HETATM 1038 O O   . HOH G 5 .  ? 3.743   -17.043 -0.057  1.00 34.81 ? 2037 HOH B O   1 
HETATM 1039 O O   . HOH G 5 .  ? 0.969   -19.008 -0.882  1.00 36.42 ? 2038 HOH B O   1 
HETATM 1040 O O   . HOH G 5 .  ? 2.490   -16.858 -2.299  1.00 25.28 ? 2039 HOH B O   1 
HETATM 1041 O O   . HOH G 5 .  ? 1.235   -11.322 2.408   1.00 65.92 ? 2040 HOH B O   1 
HETATM 1042 O O   . HOH G 5 .  ? -0.089  -13.736 7.981   1.00 17.31 ? 2041 HOH B O   1 
HETATM 1043 O O   . HOH G 5 .  ? 1.382   -8.985  10.457  1.00 34.99 ? 2042 HOH B O   1 
HETATM 1044 O O   . HOH G 5 .  ? -3.058  -7.928  10.028  1.00 16.00 ? 2043 HOH B O   1 
HETATM 1045 O O   . HOH G 5 .  ? 1.005   -6.606  9.621   1.00 27.11 ? 2044 HOH B O   1 
HETATM 1046 O O   . HOH G 5 .  ? 6.105   -1.683  9.045   1.00 17.78 ? 2045 HOH B O   1 
HETATM 1047 O O   . HOH G 5 .  ? 16.140  -0.021  1.803   1.00 29.63 ? 2046 HOH B O   1 
HETATM 1048 O O   . HOH G 5 .  ? 13.593  -0.533  -6.462  1.00 43.96 ? 2047 HOH B O   1 
HETATM 1049 O O   . HOH G 5 .  ? 13.668  3.869   -8.781  1.00 41.34 ? 2048 HOH B O   1 
HETATM 1050 O O   . HOH G 5 .  ? 12.757  -0.361  -10.764 1.00 28.85 ? 2049 HOH B O   1 
HETATM 1051 O O   . HOH G 5 .  ? 11.520  6.633   -11.892 1.00 41.18 ? 2050 HOH B O   1 
HETATM 1052 O O   . HOH G 5 .  ? 9.203   11.735  -6.259  1.00 53.76 ? 2051 HOH B O   1 
HETATM 1053 O O   . HOH G 5 .  ? 7.859   12.403  -13.444 0.50 39.68 ? 2052 HOH B O   1 
HETATM 1054 O O   . HOH G 5 .  ? 3.509   1.152   -17.629 1.00 36.25 ? 2053 HOH B O   1 
HETATM 1055 O O   . HOH G 5 .  ? 8.598   -3.188  -15.908 1.00 40.09 ? 2054 HOH B O   1 
HETATM 1056 O O   . HOH G 5 .  ? 12.658  -5.518  -9.678  1.00 47.55 ? 2055 HOH B O   1 
HETATM 1057 O O   . HOH G 5 .  ? 14.728  -2.656  -5.456  1.00 40.97 ? 2056 HOH B O   1 
HETATM 1058 O O   . HOH G 5 .  ? 16.634  -1.825  -2.128  1.00 46.74 ? 2057 HOH B O   1 
HETATM 1059 O O   . HOH G 5 .  ? 8.979   -12.716 5.942   1.00 15.15 ? 2058 HOH B O   1 
HETATM 1060 O O   . HOH G 5 .  ? 7.320   -16.291 -7.003  1.00 15.05 ? 2059 HOH B O   1 
HETATM 1061 O O   . HOH G 5 .  ? 3.772   -17.798 -9.099  1.00 31.73 ? 2060 HOH B O   1 
HETATM 1062 O O   . HOH G 5 .  ? 0.305   -16.273 -7.630  1.00 26.27 ? 2061 HOH B O   1 
HETATM 1063 O O   . HOH G 5 .  ? -2.615  -13.101 -10.811 1.00 37.22 ? 2062 HOH B O   1 
HETATM 1064 O O   . HOH G 5 .  ? 0.427   5.284   12.039  1.00 36.90 ? 2063 HOH B O   1 
HETATM 1065 O O   . HOH G 5 .  ? 2.126   7.468   11.831  1.00 19.36 ? 2064 HOH B O   1 
HETATM 1066 O O   . HOH G 5 .  ? -12.965 15.771  17.739  1.00 42.14 ? 2065 HOH B O   1 
HETATM 1067 O O   . HOH G 5 .  ? -11.995 17.615  10.489  1.00 37.41 ? 2066 HOH B O   1 
HETATM 1068 O O   . HOH G 5 .  ? -9.127  15.964  7.805   1.00 36.39 ? 2067 HOH B O   1 
HETATM 1069 O O   . HOH G 5 .  ? -15.562 9.972   11.022  1.00 41.14 ? 2068 HOH B O   1 
HETATM 1070 O O   . HOH G 5 .  ? -17.284 11.765  13.148  1.00 27.09 ? 2069 HOH B O   1 
HETATM 1071 O O   . HOH G 5 .  ? -7.569  13.835  3.637   1.00 19.58 ? 2070 HOH B O   1 
HETATM 1072 O O   . HOH G 5 .  ? -9.853  10.390  -3.456  1.00 35.61 ? 2071 HOH B O   1 
HETATM 1073 O O   . HOH G 5 .  ? -11.129 7.886   -0.078  1.00 29.86 ? 2072 HOH B O   1 
HETATM 1074 O O   . HOH G 5 .  ? -2.428  12.770  -1.030  1.00 26.23 ? 2073 HOH B O   1 
HETATM 1075 O O   . HOH G 5 .  ? -3.628  12.339  -4.330  1.00 36.36 ? 2074 HOH B O   1 
HETATM 1076 O O   . HOH G 5 .  ? -8.392  8.240   -4.159  1.00 40.59 ? 2075 HOH B O   1 
HETATM 1077 O O   . HOH G 5 .  ? -6.786  4.725   -9.271  1.00 43.79 ? 2076 HOH B O   1 
HETATM 1078 O O   . HOH G 5 .  ? -10.744 -3.274  -14.418 1.00 50.55 ? 2077 HOH B O   1 
HETATM 1079 O O   . HOH G 5 .  ? -3.473  -5.994  -11.386 1.00 33.84 ? 2078 HOH B O   1 
HETATM 1080 O O   . HOH G 5 .  ? -3.159  -5.009  -18.960 1.00 41.97 ? 2079 HOH B O   1 
HETATM 1081 O O   . HOH G 5 .  ? -0.921  1.700   -14.464 1.00 42.20 ? 2080 HOH B O   1 
HETATM 1082 O O   . HOH G 5 .  ? -0.633  -3.412  -20.345 1.00 44.16 ? 2081 HOH B O   1 
HETATM 1083 O O   . HOH G 5 .  ? -3.300  3.451   -16.109 1.00 35.60 ? 2082 HOH B O   1 
HETATM 1084 O O   . HOH G 5 .  ? -12.081 1.582   -10.207 1.00 44.29 ? 2083 HOH B O   1 
HETATM 1085 O O   . HOH G 5 .  ? -9.075  9.207   -14.804 1.00 20.34 ? 2084 HOH B O   1 
HETATM 1086 O O   . HOH G 5 .  ? -8.775  7.527   -9.448  1.00 37.14 ? 2085 HOH B O   1 
HETATM 1087 O O   . HOH G 5 .  ? -14.046 2.662   -7.502  1.00 31.36 ? 2086 HOH B O   1 
HETATM 1088 O O   . HOH G 5 .  ? -18.279 6.641   -1.479  1.00 39.02 ? 2087 HOH B O   1 
HETATM 1089 O O   . HOH G 5 .  ? -16.257 10.854  -3.326  1.00 38.99 ? 2088 HOH B O   1 
# 
